data_2O4A
# 
_entry.id   2O4A 
# 
_audit_conform.dict_name       mmcif_pdbx.dic 
_audit_conform.dict_version    5.380 
_audit_conform.dict_location   http://mmcif.pdb.org/dictionaries/ascii/mmcif_pdbx.dic 
# 
loop_
_database_2.database_id 
_database_2.database_code 
_database_2.pdbx_database_accession 
_database_2.pdbx_DOI 
PDB   2O4A         pdb_00002o4a 10.2210/pdb2o4a/pdb 
NDB   PD0947       ?            ?                   
RCSB  RCSB040668   ?            ?                   
WWPDB D_1000040668 ?            ?                   
# 
loop_
_pdbx_database_related.db_name 
_pdbx_database_related.db_id 
_pdbx_database_related.details 
_pdbx_database_related.content_type 
PDB 1YSE 'NMR solution structure of essentially the same protein domain in a free state' unspecified 
PDB 2O49 .                                                                               unspecified 
# 
_pdbx_database_status.status_code                     REL 
_pdbx_database_status.entry_id                        2O4A 
_pdbx_database_status.recvd_initial_deposition_date   2006-12-04 
_pdbx_database_status.deposit_site                    RCSB 
_pdbx_database_status.process_site                    PDBJ 
_pdbx_database_status.status_code_sf                  REL 
_pdbx_database_status.status_code_mr                  ? 
_pdbx_database_status.SG_entry                        ? 
_pdbx_database_status.pdb_format_compatible           Y 
_pdbx_database_status.status_code_cs                  ? 
_pdbx_database_status.status_code_nmr_data            ? 
_pdbx_database_status.methods_development_category    ? 
# 
loop_
_audit_author.name 
_audit_author.pdbx_ordinal 
'Yamasaki, K.' 1 
'Akiba, T.'    2 
'Harata, K.'   3 
# 
_citation.id                        primary 
_citation.title                     
'Structural basis for recognition of the matrix attachment region of DNA by transcription factor SATB1.' 
_citation.journal_abbrev            'Nucleic Acids Res.' 
_citation.journal_volume            35 
_citation.page_first                5073 
_citation.page_last                 5084 
_citation.year                      2007 
_citation.journal_id_ASTM           NARHAD 
_citation.country                   UK 
_citation.journal_id_ISSN           0305-1048 
_citation.journal_id_CSD            0389 
_citation.book_publisher            ? 
_citation.pdbx_database_id_PubMed   17652321 
_citation.pdbx_database_id_DOI      10.1093/nar/gkm504 
# 
loop_
_citation_author.citation_id 
_citation_author.name 
_citation_author.ordinal 
_citation_author.identifier_ORCID 
primary 'Yamasaki, K.' 1 ? 
primary 'Akiba, T.'    2 ? 
primary 'Yamasaki, T.' 3 ? 
primary 'Harata, K.'   4 ? 
# 
_cell.entry_id           2O4A 
_cell.length_a           32.659 
_cell.length_b           38.318 
_cell.length_c           40.709 
_cell.angle_alpha        71.34 
_cell.angle_beta         82.50 
_cell.angle_gamma        66.63 
_cell.Z_PDB              1 
_cell.pdbx_unique_axis   ? 
_cell.length_a_esd       ? 
_cell.length_b_esd       ? 
_cell.length_c_esd       ? 
_cell.angle_alpha_esd    ? 
_cell.angle_beta_esd     ? 
_cell.angle_gamma_esd    ? 
# 
_symmetry.entry_id                         2O4A 
_symmetry.space_group_name_H-M             'P 1' 
_symmetry.pdbx_full_space_group_name_H-M   ? 
_symmetry.cell_setting                     ? 
_symmetry.Int_Tables_number                1 
_symmetry.space_group_name_Hall            ? 
# 
loop_
_entity.id 
_entity.type 
_entity.src_method 
_entity.pdbx_description 
_entity.formula_weight 
_entity.pdbx_number_of_molecules 
_entity.pdbx_ec 
_entity.pdbx_mutation 
_entity.pdbx_fragment 
_entity.details 
1 polymer syn 
;DNA (5'-D(*DGP*DCP*DTP*DAP*DAP*DTP*DAP*DTP*DAP*DTP*DGP*DC)-3')
;
3661.416  1   ? ? ?                                          ? 
2 polymer syn 
;DNA (5'-D(*DGP*DCP*DAP*DTP*DAP*DTP*DAP*DTP*DTP*DAP*DGP*DC)-3')
;
3661.416  1   ? ? ?                                          ? 
3 polymer man 'DNA-binding protein SATB1'                                      10952.381 1   ? ? 
'N-terminal CUT domain (residues 368-452)' ? 
4 water   nat water                                                            18.015    108 ? ? ? ? 
# 
_entity_name_com.entity_id   3 
_entity_name_com.name        'Special AT-rich sequence-binding protein 1' 
# 
loop_
_entity_poly.entity_id 
_entity_poly.type 
_entity_poly.nstd_linkage 
_entity_poly.nstd_monomer 
_entity_poly.pdbx_seq_one_letter_code 
_entity_poly.pdbx_seq_one_letter_code_can 
_entity_poly.pdbx_strand_id 
_entity_poly.pdbx_target_identifier 
1 polydeoxyribonucleotide no no '(DG)(DC)(DT)(DA)(DA)(DT)(DA)(DT)(DA)(DT)(DG)(DC)'                                               
GCTAATATATGC                                                                                     B ? 
2 polydeoxyribonucleotide no no '(DG)(DC)(DA)(DT)(DA)(DT)(DA)(DT)(DT)(DA)(DG)(DC)'                                               
GCATATATTAGC                                                                                     C ? 
3 'polypeptide(L)'        no no 
;GSHMNTEVSSEIYQWVRDELKRAGISQAVFARVAFNRTQGLLSEILRKEEDPKTASQSLLVNLRAMQNFLQLPEAERDRI
YQDERERSLRKRK
;
;GSHMNTEVSSEIYQWVRDELKRAGISQAVFARVAFNRTQGLLSEILRKEEDPKTASQSLLVNLRAMQNFLQLPEAERDRI
YQDERERSLRKRK
;
A ? 
# 
loop_
_entity_poly_seq.entity_id 
_entity_poly_seq.num 
_entity_poly_seq.mon_id 
_entity_poly_seq.hetero 
1 1  DG  n 
1 2  DC  n 
1 3  DT  n 
1 4  DA  n 
1 5  DA  n 
1 6  DT  n 
1 7  DA  n 
1 8  DT  n 
1 9  DA  n 
1 10 DT  n 
1 11 DG  n 
1 12 DC  n 
2 1  DG  n 
2 2  DC  n 
2 3  DA  n 
2 4  DT  n 
2 5  DA  n 
2 6  DT  n 
2 7  DA  n 
2 8  DT  n 
2 9  DT  n 
2 10 DA  n 
2 11 DG  n 
2 12 DC  n 
3 1  GLY n 
3 2  SER n 
3 3  HIS n 
3 4  MET n 
3 5  ASN n 
3 6  THR n 
3 7  GLU n 
3 8  VAL n 
3 9  SER n 
3 10 SER n 
3 11 GLU n 
3 12 ILE n 
3 13 TYR n 
3 14 GLN n 
3 15 TRP n 
3 16 VAL n 
3 17 ARG n 
3 18 ASP n 
3 19 GLU n 
3 20 LEU n 
3 21 LYS n 
3 22 ARG n 
3 23 ALA n 
3 24 GLY n 
3 25 ILE n 
3 26 SER n 
3 27 GLN n 
3 28 ALA n 
3 29 VAL n 
3 30 PHE n 
3 31 ALA n 
3 32 ARG n 
3 33 VAL n 
3 34 ALA n 
3 35 PHE n 
3 36 ASN n 
3 37 ARG n 
3 38 THR n 
3 39 GLN n 
3 40 GLY n 
3 41 LEU n 
3 42 LEU n 
3 43 SER n 
3 44 GLU n 
3 45 ILE n 
3 46 LEU n 
3 47 ARG n 
3 48 LYS n 
3 49 GLU n 
3 50 GLU n 
3 51 ASP n 
3 52 PRO n 
3 53 LYS n 
3 54 THR n 
3 55 ALA n 
3 56 SER n 
3 57 GLN n 
3 58 SER n 
3 59 LEU n 
3 60 LEU n 
3 61 VAL n 
3 62 ASN n 
3 63 LEU n 
3 64 ARG n 
3 65 ALA n 
3 66 MET n 
3 67 GLN n 
3 68 ASN n 
3 69 PHE n 
3 70 LEU n 
3 71 GLN n 
3 72 LEU n 
3 73 PRO n 
3 74 GLU n 
3 75 ALA n 
3 76 GLU n 
3 77 ARG n 
3 78 ASP n 
3 79 ARG n 
3 80 ILE n 
3 81 TYR n 
3 82 GLN n 
3 83 ASP n 
3 84 GLU n 
3 85 ARG n 
3 86 GLU n 
3 87 ARG n 
3 88 SER n 
3 89 LEU n 
3 90 ARG n 
3 91 LYS n 
3 92 ARG n 
3 93 LYS n 
# 
_entity_src_gen.entity_id                          3 
_entity_src_gen.pdbx_src_id                        1 
_entity_src_gen.pdbx_alt_source_flag               sample 
_entity_src_gen.pdbx_seq_type                      ? 
_entity_src_gen.pdbx_beg_seq_num                   ? 
_entity_src_gen.pdbx_end_seq_num                   ? 
_entity_src_gen.gene_src_common_name               human 
_entity_src_gen.gene_src_genus                     Homo 
_entity_src_gen.pdbx_gene_src_gene                 ? 
_entity_src_gen.gene_src_species                   ? 
_entity_src_gen.gene_src_strain                    ? 
_entity_src_gen.gene_src_tissue                    ? 
_entity_src_gen.gene_src_tissue_fraction           ? 
_entity_src_gen.gene_src_details                   ? 
_entity_src_gen.pdbx_gene_src_fragment             ? 
_entity_src_gen.pdbx_gene_src_scientific_name      'Homo sapiens' 
_entity_src_gen.pdbx_gene_src_ncbi_taxonomy_id     9606 
_entity_src_gen.pdbx_gene_src_variant              ? 
_entity_src_gen.pdbx_gene_src_cell_line            ? 
_entity_src_gen.pdbx_gene_src_atcc                 ? 
_entity_src_gen.pdbx_gene_src_organ                ? 
_entity_src_gen.pdbx_gene_src_organelle            ? 
_entity_src_gen.pdbx_gene_src_cell                 ? 
_entity_src_gen.pdbx_gene_src_cellular_location    ? 
_entity_src_gen.host_org_common_name               ? 
_entity_src_gen.pdbx_host_org_scientific_name      'Escherichia coli BL21(DE3)' 
_entity_src_gen.pdbx_host_org_ncbi_taxonomy_id     469008 
_entity_src_gen.host_org_genus                     Escherichia 
_entity_src_gen.pdbx_host_org_gene                 ? 
_entity_src_gen.pdbx_host_org_organ                ? 
_entity_src_gen.host_org_species                   'Escherichia coli' 
_entity_src_gen.pdbx_host_org_tissue               ? 
_entity_src_gen.pdbx_host_org_tissue_fraction      ? 
_entity_src_gen.pdbx_host_org_strain               'BL21(DE3)' 
_entity_src_gen.pdbx_host_org_variant              ? 
_entity_src_gen.pdbx_host_org_cell_line            ? 
_entity_src_gen.pdbx_host_org_atcc                 ? 
_entity_src_gen.pdbx_host_org_culture_collection   ? 
_entity_src_gen.pdbx_host_org_cell                 ? 
_entity_src_gen.pdbx_host_org_organelle            ? 
_entity_src_gen.pdbx_host_org_cellular_location    ? 
_entity_src_gen.pdbx_host_org_vector_type          plasmid 
_entity_src_gen.pdbx_host_org_vector               ? 
_entity_src_gen.host_org_details                   ? 
_entity_src_gen.expression_system_id               ? 
_entity_src_gen.plasmid_name                       pET15b 
_entity_src_gen.plasmid_details                    ? 
_entity_src_gen.pdbx_description                   ? 
# 
loop_
_struct_ref.id 
_struct_ref.db_name 
_struct_ref.db_code 
_struct_ref.pdbx_db_accession 
_struct_ref.entity_id 
_struct_ref.pdbx_seq_one_letter_code 
_struct_ref.pdbx_align_begin 
_struct_ref.pdbx_db_isoform 
1 UNP SATB1_HUMAN Q01826 3 
;NTEVSSEIYQWVRDELKRAGISQAVFARVAFNRTQGLLSEILRKEEDPKTASQSLLVNLRAMQNFLQLPEAERDRIYQDE
RERSL
;
368 ? 
2 PDB 2O4A        2O4A   1 ?                                                                                        ?   ? 
3 PDB 2O4A        2O4A   2 ?                                                                                        ?   ? 
# 
loop_
_struct_ref_seq.align_id 
_struct_ref_seq.ref_id 
_struct_ref_seq.pdbx_PDB_id_code 
_struct_ref_seq.pdbx_strand_id 
_struct_ref_seq.seq_align_beg 
_struct_ref_seq.pdbx_seq_align_beg_ins_code 
_struct_ref_seq.seq_align_end 
_struct_ref_seq.pdbx_seq_align_end_ins_code 
_struct_ref_seq.pdbx_db_accession 
_struct_ref_seq.db_align_beg 
_struct_ref_seq.pdbx_db_align_beg_ins_code 
_struct_ref_seq.db_align_end 
_struct_ref_seq.pdbx_db_align_end_ins_code 
_struct_ref_seq.pdbx_auth_seq_align_beg 
_struct_ref_seq.pdbx_auth_seq_align_end 
1 1 2O4A A 5 ? 89 ? Q01826 368 ? 452 ? 368 452 
2 2 2O4A B 1 ? 12 ? 2O4A   1   ? 12  ? 1   12  
3 3 2O4A C 1 ? 12 ? 2O4A   1   ? 12  ? 1   12  
# 
loop_
_struct_ref_seq_dif.align_id 
_struct_ref_seq_dif.pdbx_pdb_id_code 
_struct_ref_seq_dif.mon_id 
_struct_ref_seq_dif.pdbx_pdb_strand_id 
_struct_ref_seq_dif.seq_num 
_struct_ref_seq_dif.pdbx_pdb_ins_code 
_struct_ref_seq_dif.pdbx_seq_db_name 
_struct_ref_seq_dif.pdbx_seq_db_accession_code 
_struct_ref_seq_dif.db_mon_id 
_struct_ref_seq_dif.pdbx_seq_db_seq_num 
_struct_ref_seq_dif.details 
_struct_ref_seq_dif.pdbx_auth_seq_num 
_struct_ref_seq_dif.pdbx_ordinal 
1 2O4A GLY A 1  ? UNP Q01826 ? ? 'cloning artifact' 364 1 
1 2O4A SER A 2  ? UNP Q01826 ? ? 'cloning artifact' 365 2 
1 2O4A HIS A 3  ? UNP Q01826 ? ? 'cloning artifact' 366 3 
1 2O4A MET A 4  ? UNP Q01826 ? ? 'cloning artifact' 367 4 
1 2O4A ARG A 90 ? UNP Q01826 ? ? 'cloning artifact' 453 5 
1 2O4A LYS A 91 ? UNP Q01826 ? ? 'cloning artifact' 454 6 
1 2O4A ARG A 92 ? UNP Q01826 ? ? 'cloning artifact' 455 7 
1 2O4A LYS A 93 ? UNP Q01826 ? ? 'cloning artifact' 456 8 
# 
loop_
_chem_comp.id 
_chem_comp.type 
_chem_comp.mon_nstd_flag 
_chem_comp.name 
_chem_comp.pdbx_synonyms 
_chem_comp.formula 
_chem_comp.formula_weight 
ALA 'L-peptide linking' y ALANINE                              ? 'C3 H7 N O2'      89.093  
ARG 'L-peptide linking' y ARGININE                             ? 'C6 H15 N4 O2 1'  175.209 
ASN 'L-peptide linking' y ASPARAGINE                           ? 'C4 H8 N2 O3'     132.118 
ASP 'L-peptide linking' y 'ASPARTIC ACID'                      ? 'C4 H7 N O4'      133.103 
DA  'DNA linking'       y "2'-DEOXYADENOSINE-5'-MONOPHOSPHATE" ? 'C10 H14 N5 O6 P' 331.222 
DC  'DNA linking'       y "2'-DEOXYCYTIDINE-5'-MONOPHOSPHATE"  ? 'C9 H14 N3 O7 P'  307.197 
DG  'DNA linking'       y "2'-DEOXYGUANOSINE-5'-MONOPHOSPHATE" ? 'C10 H14 N5 O7 P' 347.221 
DT  'DNA linking'       y "THYMIDINE-5'-MONOPHOSPHATE"         ? 'C10 H15 N2 O8 P' 322.208 
GLN 'L-peptide linking' y GLUTAMINE                            ? 'C5 H10 N2 O3'    146.144 
GLU 'L-peptide linking' y 'GLUTAMIC ACID'                      ? 'C5 H9 N O4'      147.129 
GLY 'peptide linking'   y GLYCINE                              ? 'C2 H5 N O2'      75.067  
HIS 'L-peptide linking' y HISTIDINE                            ? 'C6 H10 N3 O2 1'  156.162 
HOH non-polymer         . WATER                                ? 'H2 O'            18.015  
ILE 'L-peptide linking' y ISOLEUCINE                           ? 'C6 H13 N O2'     131.173 
LEU 'L-peptide linking' y LEUCINE                              ? 'C6 H13 N O2'     131.173 
LYS 'L-peptide linking' y LYSINE                               ? 'C6 H15 N2 O2 1'  147.195 
MET 'L-peptide linking' y METHIONINE                           ? 'C5 H11 N O2 S'   149.211 
PHE 'L-peptide linking' y PHENYLALANINE                        ? 'C9 H11 N O2'     165.189 
PRO 'L-peptide linking' y PROLINE                              ? 'C5 H9 N O2'      115.130 
SER 'L-peptide linking' y SERINE                               ? 'C3 H7 N O3'      105.093 
THR 'L-peptide linking' y THREONINE                            ? 'C4 H9 N O3'      119.119 
TRP 'L-peptide linking' y TRYPTOPHAN                           ? 'C11 H12 N2 O2'   204.225 
TYR 'L-peptide linking' y TYROSINE                             ? 'C9 H11 N O3'     181.189 
VAL 'L-peptide linking' y VALINE                               ? 'C5 H11 N O2'     117.146 
# 
_exptl.entry_id          2O4A 
_exptl.method            'X-RAY DIFFRACTION' 
_exptl.crystals_number   1 
# 
_exptl_crystal.id                    1 
_exptl_crystal.density_meas          ? 
_exptl_crystal.density_Matthews      2.43 
_exptl_crystal.density_percent_sol   54.91 
_exptl_crystal.description           ? 
_exptl_crystal.F_000                 ? 
_exptl_crystal.preparation           ? 
# 
_exptl_crystal_grow.crystal_id      1 
_exptl_crystal_grow.method          'VAPOR DIFFUSION, SITTING DROP' 
_exptl_crystal_grow.temp            293 
_exptl_crystal_grow.temp_details    ? 
_exptl_crystal_grow.pH              8.00 
_exptl_crystal_grow.pdbx_details    
;20% PEG 20000, 0.05M TrisHCl, 0.01M magnesium sulfate, 20% ethylene glycol, pH 8.00, VAPOR DIFFUSION, SITTING DROP, temperature 293K
;
_exptl_crystal_grow.pdbx_pH_range   . 
# 
loop_
_exptl_crystal_grow_comp.crystal_id 
_exptl_crystal_grow_comp.id 
_exptl_crystal_grow_comp.sol_id 
_exptl_crystal_grow_comp.name 
_exptl_crystal_grow_comp.volume 
_exptl_crystal_grow_comp.conc 
_exptl_crystal_grow_comp.details 
1 1 1 'PEG 20000'         ? ? ? 
1 2 1 TrisHCl             ? ? ? 
1 3 1 'magnesium sulfate' ? ? ? 
1 4 1 'ethylene glycol'   ? ? ? 
1 5 1 HOH                 ? ? ? 
1 6 2 'PEG 20000'         ? ? ? 
1 7 2 TrisHCl             ? ? ? 
1 8 2 'magnesium sulfate' ? ? ? 
1 9 2 HOH                 ? ? ? 
# 
_diffrn.id                     1 
_diffrn.ambient_temp           95 
_diffrn.ambient_temp_details   ? 
_diffrn.crystal_id             1 
# 
_diffrn_detector.diffrn_id              1 
_diffrn_detector.detector               CCD 
_diffrn_detector.type                   'ADSC QUANTUM 210' 
_diffrn_detector.pdbx_collection_date   2006-06-03 
_diffrn_detector.details                ? 
# 
_diffrn_radiation.diffrn_id                        1 
_diffrn_radiation.wavelength_id                    1 
_diffrn_radiation.pdbx_monochromatic_or_laue_m_l   M 
_diffrn_radiation.monochromator                    ? 
_diffrn_radiation.pdbx_diffrn_protocol             'SINGLE WAVELENGTH' 
_diffrn_radiation.pdbx_scattering_type             x-ray 
# 
_diffrn_radiation_wavelength.id           1 
_diffrn_radiation_wavelength.wavelength   1.0000 
_diffrn_radiation_wavelength.wt           1.0 
# 
_diffrn_source.diffrn_id                   1 
_diffrn_source.source                      SYNCHROTRON 
_diffrn_source.type                        'PHOTON FACTORY BEAMLINE AR-NW12A' 
_diffrn_source.pdbx_synchrotron_site       'Photon Factory' 
_diffrn_source.pdbx_synchrotron_beamline   AR-NW12A 
_diffrn_source.pdbx_wavelength             ? 
_diffrn_source.pdbx_wavelength_list        1.0000 
# 
_reflns.entry_id                     2O4A 
_reflns.observed_criterion_sigma_F   0.0 
_reflns.observed_criterion_sigma_I   0.0 
_reflns.d_resolution_high            1.75 
_reflns.d_resolution_low             22.29 
_reflns.number_all                   ? 
_reflns.number_obs                   14958 
_reflns.percent_possible_obs         86.3 
_reflns.pdbx_Rmerge_I_obs            0.094 
_reflns.pdbx_Rsym_value              ? 
_reflns.pdbx_netI_over_sigmaI        9.2 
_reflns.B_iso_Wilson_estimate        32.0 
_reflns.pdbx_redundancy              2.8 
_reflns.R_free_details               ? 
_reflns.pdbx_chi_squared             ? 
_reflns.pdbx_scaling_rejects         ? 
_reflns.pdbx_diffrn_id               1 
_reflns.pdbx_ordinal                 1 
# 
_reflns_shell.d_res_high             1.75 
_reflns_shell.d_res_low              1.84 
_reflns_shell.percent_possible_all   55.2 
_reflns_shell.Rmerge_I_obs           0.275 
_reflns_shell.pdbx_Rsym_value        ? 
_reflns_shell.meanI_over_sigI_obs    2.0 
_reflns_shell.pdbx_redundancy        2.3 
_reflns_shell.percent_possible_obs   ? 
_reflns_shell.number_unique_all      2543 
_reflns_shell.number_measured_all    ? 
_reflns_shell.number_measured_obs    ? 
_reflns_shell.number_unique_obs      ? 
_reflns_shell.pdbx_chi_squared       ? 
_reflns_shell.pdbx_diffrn_id         ? 
_reflns_shell.pdbx_ordinal           1 
# 
_refine.entry_id                                 2O4A 
_refine.ls_d_res_high                            1.75 
_refine.ls_d_res_low                             22.29 
_refine.pdbx_ls_sigma_F                          2.0 
_refine.pdbx_ls_sigma_I                          2.0 
_refine.ls_number_reflns_all                     18889 
_refine.ls_number_reflns_obs                     14958 
_refine.ls_number_reflns_R_free                  1522 
_refine.ls_percent_reflns_obs                    86.3 
_refine.ls_R_factor_all                          ? 
_refine.ls_R_factor_obs                          0.245 
_refine.ls_R_factor_R_work                       0.245 
_refine.ls_R_factor_R_free                       0.282 
_refine.ls_redundancy_reflns_obs                 ? 
_refine.pdbx_data_cutoff_high_absF               477657.40 
_refine.pdbx_data_cutoff_low_absF                0.000000 
_refine.ls_number_parameters                     ? 
_refine.ls_number_restraints                     ? 
_refine.ls_percent_reflns_R_free                 10.2 
_refine.ls_R_factor_R_free_error                 0.007 
_refine.ls_R_factor_R_free_error_details         ? 
_refine.pdbx_method_to_determine_struct          'MOLECULAR REPLACEMENT' 
_refine.pdbx_starting_model                      'PDB entry 2O49' 
_refine.pdbx_ls_cross_valid_method               THROUGHOUT 
_refine.pdbx_R_Free_selection_details            RANDOM 
_refine.pdbx_stereochem_target_val_spec_case     ? 
_refine.pdbx_stereochemistry_target_values       'Engh & Huber' 
_refine.solvent_model_details                    'FLAT MODEL' 
_refine.solvent_model_param_bsol                 67.4583 
_refine.solvent_model_param_ksol                 0.44371 
_refine.occupancy_max                            ? 
_refine.occupancy_min                            ? 
_refine.pdbx_isotropic_thermal_model             RESTRAINED 
_refine.B_iso_mean                               37.6 
_refine.aniso_B[1][1]                            4.04 
_refine.aniso_B[1][2]                            5.05 
_refine.aniso_B[1][3]                            2.73 
_refine.aniso_B[2][2]                            -1.46 
_refine.aniso_B[2][3]                            5.10 
_refine.aniso_B[3][3]                            -2.58 
_refine.details                                  ? 
_refine.correlation_coeff_Fo_to_Fc               ? 
_refine.correlation_coeff_Fo_to_Fc_free          ? 
_refine.pdbx_solvent_vdw_probe_radii             ? 
_refine.pdbx_solvent_ion_probe_radii             ? 
_refine.pdbx_solvent_shrinkage_radii             ? 
_refine.overall_SU_R_Cruickshank_DPI             ? 
_refine.overall_SU_R_free                        ? 
_refine.overall_SU_ML                            ? 
_refine.overall_SU_B                             ? 
_refine.pdbx_overall_ESU_R_Free                  ? 
_refine.pdbx_data_cutoff_high_rms_absF           ? 
_refine.pdbx_overall_ESU_R                       ? 
_refine.ls_wR_factor_R_free                      ? 
_refine.ls_wR_factor_R_work                      ? 
_refine.overall_FOM_free_R_set                   ? 
_refine.overall_FOM_work_R_set                   ? 
_refine.pdbx_refine_id                           'X-RAY DIFFRACTION' 
_refine.pdbx_diffrn_id                           1 
_refine.pdbx_TLS_residual_ADP_flag               ? 
_refine.pdbx_overall_phase_error                 ? 
_refine.pdbx_overall_SU_R_free_Cruickshank_DPI   ? 
_refine.pdbx_overall_SU_R_Blow_DPI               ? 
_refine.pdbx_overall_SU_R_free_Blow_DPI          ? 
# 
_refine_analyze.entry_id                        2O4A 
_refine_analyze.Luzzati_coordinate_error_obs    0.27 
_refine_analyze.Luzzati_sigma_a_obs             0.28 
_refine_analyze.Luzzati_d_res_low_obs           5.00 
_refine_analyze.Luzzati_coordinate_error_free   0.31 
_refine_analyze.Luzzati_sigma_a_free            0.29 
_refine_analyze.Luzzati_d_res_low_free          ? 
_refine_analyze.number_disordered_residues      ? 
_refine_analyze.occupancy_sum_hydrogen          ? 
_refine_analyze.occupancy_sum_non_hydrogen      ? 
_refine_analyze.pdbx_refine_id                  'X-RAY DIFFRACTION' 
# 
_refine_hist.pdbx_refine_id                   'X-RAY DIFFRACTION' 
_refine_hist.cycle_id                         LAST 
_refine_hist.pdbx_number_atoms_protein        696 
_refine_hist.pdbx_number_atoms_nucleic_acid   486 
_refine_hist.pdbx_number_atoms_ligand         0 
_refine_hist.number_atoms_solvent             108 
_refine_hist.number_atoms_total               1290 
_refine_hist.d_res_high                       1.75 
_refine_hist.d_res_low                        22.29 
# 
loop_
_refine_ls_restr.type 
_refine_ls_restr.dev_ideal 
_refine_ls_restr.dev_ideal_target 
_refine_ls_restr.weight 
_refine_ls_restr.number 
_refine_ls_restr.pdbx_refine_id 
_refine_ls_restr.pdbx_restraint_function 
c_bond_d                0.005 ?    ? ? 'X-RAY DIFFRACTION' ? 
c_bond_d_na             ?     ?    ? ? 'X-RAY DIFFRACTION' ? 
c_bond_d_prot           ?     ?    ? ? 'X-RAY DIFFRACTION' ? 
c_angle_d               ?     ?    ? ? 'X-RAY DIFFRACTION' ? 
c_angle_d_na            ?     ?    ? ? 'X-RAY DIFFRACTION' ? 
c_angle_d_prot          ?     ?    ? ? 'X-RAY DIFFRACTION' ? 
c_angle_deg             1.04  ?    ? ? 'X-RAY DIFFRACTION' ? 
c_angle_deg_na          ?     ?    ? ? 'X-RAY DIFFRACTION' ? 
c_angle_deg_prot        ?     ?    ? ? 'X-RAY DIFFRACTION' ? 
c_dihedral_angle_d      16.4  ?    ? ? 'X-RAY DIFFRACTION' ? 
c_dihedral_angle_d_na   ?     ?    ? ? 'X-RAY DIFFRACTION' ? 
c_dihedral_angle_d_prot ?     ?    ? ? 'X-RAY DIFFRACTION' ? 
c_improper_angle_d      1.14  ?    ? ? 'X-RAY DIFFRACTION' ? 
c_improper_angle_d_na   ?     ?    ? ? 'X-RAY DIFFRACTION' ? 
c_improper_angle_d_prot ?     ?    ? ? 'X-RAY DIFFRACTION' ? 
c_mcbond_it             1.23  1.50 ? ? 'X-RAY DIFFRACTION' ? 
c_mcangle_it            1.94  2.00 ? ? 'X-RAY DIFFRACTION' ? 
c_scbond_it             1.95  2.00 ? ? 'X-RAY DIFFRACTION' ? 
c_scangle_it            2.91  2.50 ? ? 'X-RAY DIFFRACTION' ? 
# 
_refine_ls_shell.pdbx_total_number_of_bins_used   6 
_refine_ls_shell.d_res_high                       1.75 
_refine_ls_shell.d_res_low                        1.86 
_refine_ls_shell.number_reflns_R_work             1494 
_refine_ls_shell.R_factor_R_work                  0.303 
_refine_ls_shell.percent_reflns_obs               57.2 
_refine_ls_shell.R_factor_R_free                  0.332 
_refine_ls_shell.R_factor_R_free_error            0.026 
_refine_ls_shell.percent_reflns_R_free            9.8 
_refine_ls_shell.number_reflns_R_free             163 
_refine_ls_shell.number_reflns_all                ? 
_refine_ls_shell.R_factor_all                     ? 
_refine_ls_shell.redundancy_reflns_obs            ? 
_refine_ls_shell.number_reflns_obs                ? 
_refine_ls_shell.pdbx_refine_id                   'X-RAY DIFFRACTION' 
# 
loop_
_pdbx_xplor_file.serial_no 
_pdbx_xplor_file.param_file 
_pdbx_xplor_file.topol_file 
_pdbx_xplor_file.pdbx_refine_id 
1 protein_rep.param protein.top 'X-RAY DIFFRACTION' 
2 dna-rna_rep.param dna-rna.top 'X-RAY DIFFRACTION' 
3 water_rep.param   water.top   'X-RAY DIFFRACTION' 
# 
_struct.entry_id                  2O4A 
_struct.title                     'Crystal Structure of the N-terminal CUT Domain of SATB1 Bound to Matrix Attachment Region DNA' 
_struct.pdbx_model_details        ? 
_struct.pdbx_CASP_flag            ? 
_struct.pdbx_model_type_details   ? 
# 
_struct_keywords.entry_id        2O4A 
_struct_keywords.pdbx_keywords   TRANSCRIPTION/DNA 
_struct_keywords.text            'protein-DNA complex, transcription, TRANSCRIPTION-DNA COMPLEX' 
# 
loop_
_struct_asym.id 
_struct_asym.pdbx_blank_PDB_chainid_flag 
_struct_asym.pdbx_modified 
_struct_asym.entity_id 
_struct_asym.details 
A N N 1 ? 
B N N 2 ? 
C N N 3 ? 
D N N 4 ? 
E N N 4 ? 
F N N 4 ? 
# 
loop_
_struct_conf.conf_type_id 
_struct_conf.id 
_struct_conf.pdbx_PDB_helix_id 
_struct_conf.beg_label_comp_id 
_struct_conf.beg_label_asym_id 
_struct_conf.beg_label_seq_id 
_struct_conf.pdbx_beg_PDB_ins_code 
_struct_conf.end_label_comp_id 
_struct_conf.end_label_asym_id 
_struct_conf.end_label_seq_id 
_struct_conf.pdbx_end_PDB_ins_code 
_struct_conf.beg_auth_comp_id 
_struct_conf.beg_auth_asym_id 
_struct_conf.beg_auth_seq_id 
_struct_conf.end_auth_comp_id 
_struct_conf.end_auth_asym_id 
_struct_conf.end_auth_seq_id 
_struct_conf.pdbx_PDB_helix_class 
_struct_conf.details 
_struct_conf.pdbx_PDB_helix_length 
HELX_P HELX_P1 1 GLU C 11 ? GLY C 24 ? GLU A 374 GLY A 387 1 ? 14 
HELX_P HELX_P2 2 SER C 26 ? ASN C 36 ? SER A 389 ASN A 399 1 ? 11 
HELX_P HELX_P3 3 THR C 38 ? GLU C 49 ? THR A 401 GLU A 412 1 ? 12 
HELX_P HELX_P4 4 SER C 56 ? GLN C 71 ? SER A 419 GLN A 434 1 ? 16 
HELX_P HELX_P5 5 PRO C 73 ? ARG C 90 ? PRO A 436 ARG A 453 1 ? 18 
# 
_struct_conf_type.id          HELX_P 
_struct_conf_type.criteria    ? 
_struct_conf_type.reference   ? 
# 
loop_
_struct_conn.id 
_struct_conn.conn_type_id 
_struct_conn.pdbx_leaving_atom_flag 
_struct_conn.pdbx_PDB_id 
_struct_conn.ptnr1_label_asym_id 
_struct_conn.ptnr1_label_comp_id 
_struct_conn.ptnr1_label_seq_id 
_struct_conn.ptnr1_label_atom_id 
_struct_conn.pdbx_ptnr1_label_alt_id 
_struct_conn.pdbx_ptnr1_PDB_ins_code 
_struct_conn.pdbx_ptnr1_standard_comp_id 
_struct_conn.ptnr1_symmetry 
_struct_conn.ptnr2_label_asym_id 
_struct_conn.ptnr2_label_comp_id 
_struct_conn.ptnr2_label_seq_id 
_struct_conn.ptnr2_label_atom_id 
_struct_conn.pdbx_ptnr2_label_alt_id 
_struct_conn.pdbx_ptnr2_PDB_ins_code 
_struct_conn.ptnr1_auth_asym_id 
_struct_conn.ptnr1_auth_comp_id 
_struct_conn.ptnr1_auth_seq_id 
_struct_conn.ptnr2_auth_asym_id 
_struct_conn.ptnr2_auth_comp_id 
_struct_conn.ptnr2_auth_seq_id 
_struct_conn.ptnr2_symmetry 
_struct_conn.pdbx_ptnr3_label_atom_id 
_struct_conn.pdbx_ptnr3_label_seq_id 
_struct_conn.pdbx_ptnr3_label_comp_id 
_struct_conn.pdbx_ptnr3_label_asym_id 
_struct_conn.pdbx_ptnr3_label_alt_id 
_struct_conn.pdbx_ptnr3_PDB_ins_code 
_struct_conn.details 
_struct_conn.pdbx_dist_value 
_struct_conn.pdbx_value_order 
_struct_conn.pdbx_role 
hydrog1  hydrog ? ? A DG 1  N1 ? ? ? 1_555 B DC 12 N3 ? ? B DG 1  C DC 12 1_555 ? ? ? ? ? ? WATSON-CRICK ? ? ? 
hydrog2  hydrog ? ? A DG 1  N2 ? ? ? 1_555 B DC 12 O2 ? ? B DG 1  C DC 12 1_555 ? ? ? ? ? ? WATSON-CRICK ? ? ? 
hydrog3  hydrog ? ? A DG 1  O6 ? ? ? 1_555 B DC 12 N4 ? ? B DG 1  C DC 12 1_555 ? ? ? ? ? ? WATSON-CRICK ? ? ? 
hydrog4  hydrog ? ? A DC 2  N3 ? ? ? 1_555 B DG 11 N1 ? ? B DC 2  C DG 11 1_555 ? ? ? ? ? ? WATSON-CRICK ? ? ? 
hydrog5  hydrog ? ? A DC 2  N4 ? ? ? 1_555 B DG 11 O6 ? ? B DC 2  C DG 11 1_555 ? ? ? ? ? ? WATSON-CRICK ? ? ? 
hydrog6  hydrog ? ? A DC 2  O2 ? ? ? 1_555 B DG 11 N2 ? ? B DC 2  C DG 11 1_555 ? ? ? ? ? ? WATSON-CRICK ? ? ? 
hydrog7  hydrog ? ? A DT 3  N3 ? ? ? 1_555 B DA 10 N1 ? ? B DT 3  C DA 10 1_555 ? ? ? ? ? ? WATSON-CRICK ? ? ? 
hydrog8  hydrog ? ? A DT 3  O4 ? ? ? 1_555 B DA 10 N6 ? ? B DT 3  C DA 10 1_555 ? ? ? ? ? ? WATSON-CRICK ? ? ? 
hydrog9  hydrog ? ? A DA 4  N1 ? ? ? 1_555 B DT 9  N3 ? ? B DA 4  C DT 9  1_555 ? ? ? ? ? ? WATSON-CRICK ? ? ? 
hydrog10 hydrog ? ? A DA 4  N6 ? ? ? 1_555 B DT 9  O4 ? ? B DA 4  C DT 9  1_555 ? ? ? ? ? ? WATSON-CRICK ? ? ? 
hydrog11 hydrog ? ? A DA 5  N1 ? ? ? 1_555 B DT 8  N3 ? ? B DA 5  C DT 8  1_555 ? ? ? ? ? ? WATSON-CRICK ? ? ? 
hydrog12 hydrog ? ? A DA 5  N6 ? ? ? 1_555 B DT 8  O4 ? ? B DA 5  C DT 8  1_555 ? ? ? ? ? ? WATSON-CRICK ? ? ? 
hydrog13 hydrog ? ? A DT 6  N3 ? ? ? 1_555 B DA 7  N1 ? ? B DT 6  C DA 7  1_555 ? ? ? ? ? ? WATSON-CRICK ? ? ? 
hydrog14 hydrog ? ? A DT 6  O4 ? ? ? 1_555 B DA 7  N6 ? ? B DT 6  C DA 7  1_555 ? ? ? ? ? ? WATSON-CRICK ? ? ? 
hydrog15 hydrog ? ? A DA 7  N1 ? ? ? 1_555 B DT 6  N3 ? ? B DA 7  C DT 6  1_555 ? ? ? ? ? ? WATSON-CRICK ? ? ? 
hydrog16 hydrog ? ? A DA 7  N6 ? ? ? 1_555 B DT 6  O4 ? ? B DA 7  C DT 6  1_555 ? ? ? ? ? ? WATSON-CRICK ? ? ? 
hydrog17 hydrog ? ? A DT 8  N3 ? ? ? 1_555 B DA 5  N1 ? ? B DT 8  C DA 5  1_555 ? ? ? ? ? ? WATSON-CRICK ? ? ? 
hydrog18 hydrog ? ? A DT 8  O4 ? ? ? 1_555 B DA 5  N6 ? ? B DT 8  C DA 5  1_555 ? ? ? ? ? ? WATSON-CRICK ? ? ? 
hydrog19 hydrog ? ? A DA 9  N1 ? ? ? 1_555 B DT 4  N3 ? ? B DA 9  C DT 4  1_555 ? ? ? ? ? ? WATSON-CRICK ? ? ? 
hydrog20 hydrog ? ? A DA 9  N6 ? ? ? 1_555 B DT 4  O4 ? ? B DA 9  C DT 4  1_555 ? ? ? ? ? ? WATSON-CRICK ? ? ? 
hydrog21 hydrog ? ? A DT 10 N3 ? ? ? 1_555 B DA 3  N1 ? ? B DT 10 C DA 3  1_555 ? ? ? ? ? ? WATSON-CRICK ? ? ? 
hydrog22 hydrog ? ? A DT 10 O4 ? ? ? 1_555 B DA 3  N6 ? ? B DT 10 C DA 3  1_555 ? ? ? ? ? ? WATSON-CRICK ? ? ? 
hydrog23 hydrog ? ? A DG 11 N1 ? ? ? 1_555 B DC 2  N3 ? ? B DG 11 C DC 2  1_555 ? ? ? ? ? ? WATSON-CRICK ? ? ? 
hydrog24 hydrog ? ? A DG 11 N2 ? ? ? 1_555 B DC 2  O2 ? ? B DG 11 C DC 2  1_555 ? ? ? ? ? ? WATSON-CRICK ? ? ? 
hydrog25 hydrog ? ? A DG 11 O6 ? ? ? 1_555 B DC 2  N4 ? ? B DG 11 C DC 2  1_555 ? ? ? ? ? ? WATSON-CRICK ? ? ? 
hydrog26 hydrog ? ? A DC 12 N3 ? ? ? 1_555 B DG 1  N1 ? ? B DC 12 C DG 1  1_555 ? ? ? ? ? ? WATSON-CRICK ? ? ? 
hydrog27 hydrog ? ? A DC 12 N4 ? ? ? 1_555 B DG 1  O6 ? ? B DC 12 C DG 1  1_555 ? ? ? ? ? ? WATSON-CRICK ? ? ? 
hydrog28 hydrog ? ? A DC 12 O2 ? ? ? 1_555 B DG 1  N2 ? ? B DC 12 C DG 1  1_555 ? ? ? ? ? ? WATSON-CRICK ? ? ? 
# 
_struct_conn_type.id          hydrog 
_struct_conn_type.criteria    ? 
_struct_conn_type.reference   ? 
# 
_atom_sites.entry_id                    2O4A 
_atom_sites.fract_transf_matrix[1][1]   0.02037148 
_atom_sites.fract_transf_matrix[1][2]   -0.00866711 
_atom_sites.fract_transf_matrix[1][3]   -0.02494966 
_atom_sites.fract_transf_matrix[2][1]   0.01370619 
_atom_sites.fract_transf_matrix[2][2]   -0.00052199 
_atom_sites.fract_transf_matrix[2][3]   0.02640029 
_atom_sites.fract_transf_matrix[3][1]   -0.01272677 
_atom_sites.fract_transf_matrix[3][2]   -0.02245681 
_atom_sites.fract_transf_matrix[3][3]   -0.00244587 
_atom_sites.fract_transf_vector[1]      -0.107117 
_atom_sites.fract_transf_vector[2]      0.124170 
_atom_sites.fract_transf_vector[3]      0.457635 
# 
loop_
_atom_type.symbol 
C 
N 
O 
P 
S 
# 
loop_
_atom_site.group_PDB 
_atom_site.id 
_atom_site.type_symbol 
_atom_site.label_atom_id 
_atom_site.label_alt_id 
_atom_site.label_comp_id 
_atom_site.label_asym_id 
_atom_site.label_entity_id 
_atom_site.label_seq_id 
_atom_site.pdbx_PDB_ins_code 
_atom_site.Cartn_x 
_atom_site.Cartn_y 
_atom_site.Cartn_z 
_atom_site.occupancy 
_atom_site.B_iso_or_equiv 
_atom_site.pdbx_formal_charge 
_atom_site.auth_seq_id 
_atom_site.auth_comp_id 
_atom_site.auth_asym_id 
_atom_site.auth_atom_id 
_atom_site.pdbx_PDB_model_num 
ATOM   1    O "O5'" . DG  A 1 1  ? 8.404   2.450   16.456  1.00 36.18 ? 1   DG  B "O5'" 1 
ATOM   2    C "C5'" . DG  A 1 1  ? 8.211   2.383   15.041  1.00 33.94 ? 1   DG  B "C5'" 1 
ATOM   3    C "C4'" . DG  A 1 1  ? 7.255   3.445   14.551  1.00 32.06 ? 1   DG  B "C4'" 1 
ATOM   4    O "O4'" . DG  A 1 1  ? 7.825   4.744   14.835  1.00 32.30 ? 1   DG  B "O4'" 1 
ATOM   5    C "C3'" . DG  A 1 1  ? 7.055   3.410   13.035  1.00 31.62 ? 1   DG  B "C3'" 1 
ATOM   6    O "O3'" . DG  A 1 1  ? 5.752   3.916   12.702  1.00 33.52 ? 1   DG  B "O3'" 1 
ATOM   7    C "C2'" . DG  A 1 1  ? 8.177   4.301   12.534  1.00 30.42 ? 1   DG  B "C2'" 1 
ATOM   8    C "C1'" . DG  A 1 1  ? 8.263   5.366   13.627  1.00 32.95 ? 1   DG  B "C1'" 1 
ATOM   9    N N9    . DG  A 1 1  ? 9.607   5.888   13.853  1.00 28.66 ? 1   DG  B N9    1 
ATOM   10   C C8    . DG  A 1 1  ? 10.767  5.159   13.926  1.00 29.15 ? 1   DG  B C8    1 
ATOM   11   N N7    . DG  A 1 1  ? 11.825  5.897   14.125  1.00 29.76 ? 1   DG  B N7    1 
ATOM   12   C C5    . DG  A 1 1  ? 11.336  7.194   14.189  1.00 30.57 ? 1   DG  B C5    1 
ATOM   13   C C6    . DG  A 1 1  ? 12.020  8.419   14.384  1.00 30.68 ? 1   DG  B C6    1 
ATOM   14   O O6    . DG  A 1 1  ? 13.231  8.605   14.547  1.00 33.38 ? 1   DG  B O6    1 
ATOM   15   N N1    . DG  A 1 1  ? 11.147  9.501   14.381  1.00 29.93 ? 1   DG  B N1    1 
ATOM   16   C C2    . DG  A 1 1  ? 9.786   9.415   14.214  1.00 33.21 ? 1   DG  B C2    1 
ATOM   17   N N2    . DG  A 1 1  ? 9.116   10.582  14.245  1.00 32.06 ? 1   DG  B N2    1 
ATOM   18   N N3    . DG  A 1 1  ? 9.132   8.273   14.030  1.00 30.21 ? 1   DG  B N3    1 
ATOM   19   C C4    . DG  A 1 1  ? 9.967   7.209   14.026  1.00 30.10 ? 1   DG  B C4    1 
ATOM   20   P P     . DC  A 1 2  ? 5.177   3.749   11.199  1.00 33.62 ? 2   DC  B P     1 
ATOM   21   O OP1   . DC  A 1 2  ? 3.715   3.555   11.285  1.00 32.96 ? 2   DC  B OP1   1 
ATOM   22   O OP2   . DC  A 1 2  ? 6.026   2.774   10.472  1.00 33.68 ? 2   DC  B OP2   1 
ATOM   23   O "O5'" . DC  A 1 2  ? 5.393   5.183   10.560  1.00 34.03 ? 2   DC  B "O5'" 1 
ATOM   24   C "C5'" . DC  A 1 2  ? 6.350   6.063   11.100  1.00 36.25 ? 2   DC  B "C5'" 1 
ATOM   25   C "C4'" . DC  A 1 2  ? 5.878   7.483   10.958  1.00 32.04 ? 2   DC  B "C4'" 1 
ATOM   26   O "O4'" . DC  A 1 2  ? 6.951   8.293   11.479  1.00 32.11 ? 2   DC  B "O4'" 1 
ATOM   27   C "C3'" . DC  A 1 2  ? 5.728   7.880   9.493   1.00 29.18 ? 2   DC  B "C3'" 1 
ATOM   28   O "O3'" . DC  A 1 2  ? 4.663   8.799   9.245   1.00 27.46 ? 2   DC  B "O3'" 1 
ATOM   29   C "C2'" . DC  A 1 2  ? 7.108   8.383   9.127   1.00 32.98 ? 2   DC  B "C2'" 1 
ATOM   30   C "C1'" . DC  A 1 2  ? 7.650   8.953   10.430  1.00 29.84 ? 2   DC  B "C1'" 1 
ATOM   31   N N1    . DC  A 1 2  ? 9.067   8.606   10.578  1.00 29.67 ? 2   DC  B N1    1 
ATOM   32   C C2    . DC  A 1 2  ? 10.000  9.614   10.830  1.00 29.08 ? 2   DC  B C2    1 
ATOM   33   O O2    . DC  A 1 2  ? 9.605   10.775  10.963  1.00 30.84 ? 2   DC  B O2    1 
ATOM   34   N N3    . DC  A 1 2  ? 11.305  9.291   10.919  1.00 26.84 ? 2   DC  B N3    1 
ATOM   35   C C4    . DC  A 1 2  ? 11.689  8.021   10.777  1.00 26.44 ? 2   DC  B C4    1 
ATOM   36   N N4    . DC  A 1 2  ? 12.987  7.743   10.867  1.00 27.14 ? 2   DC  B N4    1 
ATOM   37   C C5    . DC  A 1 2  ? 10.754  6.973   10.534  1.00 28.71 ? 2   DC  B C5    1 
ATOM   38   C C6    . DC  A 1 2  ? 9.470   7.308   10.449  1.00 27.90 ? 2   DC  B C6    1 
ATOM   39   P P     . DT  A 1 3  ? 4.400   9.322   7.735   1.00 29.27 ? 3   DT  B P     1 
ATOM   40   O OP1   . DT  A 1 3  ? 2.947   9.546   7.589   1.00 27.75 ? 3   DT  B OP1   1 
ATOM   41   O OP2   . DT  A 1 3  ? 5.102   8.427   6.787   1.00 28.70 ? 3   DT  B OP2   1 
ATOM   42   O "O5'" . DT  A 1 3  ? 5.124   10.744  7.748   1.00 27.95 ? 3   DT  B "O5'" 1 
ATOM   43   C "C5'" . DT  A 1 3  ? 4.882   11.623  8.843   1.00 30.64 ? 3   DT  B "C5'" 1 
ATOM   44   C "C4'" . DT  A 1 3  ? 5.576   12.956  8.672   1.00 29.71 ? 3   DT  B "C4'" 1 
ATOM   45   O "O4'" . DT  A 1 3  ? 7.004   12.788  8.831   1.00 27.62 ? 3   DT  B "O4'" 1 
ATOM   46   C "C3'" . DT  A 1 3  ? 5.402   13.576  7.287   1.00 32.31 ? 3   DT  B "C3'" 1 
ATOM   47   O "O3'" . DT  A 1 3  ? 5.359   15.005  7.407   1.00 37.53 ? 3   DT  B "O3'" 1 
ATOM   48   C "C2'" . DT  A 1 3  ? 6.605   13.045  6.517   1.00 30.11 ? 3   DT  B "C2'" 1 
ATOM   49   C "C1'" . DT  A 1 3  ? 7.680   13.011  7.595   1.00 27.34 ? 3   DT  B "C1'" 1 
ATOM   50   N N1    . DT  A 1 3  ? 8.760   12.002  7.475   1.00 27.11 ? 3   DT  B N1    1 
ATOM   51   C C2    . DT  A 1 3  ? 10.049  12.386  7.806   1.00 26.27 ? 3   DT  B C2    1 
ATOM   52   O O2    . DT  A 1 3  ? 10.345  13.514  8.151   1.00 25.55 ? 3   DT  B O2    1 
ATOM   53   N N3    . DT  A 1 3  ? 10.984  11.384  7.724   1.00 23.26 ? 3   DT  B N3    1 
ATOM   54   C C4    . DT  A 1 3  ? 10.772  10.075  7.355   1.00 25.22 ? 3   DT  B C4    1 
ATOM   55   O O4    . DT  A 1 3  ? 11.714  9.281   7.350   1.00 25.88 ? 3   DT  B O4    1 
ATOM   56   C C5    . DT  A 1 3  ? 9.407   9.746   6.998   1.00 26.40 ? 3   DT  B C5    1 
ATOM   57   C C7    . DT  A 1 3  ? 9.087   8.351   6.565   1.00 26.12 ? 3   DT  B C7    1 
ATOM   58   C C6    . DT  A 1 3  ? 8.483   10.714  7.072   1.00 24.83 ? 3   DT  B C6    1 
ATOM   59   P P     . DA  A 1 4  ? 5.009   15.911  6.127   1.00 38.91 ? 4   DA  B P     1 
ATOM   60   O OP1   . DA  A 1 4  ? 4.200   17.051  6.618   1.00 39.94 ? 4   DA  B OP1   1 
ATOM   61   O OP2   . DA  A 1 4  ? 4.490   15.070  5.024   1.00 39.37 ? 4   DA  B OP2   1 
ATOM   62   O "O5'" . DA  A 1 4  ? 6.443   16.466  5.721   1.00 37.86 ? 4   DA  B "O5'" 1 
ATOM   63   C "C5'" . DA  A 1 4  ? 7.300   16.957  6.742   1.00 37.29 ? 4   DA  B "C5'" 1 
ATOM   64   C "C4'" . DA  A 1 4  ? 8.623   17.428  6.187   1.00 36.13 ? 4   DA  B "C4'" 1 
ATOM   65   O "O4'" . DA  A 1 4  ? 9.522   16.299  6.015   1.00 34.19 ? 4   DA  B "O4'" 1 
ATOM   66   C "C3'" . DA  A 1 4  ? 8.508   18.064  4.801   1.00 37.13 ? 4   DA  B "C3'" 1 
ATOM   67   O "O3'" . DA  A 1 4  ? 9.481   19.109  4.678   1.00 41.13 ? 4   DA  B "O3'" 1 
ATOM   68   C "C2'" . DA  A 1 4  ? 8.738   16.886  3.866   1.00 34.40 ? 4   DA  B "C2'" 1 
ATOM   69   C "C1'" . DA  A 1 4  ? 9.777   16.079  4.634   1.00 31.61 ? 4   DA  B "C1'" 1 
ATOM   70   N N9    . DA  A 1 4  ? 9.845   14.631  4.390   1.00 29.96 ? 4   DA  B N9    1 
ATOM   71   C C8    . DA  A 1 4  ? 8.876   13.798  3.886   1.00 26.06 ? 4   DA  B C8    1 
ATOM   72   N N7    . DA  A 1 4  ? 9.262   12.546  3.774   1.00 26.73 ? 4   DA  B N7    1 
ATOM   73   C C5    . DA  A 1 4  ? 10.567  12.553  4.240   1.00 27.02 ? 4   DA  B C5    1 
ATOM   74   C C6    . DA  A 1 4  ? 11.529  11.532  4.390   1.00 28.21 ? 4   DA  B C6    1 
ATOM   75   N N6    . DA  A 1 4  ? 11.314  10.256  4.062   1.00 28.99 ? 4   DA  B N6    1 
ATOM   76   N N1    . DA  A 1 4  ? 12.737  11.874  4.899   1.00 29.31 ? 4   DA  B N1    1 
ATOM   77   C C2    . DA  A 1 4  ? 12.951  13.157  5.225   1.00 26.15 ? 4   DA  B C2    1 
ATOM   78   N N3    . DA  A 1 4  ? 12.129  14.201  5.128   1.00 27.18 ? 4   DA  B N3    1 
ATOM   79   C C4    . DA  A 1 4  ? 10.941  13.830  4.624   1.00 26.04 ? 4   DA  B C4    1 
ATOM   80   P P     . DA  A 1 5  ? 9.676   19.882  3.280   1.00 41.02 ? 5   DA  B P     1 
ATOM   81   O OP1   . DA  A 1 5  ? 9.598   21.331  3.580   1.00 45.33 ? 5   DA  B OP1   1 
ATOM   82   O OP2   . DA  A 1 5  ? 8.796   19.302  2.235   1.00 43.02 ? 5   DA  B OP2   1 
ATOM   83   O "O5'" . DA  A 1 5  ? 11.188  19.539  2.950   1.00 40.57 ? 5   DA  B "O5'" 1 
ATOM   84   C "C5'" . DA  A 1 5  ? 12.137  19.562  4.000   1.00 36.29 ? 5   DA  B "C5'" 1 
ATOM   85   C "C4'" . DA  A 1 5  ? 13.497  19.138  3.511   1.00 36.52 ? 5   DA  B "C4'" 1 
ATOM   86   O "O4'" . DA  A 1 5  ? 13.537  17.692  3.361   1.00 34.06 ? 5   DA  B "O4'" 1 
ATOM   87   C "C3'" . DA  A 1 5  ? 13.788  19.701  2.120   1.00 36.38 ? 5   DA  B "C3'" 1 
ATOM   88   O "O3'" . DA  A 1 5  ? 15.177  20.005  1.990   1.00 37.80 ? 5   DA  B "O3'" 1 
ATOM   89   C "C2'" . DA  A 1 5  ? 13.296  18.601  1.189   1.00 35.89 ? 5   DA  B "C2'" 1 
ATOM   90   C "C1'" . DA  A 1 5  ? 13.645  17.347  1.985   1.00 34.12 ? 5   DA  B "C1'" 1 
ATOM   91   N N9    . DA  A 1 5  ? 12.864  16.129  1.732   1.00 30.28 ? 5   DA  B N9    1 
ATOM   92   C C8    . DA  A 1 5  ? 11.539  15.999  1.393   1.00 25.54 ? 5   DA  B C8    1 
ATOM   93   N N7    . DA  A 1 5  ? 11.162  14.753  1.200   1.00 27.20 ? 5   DA  B N7    1 
ATOM   94   C C5    . DA  A 1 5  ? 12.315  14.013  1.429   1.00 26.81 ? 5   DA  B C5    1 
ATOM   95   C C6    . DA  A 1 5  ? 12.581  12.627  1.382   1.00 29.30 ? 5   DA  B C6    1 
ATOM   96   N N6    . DA  A 1 5  ? 11.667  11.697  1.069   1.00 27.01 ? 5   DA  B N6    1 
ATOM   97   N N1    . DA  A 1 5  ? 13.837  12.221  1.671   1.00 29.51 ? 5   DA  B N1    1 
ATOM   98   C C2    . DA  A 1 5  ? 14.754  13.147  1.984   1.00 29.56 ? 5   DA  B C2    1 
ATOM   99   N N3    . DA  A 1 5  ? 14.625  14.469  2.060   1.00 29.40 ? 5   DA  B N3    1 
ATOM   100  C C4    . DA  A 1 5  ? 13.368  14.844  1.767   1.00 27.89 ? 5   DA  B C4    1 
ATOM   101  P P     . DT  A 1 6  ? 15.733  20.660  0.633   1.00 38.15 ? 6   DT  B P     1 
ATOM   102  O OP1   . DT  A 1 6  ? 16.789  21.622  1.049   1.00 39.61 ? 6   DT  B OP1   1 
ATOM   103  O OP2   . DT  A 1 6  ? 14.621  21.121  -0.235  1.00 34.82 ? 6   DT  B OP2   1 
ATOM   104  O "O5'" . DT  A 1 6  ? 16.436  19.424  -0.075  1.00 36.25 ? 6   DT  B "O5'" 1 
ATOM   105  C "C5'" . DT  A 1 6  ? 17.374  18.642  0.652   1.00 37.56 ? 6   DT  B "C5'" 1 
ATOM   106  C "C4'" . DT  A 1 6  ? 17.916  17.518  -0.195  1.00 36.66 ? 6   DT  B "C4'" 1 
ATOM   107  O "O4'" . DT  A 1 6  ? 16.974  16.416  -0.252  1.00 35.76 ? 6   DT  B "O4'" 1 
ATOM   108  C "C3'" . DT  A 1 6  ? 18.088  17.964  -1.651  1.00 36.86 ? 6   DT  B "C3'" 1 
ATOM   109  O "O3'" . DT  A 1 6  ? 19.049  17.101  -2.246  1.00 43.00 ? 6   DT  B "O3'" 1 
ATOM   110  C "C2'" . DT  A 1 6  ? 16.744  17.617  -2.268  1.00 36.01 ? 6   DT  B "C2'" 1 
ATOM   111  C "C1'" . DT  A 1 6  ? 16.522  16.285  -1.587  1.00 34.21 ? 6   DT  B "C1'" 1 
ATOM   112  N N1    . DT  A 1 6  ? 15.217  15.599  -1.624  1.00 30.62 ? 6   DT  B N1    1 
ATOM   113  C C2    . DT  A 1 6  ? 15.247  14.224  -1.490  1.00 29.60 ? 6   DT  B C2    1 
ATOM   114  O O2    . DT  A 1 6  ? 16.274  13.595  -1.285  1.00 28.78 ? 6   DT  B O2    1 
ATOM   115  N N3    . DT  A 1 6  ? 14.031  13.610  -1.603  1.00 28.23 ? 6   DT  B N3    1 
ATOM   116  C C4    . DT  A 1 6  ? 12.813  14.212  -1.823  1.00 28.26 ? 6   DT  B C4    1 
ATOM   117  O O4    . DT  A 1 6  ? 11.805  13.526  -1.901  1.00 30.74 ? 6   DT  B O4    1 
ATOM   118  C C5    . DT  A 1 6  ? 12.844  15.653  -1.937  1.00 27.54 ? 6   DT  B C5    1 
ATOM   119  C C7    . DT  A 1 6  ? 11.563  16.384  -2.187  1.00 28.58 ? 6   DT  B C7    1 
ATOM   120  C C6    . DT  A 1 6  ? 14.030  16.272  -1.822  1.00 29.29 ? 6   DT  B C6    1 
ATOM   121  P P     . DA  A 1 7  ? 20.343  17.702  -2.969  1.00 44.85 ? 7   DA  B P     1 
ATOM   122  O OP1   . DA  A 1 7  ? 21.094  18.478  -1.955  1.00 45.04 ? 7   DA  B OP1   1 
ATOM   123  O OP2   . DA  A 1 7  ? 19.915  18.354  -4.228  1.00 46.90 ? 7   DA  B OP2   1 
ATOM   124  O "O5'" . DA  A 1 7  ? 21.156  16.377  -3.306  1.00 42.98 ? 7   DA  B "O5'" 1 
ATOM   125  C "C5'" . DA  A 1 7  ? 21.505  15.483  -2.254  1.00 41.15 ? 7   DA  B "C5'" 1 
ATOM   126  C "C4'" . DA  A 1 7  ? 21.584  14.054  -2.745  1.00 39.70 ? 7   DA  B "C4'" 1 
ATOM   127  O "O4'" . DA  A 1 7  ? 20.254  13.482  -2.885  1.00 36.50 ? 7   DA  B "O4'" 1 
ATOM   128  C "C3'" . DA  A 1 7  ? 22.217  13.929  -4.127  1.00 39.61 ? 7   DA  B "C3'" 1 
ATOM   129  O "O3'" . DA  A 1 7  ? 22.923  12.680  -4.195  1.00 45.04 ? 7   DA  B "O3'" 1 
ATOM   130  C "C2'" . DA  A 1 7  ? 21.013  14.018  -5.058  1.00 37.10 ? 7   DA  B "C2'" 1 
ATOM   131  C "C1'" . DA  A 1 7  ? 19.943  13.275  -4.262  1.00 35.44 ? 7   DA  B "C1'" 1 
ATOM   132  N N9    . DA  A 1 7  ? 18.535  13.640  -4.480  1.00 30.15 ? 7   DA  B N9    1 
ATOM   133  C C8    . DA  A 1 7  ? 17.991  14.896  -4.566  1.00 30.39 ? 7   DA  B C8    1 
ATOM   134  N N7    . DA  A 1 7  ? 16.688  14.901  -4.722  1.00 29.08 ? 7   DA  B N7    1 
ATOM   135  C C5    . DA  A 1 7  ? 16.347  13.557  -4.755  1.00 28.74 ? 7   DA  B C5    1 
ATOM   136  C C6    . DA  A 1 7  ? 15.107  12.889  -4.903  1.00 27.10 ? 7   DA  B C6    1 
ATOM   137  N N6    . DA  A 1 7  ? 13.934  13.514  -5.037  1.00 27.18 ? 7   DA  B N6    1 
ATOM   138  N N1    . DA  A 1 7  ? 15.118  11.540  -4.903  1.00 26.91 ? 7   DA  B N1    1 
ATOM   139  C C2    . DA  A 1 7  ? 16.289  10.911  -4.757  1.00 28.49 ? 7   DA  B C2    1 
ATOM   140  N N3    . DA  A 1 7  ? 17.511  11.421  -4.606  1.00 27.30 ? 7   DA  B N3    1 
ATOM   141  C C4    . DA  A 1 7  ? 17.475  12.766  -4.616  1.00 30.01 ? 7   DA  B C4    1 
ATOM   142  P P     . DT  A 1 8  ? 23.887  12.359  -5.442  1.00 47.52 ? 8   DT  B P     1 
ATOM   143  O OP1   . DT  A 1 8  ? 25.165  11.835  -4.901  1.00 49.92 ? 8   DT  B OP1   1 
ATOM   144  O OP2   . DT  A 1 8  ? 23.892  13.528  -6.360  1.00 47.85 ? 8   DT  B OP2   1 
ATOM   145  O "O5'" . DT  A 1 8  ? 23.140  11.156  -6.159  1.00 47.75 ? 8   DT  B "O5'" 1 
ATOM   146  C "C5'" . DT  A 1 8  ? 21.729  11.112  -6.145  1.00 46.93 ? 8   DT  B "C5'" 1 
ATOM   147  C "C4'" . DT  A 1 8  ? 21.226  9.765   -6.595  1.00 43.13 ? 8   DT  B "C4'" 1 
ATOM   148  O "O4'" . DT  A 1 8  ? 19.786  9.855   -6.562  1.00 41.83 ? 8   DT  B "O4'" 1 
ATOM   149  C "C3'" . DT  A 1 8  ? 21.579  9.423   -8.040  1.00 43.47 ? 8   DT  B "C3'" 1 
ATOM   150  O "O3'" . DT  A 1 8  ? 21.646  8.001   -8.223  1.00 43.81 ? 8   DT  B "O3'" 1 
ATOM   151  C "C2'" . DT  A 1 8  ? 20.448  10.059  -8.825  1.00 40.21 ? 8   DT  B "C2'" 1 
ATOM   152  C "C1'" . DT  A 1 8  ? 19.261  9.928   -7.880  1.00 38.03 ? 8   DT  B "C1'" 1 
ATOM   153  N N1    . DT  A 1 8  ? 18.343  11.081  -7.930  1.00 34.67 ? 8   DT  B N1    1 
ATOM   154  C C2    . DT  A 1 8  ? 16.997  10.820  -7.929  1.00 31.85 ? 8   DT  B C2    1 
ATOM   155  O O2    . DT  A 1 8  ? 16.549  9.693   -7.861  1.00 30.07 ? 8   DT  B O2    1 
ATOM   156  N N3    . DT  A 1 8  ? 16.195  11.931  -8.010  1.00 28.42 ? 8   DT  B N3    1 
ATOM   157  C C4    . DT  A 1 8  ? 16.600  13.249  -8.082  1.00 31.56 ? 8   DT  B C4    1 
ATOM   158  O O4    . DT  A 1 8  ? 15.763  14.146  -8.153  1.00 30.64 ? 8   DT  B O4    1 
ATOM   159  C C5    . DT  A 1 8  ? 18.033  13.454  -8.068  1.00 31.72 ? 8   DT  B C5    1 
ATOM   160  C C7    . DT  A 1 8  ? 18.567  14.848  -8.148  1.00 32.58 ? 8   DT  B C7    1 
ATOM   161  C C6    . DT  A 1 8  ? 18.823  12.376  -7.989  1.00 33.35 ? 8   DT  B C6    1 
ATOM   162  P P     . DA  A 1 9  ? 21.660  7.390   -9.710  1.00 45.49 ? 9   DA  B P     1 
ATOM   163  O OP1   . DA  A 1 9  ? 22.311  6.058   -9.621  1.00 43.32 ? 9   DA  B OP1   1 
ATOM   164  O OP2   . DA  A 1 9  ? 22.202  8.413   -10.636 1.00 43.08 ? 9   DA  B OP2   1 
ATOM   165  O "O5'" . DA  A 1 9  ? 20.116  7.169   -10.041 1.00 42.99 ? 9   DA  B "O5'" 1 
ATOM   166  C "C5'" . DA  A 1 9  ? 19.288  6.469   -9.119  1.00 40.51 ? 9   DA  B "C5'" 1 
ATOM   167  C "C4'" . DA  A 1 9  ? 18.000  6.007   -9.763  1.00 36.84 ? 9   DA  B "C4'" 1 
ATOM   168  O "O4'" . DA  A 1 9  ? 17.046  7.099   -9.818  1.00 35.19 ? 9   DA  B "O4'" 1 
ATOM   169  C "C3'" . DA  A 1 9  ? 18.161  5.549   -11.213 1.00 38.26 ? 9   DA  B "C3'" 1 
ATOM   170  O "O3'" . DA  A 1 9  ? 17.200  4.519   -11.483 1.00 41.71 ? 9   DA  B "O3'" 1 
ATOM   171  C "C2'" . DA  A 1 9  ? 17.905  6.824   -12.001 1.00 37.02 ? 9   DA  B "C2'" 1 
ATOM   172  C "C1'" . DA  A 1 9  ? 16.813  7.487   -11.170 1.00 33.33 ? 9   DA  B "C1'" 1 
ATOM   173  N N9    . DA  A 1 9  ? 16.711  8.947   -11.226 1.00 30.32 ? 9   DA  B N9    1 
ATOM   174  C C8    . DA  A 1 9  ? 17.733  9.863   -11.219 1.00 29.50 ? 9   DA  B C8    1 
ATOM   175  N N7    . DA  A 1 9  ? 17.328  11.110  -11.272 1.00 30.83 ? 9   DA  B N7    1 
ATOM   176  C C5    . DA  A 1 9  ? 15.944  11.013  -11.316 1.00 26.83 ? 9   DA  B C5    1 
ATOM   177  C C6    . DA  A 1 9  ? 14.929  11.984  -11.376 1.00 27.15 ? 9   DA  B C6    1 
ATOM   178  N N6    . DA  A 1 9  ? 15.163  13.299  -11.394 1.00 29.76 ? 9   DA  B N6    1 
ATOM   179  N N1    . DA  A 1 9  ? 13.647  11.555  -11.416 1.00 28.10 ? 9   DA  B N1    1 
ATOM   180  C C2    . DA  A 1 9  ? 13.414  10.238  -11.384 1.00 29.21 ? 9   DA  B C2    1 
ATOM   181  N N3    . DA  A 1 9  ? 14.281  9.228   -11.318 1.00 28.16 ? 9   DA  B N3    1 
ATOM   182  C C4    . DA  A 1 9  ? 15.547  9.687   -11.290 1.00 27.40 ? 9   DA  B C4    1 
ATOM   183  P P     . DT  A 1 10 ? 17.009  3.955   -12.976 1.00 43.17 ? 10  DT  B P     1 
ATOM   184  O OP1   . DT  A 1 10 ? 16.745  2.501   -12.837 1.00 41.77 ? 10  DT  B OP1   1 
ATOM   185  O OP2   . DT  A 1 10 ? 18.112  4.423   -13.859 1.00 44.46 ? 10  DT  B OP2   1 
ATOM   186  O "O5'" . DT  A 1 10 ? 15.652  4.644   -13.441 1.00 40.55 ? 10  DT  B "O5'" 1 
ATOM   187  C "C5'" . DT  A 1 10 ? 14.545  4.662   -12.553 1.00 38.50 ? 10  DT  B "C5'" 1 
ATOM   188  C "C4'" . DT  A 1 10 ? 13.270  5.036   -13.269 1.00 36.18 ? 10  DT  B "C4'" 1 
ATOM   189  O "O4'" . DT  A 1 10 ? 13.168  6.478   -13.367 1.00 34.39 ? 10  DT  B "O4'" 1 
ATOM   190  C "C3'" . DT  A 1 10 ? 13.222  4.533   -14.711 1.00 36.52 ? 10  DT  B "C3'" 1 
ATOM   191  O "O3'" . DT  A 1 10 ? 11.870  4.233   -15.057 1.00 38.17 ? 10  DT  B "O3'" 1 
ATOM   192  C "C2'" . DT  A 1 10 ? 13.807  5.695   -15.503 1.00 36.11 ? 10  DT  B "C2'" 1 
ATOM   193  C "C1'" . DT  A 1 10 ? 13.267  6.890   -14.725 1.00 35.22 ? 10  DT  B "C1'" 1 
ATOM   194  N N1    . DT  A 1 10 ? 13.995  8.178   -14.770 1.00 31.91 ? 10  DT  B N1    1 
ATOM   195  C C2    . DT  A 1 10 ? 13.234  9.331   -14.749 1.00 30.25 ? 10  DT  B C2    1 
ATOM   196  O O2    . DT  A 1 10 ? 12.015  9.328   -14.723 1.00 32.18 ? 10  DT  B O2    1 
ATOM   197  N N3    . DT  A 1 10 ? 13.956  10.495  -14.758 1.00 31.59 ? 10  DT  B N3    1 
ATOM   198  C C4    . DT  A 1 10 ? 15.329  10.628  -14.791 1.00 31.22 ? 10  DT  B C4    1 
ATOM   199  O O4    . DT  A 1 10 ? 15.838  11.747  -14.789 1.00 30.90 ? 10  DT  B O4    1 
ATOM   200  C C5    . DT  A 1 10 ? 16.068  9.386   -14.825 1.00 31.20 ? 10  DT  B C5    1 
ATOM   201  C C7    . DT  A 1 10 ? 17.561  9.443   -14.865 1.00 31.40 ? 10  DT  B C7    1 
ATOM   202  C C6    . DT  A 1 10 ? 15.374  8.235   -14.816 1.00 30.62 ? 10  DT  B C6    1 
ATOM   203  P P     . DG  A 1 11 ? 11.525  3.593   -16.493 1.00 37.91 ? 11  DG  B P     1 
ATOM   204  O OP1   . DG  A 1 11 ? 10.626  2.447   -16.214 1.00 37.68 ? 11  DG  B OP1   1 
ATOM   205  O OP2   . DG  A 1 11 ? 12.746  3.392   -17.309 1.00 37.62 ? 11  DG  B OP2   1 
ATOM   206  O "O5'" . DG  A 1 11 ? 10.665  4.746   -17.166 1.00 36.73 ? 11  DG  B "O5'" 1 
ATOM   207  C "C5'" . DG  A 1 11 ? 9.546   5.275   -16.472 1.00 35.65 ? 11  DG  B "C5'" 1 
ATOM   208  C "C4'" . DG  A 1 11 ? 8.765   6.212   -17.356 1.00 33.73 ? 11  DG  B "C4'" 1 
ATOM   209  O "O4'" . DG  A 1 11 ? 9.386   7.524   -17.347 1.00 34.59 ? 11  DG  B "O4'" 1 
ATOM   210  C "C3'" . DG  A 1 11 ? 8.796   5.758   -18.814 1.00 34.27 ? 11  DG  B "C3'" 1 
ATOM   211  O "O3'" . DG  A 1 11 ? 7.572   6.138   -19.449 1.00 35.42 ? 11  DG  B "O3'" 1 
ATOM   212  C "C2'" . DG  A 1 11 ? 10.023  6.472   -19.362 1.00 31.07 ? 11  DG  B "C2'" 1 
ATOM   213  C "C1'" . DG  A 1 11 ? 9.965   7.800   -18.618 1.00 32.58 ? 11  DG  B "C1'" 1 
ATOM   214  N N9    . DG  A 1 11 ? 11.224  8.518   -18.414 1.00 29.81 ? 11  DG  B N9    1 
ATOM   215  C C8    . DG  A 1 11 ? 12.484  7.978   -18.293 1.00 27.76 ? 11  DG  B C8    1 
ATOM   216  N N7    . DG  A 1 11 ? 13.415  8.883   -18.141 1.00 28.55 ? 11  DG  B N7    1 
ATOM   217  C C5    . DG  A 1 11 ? 12.731  10.092  -18.158 1.00 30.16 ? 11  DG  B C5    1 
ATOM   218  C C6    . DG  A 1 11 ? 13.212  11.430  -18.045 1.00 32.04 ? 11  DG  B C6    1 
ATOM   219  O O6    . DG  A 1 11 ? 14.373  11.828  -17.905 1.00 34.34 ? 11  DG  B O6    1 
ATOM   220  N N1    . DG  A 1 11 ? 12.177  12.350  -18.111 1.00 31.53 ? 11  DG  B N1    1 
ATOM   221  C C2    . DG  A 1 11 ? 10.852  12.039  -18.269 1.00 31.40 ? 11  DG  B C2    1 
ATOM   222  N N2    . DG  A 1 11 ? 10.001  13.087  -18.302 1.00 31.87 ? 11  DG  B N2    1 
ATOM   223  N N3    . DG  A 1 11 ? 10.391  10.805  -18.383 1.00 30.35 ? 11  DG  B N3    1 
ATOM   224  C C4    . DG  A 1 11 ? 11.378  9.886   -18.319 1.00 29.75 ? 11  DG  B C4    1 
ATOM   225  P P     . DC  A 1 12 ? 7.248   5.641   -20.946 1.00 34.76 ? 12  DC  B P     1 
ATOM   226  O OP1   . DC  A 1 12 ? 5.863   5.101   -20.937 1.00 35.99 ? 12  DC  B OP1   1 
ATOM   227  O OP2   . DC  A 1 12 ? 8.359   4.798   -21.448 1.00 32.51 ? 12  DC  B OP2   1 
ATOM   228  O "O5'" . DC  A 1 12 ? 7.251   6.997   -21.763 1.00 35.18 ? 12  DC  B "O5'" 1 
ATOM   229  C "C5'" . DC  A 1 12 ? 8.161   8.011   -21.412 1.00 40.40 ? 12  DC  B "C5'" 1 
ATOM   230  C "C4'" . DC  A 1 12 ? 7.577   9.370   -21.699 1.00 38.99 ? 12  DC  B "C4'" 1 
ATOM   231  O "O4'" . DC  A 1 12 ? 8.509   10.313  -21.133 1.00 38.91 ? 12  DC  B "O4'" 1 
ATOM   232  C "C3'" . DC  A 1 12 ? 7.467   9.725   -23.180 1.00 39.61 ? 12  DC  B "C3'" 1 
ATOM   233  O "O3'" . DC  A 1 12 ? 6.513   10.732  -23.512 1.00 44.04 ? 12  DC  B "O3'" 1 
ATOM   234  C "C2'" . DC  A 1 12 ? 8.841   10.284  -23.476 1.00 38.47 ? 12  DC  B "C2'" 1 
ATOM   235  C "C1'" . DC  A 1 12 ? 9.260   10.938  -22.161 1.00 38.22 ? 12  DC  B "C1'" 1 
ATOM   236  N N1    . DC  A 1 12 ? 10.678  10.678  -21.875 1.00 33.70 ? 12  DC  B N1    1 
ATOM   237  C C2    . DC  A 1 12 ? 11.504  11.744  -21.537 1.00 32.79 ? 12  DC  B C2    1 
ATOM   238  O O2    . DC  A 1 12 ? 11.005  12.874  -21.426 1.00 35.06 ? 12  DC  B O2    1 
ATOM   239  N N3    . DC  A 1 12 ? 12.821  11.522  -21.341 1.00 29.33 ? 12  DC  B N3    1 
ATOM   240  C C4    . DC  A 1 12 ? 13.315  10.286  -21.466 1.00 31.46 ? 12  DC  B C4    1 
ATOM   241  N N4    . DC  A 1 12 ? 14.626  10.113  -21.287 1.00 30.72 ? 12  DC  B N4    1 
ATOM   242  C C5    . DC  A 1 12 ? 12.486  9.172   -21.785 1.00 30.25 ? 12  DC  B C5    1 
ATOM   243  C C6    . DC  A 1 12 ? 11.186  9.410   -21.974 1.00 33.17 ? 12  DC  B C6    1 
ATOM   244  O "O5'" . DG  B 2 1  ? 19.416  19.994  -22.456 1.00 41.40 ? 1   DG  C "O5'" 1 
ATOM   245  C "C5'" . DG  B 2 1  ? 19.121  20.257  -21.086 1.00 41.60 ? 1   DG  C "C5'" 1 
ATOM   246  C "C4'" . DG  B 2 1  ? 17.627  20.353  -20.890 1.00 41.81 ? 1   DG  C "C4'" 1 
ATOM   247  O "O4'" . DG  B 2 1  ? 17.020  19.096  -21.275 1.00 39.91 ? 1   DG  C "O4'" 1 
ATOM   248  C "C3'" . DG  B 2 1  ? 17.184  20.611  -19.451 1.00 41.36 ? 1   DG  C "C3'" 1 
ATOM   249  O "O3'" . DG  B 2 1  ? 16.001  21.413  -19.456 1.00 43.95 ? 1   DG  C "O3'" 1 
ATOM   250  C "C2'" . DG  B 2 1  ? 16.893  19.218  -18.926 1.00 40.07 ? 1   DG  C "C2'" 1 
ATOM   251  C "C1'" . DG  B 2 1  ? 16.365  18.506  -20.161 1.00 39.28 ? 1   DG  C "C1'" 1 
ATOM   252  N N9    . DG  B 2 1  ? 16.642  17.074  -20.209 1.00 35.85 ? 1   DG  C N9    1 
ATOM   253  C C8    . DG  B 2 1  ? 17.856  16.450  -20.058 1.00 35.25 ? 1   DG  C C8    1 
ATOM   254  N N7    . DG  B 2 1  ? 17.788  15.156  -20.211 1.00 33.51 ? 1   DG  C N7    1 
ATOM   255  C C5    . DG  B 2 1  ? 16.445  14.913  -20.469 1.00 33.54 ? 1   DG  C C5    1 
ATOM   256  C C6    . DG  B 2 1  ? 15.761  13.699  -20.736 1.00 31.58 ? 1   DG  C C6    1 
ATOM   257  O O6    . DG  B 2 1  ? 16.222  12.556  -20.815 1.00 32.08 ? 1   DG  C O6    1 
ATOM   258  N N1    . DG  B 2 1  ? 14.404  13.910  -20.928 1.00 30.59 ? 1   DG  C N1    1 
ATOM   259  C C2    . DG  B 2 1  ? 13.782  15.132  -20.885 1.00 32.22 ? 1   DG  C C2    1 
ATOM   260  N N2    . DG  B 2 1  ? 12.457  15.135  -21.086 1.00 31.78 ? 1   DG  C N2    1 
ATOM   261  N N3    . DG  B 2 1  ? 14.410  16.270  -20.658 1.00 33.60 ? 1   DG  C N3    1 
ATOM   262  C C4    . DG  B 2 1  ? 15.725  16.087  -20.457 1.00 34.47 ? 1   DG  C C4    1 
ATOM   263  P P     . DC  B 2 2  ? 15.397  21.958  -18.071 1.00 46.92 ? 2   DC  C P     1 
ATOM   264  O OP1   . DC  B 2 2  ? 15.302  23.436  -18.168 1.00 47.59 ? 2   DC  C OP1   1 
ATOM   265  O OP2   . DC  B 2 2  ? 16.164  21.344  -16.957 1.00 45.99 ? 2   DC  C OP2   1 
ATOM   266  O "O5'" . DC  B 2 2  ? 13.923  21.355  -18.047 1.00 45.37 ? 2   DC  C "O5'" 1 
ATOM   267  C "C5'" . DC  B 2 2  ? 13.015  21.615  -19.115 1.00 43.90 ? 2   DC  C "C5'" 1 
ATOM   268  C "C4'" . DC  B 2 2  ? 11.737  20.831  -18.925 1.00 43.18 ? 2   DC  C "C4'" 1 
ATOM   269  O "O4'" . DC  B 2 2  ? 11.995  19.420  -19.116 1.00 42.03 ? 2   DC  C "O4'" 1 
ATOM   270  C "C3'" . DC  B 2 2  ? 11.091  20.963  -17.545 1.00 43.38 ? 2   DC  C "C3'" 1 
ATOM   271  O "O3'" . DC  B 2 2  ? 9.671   21.059  -17.675 1.00 44.93 ? 2   DC  C "O3'" 1 
ATOM   272  C "C2'" . DC  B 2 2  ? 11.471  19.669  -16.847 1.00 42.61 ? 2   DC  C "C2'" 1 
ATOM   273  C "C1'" . DC  B 2 2  ? 11.547  18.677  -17.991 1.00 41.65 ? 2   DC  C "C1'" 1 
ATOM   274  N N1    . DC  B 2 2  ? 12.501  17.574  -17.775 1.00 38.36 ? 2   DC  C N1    1 
ATOM   275  C C2    . DC  B 2 2  ? 12.063  16.255  -17.934 1.00 36.58 ? 2   DC  C C2    1 
ATOM   276  O O2    . DC  B 2 2  ? 10.884  16.049  -18.236 1.00 36.48 ? 2   DC  C O2    1 
ATOM   277  N N3    . DC  B 2 2  ? 12.938  15.239  -17.751 1.00 35.71 ? 2   DC  C N3    1 
ATOM   278  C C4    . DC  B 2 2  ? 14.201  15.502  -17.416 1.00 35.84 ? 2   DC  C C4    1 
ATOM   279  N N4    . DC  B 2 2  ? 15.029  14.471  -17.243 1.00 36.25 ? 2   DC  C N4    1 
ATOM   280  C C5    . DC  B 2 2  ? 14.673  16.835  -17.243 1.00 37.05 ? 2   DC  C C5    1 
ATOM   281  C C6    . DC  B 2 2  ? 13.797  17.832  -17.429 1.00 37.26 ? 2   DC  C C6    1 
ATOM   282  P P     . DA  B 2 3  ? 8.756   21.164  -16.357 1.00 47.77 ? 3   DA  C P     1 
ATOM   283  O OP1   . DA  B 2 3  ? 7.527   21.913  -16.730 1.00 46.31 ? 3   DA  C OP1   1 
ATOM   284  O OP2   . DA  B 2 3  ? 9.590   21.637  -15.224 1.00 46.01 ? 3   DA  C OP2   1 
ATOM   285  O "O5'" . DA  B 2 3  ? 8.344   19.653  -16.077 1.00 44.59 ? 3   DA  C "O5'" 1 
ATOM   286  C "C5'" . DA  B 2 3  ? 7.556   18.935  -17.019 1.00 45.13 ? 3   DA  C "C5'" 1 
ATOM   287  C "C4'" . DA  B 2 3  ? 7.101   17.624  -16.425 1.00 43.27 ? 3   DA  C "C4'" 1 
ATOM   288  O "O4'" . DA  B 2 3  ? 8.229   16.719  -16.330 1.00 42.28 ? 3   DA  C "O4'" 1 
ATOM   289  C "C3'" . DA  B 2 3  ? 6.519   17.737  -15.015 1.00 42.64 ? 3   DA  C "C3'" 1 
ATOM   290  O "O3'" . DA  B 2 3  ? 5.388   16.868  -14.893 1.00 46.38 ? 3   DA  C "O3'" 1 
ATOM   291  C "C2'" . DA  B 2 3  ? 7.666   17.286  -14.127 1.00 41.27 ? 3   DA  C "C2'" 1 
ATOM   292  C "C1'" . DA  B 2 3  ? 8.365   16.252  -14.997 1.00 38.61 ? 3   DA  C "C1'" 1 
ATOM   293  N N9    . DA  B 2 3  ? 9.794   16.073  -14.734 1.00 35.59 ? 3   DA  C N9    1 
ATOM   294  C C8    . DA  B 2 3  ? 10.722  17.033  -14.414 1.00 34.52 ? 3   DA  C C8    1 
ATOM   295  N N7    . DA  B 2 3  ? 11.938  16.565  -14.263 1.00 33.94 ? 3   DA  C N7    1 
ATOM   296  C C5    . DA  B 2 3  ? 11.802  15.204  -14.489 1.00 33.58 ? 3   DA  C C5    1 
ATOM   297  C C6    . DA  B 2 3  ? 12.732  14.143  -14.489 1.00 33.85 ? 3   DA  C C6    1 
ATOM   298  N N6    . DA  B 2 3  ? 14.037  14.298  -14.254 1.00 33.76 ? 3   DA  C N6    1 
ATOM   299  N N1    . DA  B 2 3  ? 12.267  12.903  -14.754 1.00 32.05 ? 3   DA  C N1    1 
ATOM   300  C C2    . DA  B 2 3  ? 10.965  12.750  -15.006 1.00 32.64 ? 3   DA  C C2    1 
ATOM   301  N N3    . DA  B 2 3  ? 9.995   13.666  -15.043 1.00 32.92 ? 3   DA  C N3    1 
ATOM   302  C C4    . DA  B 2 3  ? 10.485  14.886  -14.774 1.00 33.98 ? 3   DA  C C4    1 
ATOM   303  P P     . DT  B 2 4  ? 4.457   16.937  -13.582 1.00 47.63 ? 4   DT  C P     1 
ATOM   304  O OP1   . DT  B 2 4  ? 3.050   17.036  -14.043 1.00 50.22 ? 4   DT  C OP1   1 
ATOM   305  O OP2   . DT  B 2 4  ? 5.008   17.955  -12.653 1.00 46.80 ? 4   DT  C OP2   1 
ATOM   306  O "O5'" . DT  B 2 4  ? 4.662   15.510  -12.918 1.00 46.86 ? 4   DT  C "O5'" 1 
ATOM   307  C "C5'" . DT  B 2 4  ? 5.962   14.954  -12.862 1.00 44.64 ? 4   DT  C "C5'" 1 
ATOM   308  C "C4'" . DT  B 2 4  ? 5.903   13.450  -12.788 1.00 41.71 ? 4   DT  C "C4'" 1 
ATOM   309  O "O4'" . DT  B 2 4  ? 7.260   13.004  -12.991 1.00 39.91 ? 4   DT  C "O4'" 1 
ATOM   310  C "C3'" . DT  B 2 4  ? 5.483   12.909  -11.423 1.00 41.15 ? 4   DT  C "C3'" 1 
ATOM   311  O "O3'" . DT  B 2 4  ? 4.856   11.623  -11.548 1.00 41.02 ? 4   DT  C "O3'" 1 
ATOM   312  C "C2'" . DT  B 2 4  ? 6.798   12.817  -10.674 1.00 39.79 ? 4   DT  C "C2'" 1 
ATOM   313  C "C1'" . DT  B 2 4  ? 7.822   12.552  -11.775 1.00 39.14 ? 4   DT  C "C1'" 1 
ATOM   314  N N1    . DT  B 2 4  ? 9.096   13.270  -11.586 1.00 37.63 ? 4   DT  C N1    1 
ATOM   315  C C2    . DT  B 2 4  ? 10.255  12.540  -11.676 1.00 35.28 ? 4   DT  C C2    1 
ATOM   316  O O2    . DT  B 2 4  ? 10.265  11.344  -11.917 1.00 34.12 ? 4   DT  C O2    1 
ATOM   317  N N3    . DT  B 2 4  ? 11.404  13.260  -11.469 1.00 35.58 ? 4   DT  C N3    1 
ATOM   318  C C4    . DT  B 2 4  ? 11.504  14.611  -11.192 1.00 36.18 ? 4   DT  C C4    1 
ATOM   319  O O4    . DT  B 2 4  ? 12.607  15.124  -11.034 1.00 35.50 ? 4   DT  C O4    1 
ATOM   320  C C5    . DT  B 2 4  ? 10.246  15.319  -11.116 1.00 37.03 ? 4   DT  C C5    1 
ATOM   321  C C7    . DT  B 2 4  ? 10.258  16.784  -10.816 1.00 37.84 ? 4   DT  C C7    1 
ATOM   322  C C6    . DT  B 2 4  ? 9.118   14.624  -11.319 1.00 36.92 ? 4   DT  C C6    1 
ATOM   323  P P     . DA  B 2 5  ? 4.493   10.781  -10.226 1.00 38.97 ? 5   DA  C P     1 
ATOM   324  O OP1   . DA  B 2 5  ? 3.327   9.918   -10.548 1.00 40.81 ? 5   DA  C OP1   1 
ATOM   325  O OP2   . DA  B 2 5  ? 4.432   11.697  -9.063  1.00 41.79 ? 5   DA  C OP2   1 
ATOM   326  O "O5'" . DA  B 2 5  ? 5.752   9.826   -10.019 1.00 36.98 ? 5   DA  C "O5'" 1 
ATOM   327  C "C5'" . DA  B 2 5  ? 6.179   8.954   -11.058 1.00 32.64 ? 5   DA  C "C5'" 1 
ATOM   328  C "C4'" . DA  B 2 5  ? 7.327   8.099   -10.580 1.00 29.68 ? 5   DA  C "C4'" 1 
ATOM   329  O "O4'" . DA  B 2 5  ? 8.546   8.879   -10.507 1.00 26.75 ? 5   DA  C "O4'" 1 
ATOM   330  C "C3'" . DA  B 2 5  ? 7.112   7.505   -9.186  1.00 29.02 ? 5   DA  C "C3'" 1 
ATOM   331  O "O3'" . DA  B 2 5  ? 7.509   6.128   -9.186  1.00 29.11 ? 5   DA  C "O3'" 1 
ATOM   332  C "C2'" . DA  B 2 5  ? 7.992   8.364   -8.289  1.00 28.33 ? 5   DA  C "C2'" 1 
ATOM   333  C "C1'" . DA  B 2 5  ? 9.127   8.776   -9.217  1.00 26.09 ? 5   DA  C "C1'" 1 
ATOM   334  N N9    . DA  B 2 5  ? 9.744   10.067  -8.909  1.00 26.15 ? 5   DA  C N9    1 
ATOM   335  C C8    . DA  B 2 5  ? 9.115   11.285  -8.822  1.00 24.96 ? 5   DA  C C8    1 
ATOM   336  N N7    . DA  B 2 5  ? 9.927   12.283  -8.574  1.00 24.66 ? 5   DA  C N7    1 
ATOM   337  C C5    . DA  B 2 5  ? 11.173  11.682  -8.477  1.00 24.93 ? 5   DA  C C5    1 
ATOM   338  C C6    . DA  B 2 5  ? 12.455  12.205  -8.224  1.00 24.22 ? 5   DA  C C6    1 
ATOM   339  N N6    . DA  B 2 5  ? 12.700  13.503  -8.049  1.00 24.50 ? 5   DA  C N6    1 
ATOM   340  N N1    . DA  B 2 5  ? 13.489  11.336  -8.164  1.00 24.81 ? 5   DA  C N1    1 
ATOM   341  C C2    . DA  B 2 5  ? 13.239  10.036  -8.366  1.00 22.03 ? 5   DA  C C2    1 
ATOM   342  N N3    . DA  B 2 5  ? 12.085  9.429   -8.633  1.00 24.99 ? 5   DA  C N3    1 
ATOM   343  C C4    . DA  B 2 5  ? 11.077  10.317  -8.671  1.00 22.87 ? 5   DA  C C4    1 
ATOM   344  P P     . DT  B 2 6  ? 7.413   5.272   -7.830  1.00 31.14 ? 6   DT  C P     1 
ATOM   345  O OP1   . DT  B 2 6  ? 7.077   3.879   -8.208  1.00 30.21 ? 6   DT  C OP1   1 
ATOM   346  O OP2   . DT  B 2 6  ? 6.572   5.993   -6.838  1.00 30.66 ? 6   DT  C OP2   1 
ATOM   347  O "O5'" . DT  B 2 6  ? 8.912   5.276   -7.307  1.00 30.05 ? 6   DT  C "O5'" 1 
ATOM   348  C "C5'" . DT  B 2 6  ? 9.961   4.878   -8.182  1.00 31.47 ? 6   DT  C "C5'" 1 
ATOM   349  C "C4'" . DT  B 2 6  ? 11.280  4.881   -7.455  1.00 27.01 ? 6   DT  C "C4'" 1 
ATOM   350  O "O4'" . DT  B 2 6  ? 11.735  6.235   -7.246  1.00 29.38 ? 6   DT  C "O4'" 1 
ATOM   351  C "C3'" . DT  B 2 6  ? 11.258  4.214   -6.080  1.00 29.79 ? 6   DT  C "C3'" 1 
ATOM   352  O "O3'" . DT  B 2 6  ? 12.423  3.403   -5.987  1.00 29.25 ? 6   DT  C "O3'" 1 
ATOM   353  C "C2'" . DT  B 2 6  ? 11.276  5.388   -5.112  1.00 27.87 ? 6   DT  C "C2'" 1 
ATOM   354  C "C1'" . DT  B 2 6  ? 12.088  6.415   -5.881  1.00 25.73 ? 6   DT  C "C1'" 1 
ATOM   355  N N1    . DT  B 2 6  ? 11.857  7.836   -5.548  1.00 23.45 ? 6   DT  C N1    1 
ATOM   356  C C2    . DT  B 2 6  ? 12.973  8.618   -5.378  1.00 22.08 ? 6   DT  C C2    1 
ATOM   357  O O2    . DT  B 2 6  ? 14.106  8.175   -5.423  1.00 23.58 ? 6   DT  C O2    1 
ATOM   358  N N3    . DT  B 2 6  ? 12.720  9.946   -5.157  1.00 20.72 ? 6   DT  C N3    1 
ATOM   359  C C4    . DT  B 2 6  ? 11.492  10.559  -5.092  1.00 20.41 ? 6   DT  C C4    1 
ATOM   360  O O4    . DT  B 2 6  ? 11.431  11.772  -4.923  1.00 22.12 ? 6   DT  C O4    1 
ATOM   361  C C5    . DT  B 2 6  ? 10.350  9.678   -5.247  1.00 23.01 ? 6   DT  C C5    1 
ATOM   362  C C7    . DT  B 2 6  ? 8.973   10.265  -5.188  1.00 24.59 ? 6   DT  C C7    1 
ATOM   363  C C6    . DT  B 2 6  ? 10.585  8.369   -5.451  1.00 22.32 ? 6   DT  C C6    1 
ATOM   364  P P     . DA  B 2 7  ? 12.749  2.603   -4.644  1.00 31.04 ? 7   DA  C P     1 
ATOM   365  O OP1   . DA  B 2 7  ? 13.194  1.243   -5.045  1.00 29.61 ? 7   DA  C OP1   1 
ATOM   366  O OP2   . DA  B 2 7  ? 11.637  2.745   -3.673  1.00 30.50 ? 7   DA  C OP2   1 
ATOM   367  O "O5'" . DA  B 2 7  ? 14.050  3.359   -4.115  1.00 30.09 ? 7   DA  C "O5'" 1 
ATOM   368  C "C5'" . DA  B 2 7  ? 15.199  3.473   -4.969  1.00 30.49 ? 7   DA  C "C5'" 1 
ATOM   369  C "C4'" . DA  B 2 7  ? 16.321  4.220   -4.284  1.00 29.53 ? 7   DA  C "C4'" 1 
ATOM   370  O "O4'" . DA  B 2 7  ? 15.925  5.592   -4.053  1.00 27.73 ? 7   DA  C "O4'" 1 
ATOM   371  C "C3'" . DA  B 2 7  ? 16.765  3.679   -2.926  1.00 31.95 ? 7   DA  C "C3'" 1 
ATOM   372  O "O3'" . DA  B 2 7  ? 18.186  3.871   -2.818  1.00 34.25 ? 7   DA  C "O3'" 1 
ATOM   373  C "C2'" . DA  B 2 7  ? 15.990  4.548   -1.947  1.00 28.58 ? 7   DA  C "C2'" 1 
ATOM   374  C "C1'" . DA  B 2 7  ? 15.962  5.895   -2.660  1.00 26.59 ? 7   DA  C "C1'" 1 
ATOM   375  N N9    . DA  B 2 7  ? 14.805  6.752   -2.386  1.00 23.24 ? 7   DA  C N9    1 
ATOM   376  C C8    . DA  B 2 7  ? 13.482  6.394   -2.417  1.00 24.53 ? 7   DA  C C8    1 
ATOM   377  N N7    . DA  B 2 7  ? 12.658  7.398   -2.243  1.00 25.70 ? 7   DA  C N7    1 
ATOM   378  C C5    . DA  B 2 7  ? 13.496  8.487   -2.057  1.00 20.90 ? 7   DA  C C5    1 
ATOM   379  C C6    . DA  B 2 7  ? 13.238  9.848   -1.832  1.00 21.81 ? 7   DA  C C6    1 
ATOM   380  N N6    . DA  B 2 7  ? 12.011  10.369  -1.769  1.00 20.53 ? 7   DA  C N6    1 
ATOM   381  N N1    . DA  B 2 7  ? 14.298  10.671  -1.678  1.00 24.25 ? 7   DA  C N1    1 
ATOM   382  C C2    . DA  B 2 7  ? 15.527  10.152  -1.759  1.00 24.69 ? 7   DA  C C2    1 
ATOM   383  N N3    . DA  B 2 7  ? 15.899  8.892   -1.976  1.00 24.02 ? 7   DA  C N3    1 
ATOM   384  C C4    . DA  B 2 7  ? 14.822  8.099   -2.119  1.00 21.41 ? 7   DA  C C4    1 
ATOM   385  P P     . DT  B 2 8  ? 19.028  3.122   -1.662  1.00 37.85 ? 8   DT  C P     1 
ATOM   386  O OP1   . DT  B 2 8  ? 20.261  2.583   -2.296  1.00 39.33 ? 8   DT  C OP1   1 
ATOM   387  O OP2   . DT  B 2 8  ? 18.179  2.233   -0.846  1.00 36.32 ? 8   DT  C OP2   1 
ATOM   388  O "O5'" . DT  B 2 8  ? 19.477  4.323   -0.730  1.00 39.21 ? 8   DT  C "O5'" 1 
ATOM   389  C "C5'" . DT  B 2 8  ? 18.633  5.439   -0.586  1.00 38.85 ? 8   DT  C "C5'" 1 
ATOM   390  C "C4'" . DT  B 2 8  ? 19.367  6.570   0.078   1.00 37.03 ? 8   DT  C "C4'" 1 
ATOM   391  O "O4'" . DT  B 2 8  ? 18.440  7.672   0.108   1.00 36.25 ? 8   DT  C "O4'" 1 
ATOM   392  C "C3'" . DT  B 2 8  ? 19.755  6.290   1.529   1.00 35.66 ? 8   DT  C "C3'" 1 
ATOM   393  O "O3'" . DT  B 2 8  ? 20.995  6.937   1.840   1.00 37.70 ? 8   DT  C "O3'" 1 
ATOM   394  C "C2'" . DT  B 2 8  ? 18.578  6.837   2.319   1.00 35.34 ? 8   DT  C "C2'" 1 
ATOM   395  C "C1'" . DT  B 2 8  ? 18.037  7.955   1.434   1.00 33.86 ? 8   DT  C "C1'" 1 
ATOM   396  N N1    . DT  B 2 8  ? 16.567  8.109   1.421   1.00 30.42 ? 8   DT  C N1    1 
ATOM   397  C C2    . DT  B 2 8  ? 16.078  9.386   1.534   1.00 30.05 ? 8   DT  C C2    1 
ATOM   398  O O2    . DT  B 2 8  ? 16.799  10.355  1.648   1.00 29.83 ? 8   DT  C O2    1 
ATOM   399  N N3    . DT  B 2 8  ? 14.711  9.485   1.509   1.00 26.79 ? 8   DT  C N3    1 
ATOM   400  C C4    . DT  B 2 8  ? 13.802  8.449   1.388   1.00 27.76 ? 8   DT  C C4    1 
ATOM   401  O O4    . DT  B 2 8  ? 12.595  8.688   1.377   1.00 25.95 ? 8   DT  C O4    1 
ATOM   402  C C5    . DT  B 2 8  ? 14.383  7.132   1.276   1.00 26.71 ? 8   DT  C C5    1 
ATOM   403  C C7    . DT  B 2 8  ? 13.474  5.951   1.142   1.00 26.67 ? 8   DT  C C7    1 
ATOM   404  C C6    . DT  B 2 8  ? 15.721  7.028   1.297   1.00 29.55 ? 8   DT  C C6    1 
ATOM   405  P P     . DT  B 2 9  ? 21.669  6.735   3.290   1.00 39.41 ? 9   DT  C P     1 
ATOM   406  O OP1   . DT  B 2 9  ? 23.119  7.039   3.146   1.00 39.12 ? 9   DT  C OP1   1 
ATOM   407  O OP2   . DT  B 2 9  ? 21.243  5.433   3.855   1.00 38.40 ? 9   DT  C OP2   1 
ATOM   408  O "O5'" . DT  B 2 9  ? 21.020  7.897   4.158   1.00 38.10 ? 9   DT  C "O5'" 1 
ATOM   409  C "C5'" . DT  B 2 9  ? 21.336  9.255   3.896   1.00 36.61 ? 9   DT  C "C5'" 1 
ATOM   410  C "C4'" . DT  B 2 9  ? 20.598  10.150  4.862   1.00 36.30 ? 9   DT  C "C4'" 1 
ATOM   411  O "O4'" . DT  B 2 9  ? 19.183  10.148  4.557   1.00 34.48 ? 9   DT  C "O4'" 1 
ATOM   412  C "C3'" . DT  B 2 9  ? 20.715  9.730   6.331   1.00 36.02 ? 9   DT  C "C3'" 1 
ATOM   413  O "O3'" . DT  B 2 9  ? 20.712  10.906  7.132   1.00 37.74 ? 9   DT  C "O3'" 1 
ATOM   414  C "C2'" . DT  B 2 9  ? 19.395  9.017   6.578   1.00 35.15 ? 9   DT  C "C2'" 1 
ATOM   415  C "C1'" . DT  B 2 9  ? 18.476  9.898   5.759   1.00 33.17 ? 9   DT  C "C1'" 1 
ATOM   416  N N1    . DT  B 2 9  ? 17.144  9.359   5.418   1.00 32.60 ? 9   DT  C N1    1 
ATOM   417  C C2    . DT  B 2 9  ? 16.131  10.274  5.279   1.00 30.17 ? 9   DT  C C2    1 
ATOM   418  O O2    . DT  B 2 9  ? 16.296  11.471  5.427   1.00 31.81 ? 9   DT  C O2    1 
ATOM   419  N N3    . DT  B 2 9  ? 14.909  9.738   4.958   1.00 31.79 ? 9   DT  C N3    1 
ATOM   420  C C4    . DT  B 2 9  ? 14.607  8.404   4.775   1.00 31.57 ? 9   DT  C C4    1 
ATOM   421  O O4    . DT  B 2 9  ? 13.462  8.076   4.483   1.00 33.79 ? 9   DT  C O4    1 
ATOM   422  C C5    . DT  B 2 9  ? 15.714  7.493   4.946   1.00 31.25 ? 9   DT  C C5    1 
ATOM   423  C C7    . DT  B 2 9  ? 15.475  6.026   4.781   1.00 34.29 ? 9   DT  C C7    1 
ATOM   424  C C6    . DT  B 2 9  ? 16.917  8.008   5.251   1.00 31.12 ? 9   DT  C C6    1 
ATOM   425  P P     . DA  B 2 10 ? 21.976  11.266  8.054   1.00 36.77 ? 10  DA  C P     1 
ATOM   426  O OP1   . DA  B 2 10 ? 23.183  11.287  7.193   1.00 37.66 ? 10  DA  C OP1   1 
ATOM   427  O OP2   . DA  B 2 10 ? 21.948  10.409  9.265   1.00 37.66 ? 10  DA  C OP2   1 
ATOM   428  O "O5'" . DA  B 2 10 ? 21.654  12.763  8.480   1.00 36.19 ? 10  DA  C "O5'" 1 
ATOM   429  C "C5'" . DA  B 2 10 ? 21.558  13.792  7.502   1.00 35.59 ? 10  DA  C "C5'" 1 
ATOM   430  C "C4'" . DA  B 2 10 ? 20.509  14.801  7.912   1.00 34.79 ? 10  DA  C "C4'" 1 
ATOM   431  O "O4'" . DA  B 2 10 ? 19.180  14.253  7.746   1.00 34.02 ? 10  DA  C "O4'" 1 
ATOM   432  C "C3'" . DA  B 2 10 ? 20.595  15.242  9.369   1.00 34.04 ? 10  DA  C "C3'" 1 
ATOM   433  O "O3'" . DA  B 2 10 ? 20.205  16.614  9.443   1.00 35.84 ? 10  DA  C "O3'" 1 
ATOM   434  C "C2'" . DA  B 2 10 ? 19.582  14.343  10.061  1.00 32.58 ? 10  DA  C "C2'" 1 
ATOM   435  C "C1'" . DA  B 2 10 ? 18.504  14.196  8.996   1.00 32.17 ? 10  DA  C "C1'" 1 
ATOM   436  N N9    . DA  B 2 10 ? 17.758  12.938  9.016   1.00 30.87 ? 10  DA  C N9    1 
ATOM   437  C C8    . DA  B 2 10 ? 18.247  11.664  9.182   1.00 30.46 ? 10  DA  C C8    1 
ATOM   438  N N7    . DA  B 2 10 ? 17.334  10.728  9.045   1.00 31.15 ? 10  DA  C N7    1 
ATOM   439  C C5    . DA  B 2 10 ? 16.164  11.435  8.800   1.00 28.44 ? 10  DA  C C5    1 
ATOM   440  C C6    . DA  B 2 10 ? 14.842  11.020  8.550   1.00 30.39 ? 10  DA  C C6    1 
ATOM   441  N N6    . DA  B 2 10 ? 14.469  9.741   8.491   1.00 31.34 ? 10  DA  C N6    1 
ATOM   442  N N1    . DA  B 2 10 ? 13.909  11.975  8.356   1.00 31.05 ? 10  DA  C N1    1 
ATOM   443  C C2    . DA  B 2 10 ? 14.287  13.259  8.400   1.00 29.36 ? 10  DA  C C2    1 
ATOM   444  N N3    . DA  B 2 10 ? 15.502  13.774  8.617   1.00 28.43 ? 10  DA  C N3    1 
ATOM   445  C C4    . DA  B 2 10 ? 16.404  12.796  8.808   1.00 29.59 ? 10  DA  C C4    1 
ATOM   446  P P     . DG  B 2 11 ? 20.301  17.396  10.837  1.00 38.14 ? 11  DG  C P     1 
ATOM   447  O OP1   . DG  B 2 11 ? 20.674  18.797  10.503  1.00 36.27 ? 11  DG  C OP1   1 
ATOM   448  O OP2   . DG  B 2 11 ? 21.150  16.603  11.762  1.00 35.75 ? 11  DG  C OP2   1 
ATOM   449  O "O5'" . DG  B 2 11 ? 18.798  17.389  11.363  1.00 35.69 ? 11  DG  C "O5'" 1 
ATOM   450  C "C5'" . DG  B 2 11 ? 17.790  18.068  10.627  1.00 36.86 ? 11  DG  C "C5'" 1 
ATOM   451  C "C4'" . DG  B 2 11 ? 16.431  17.841  11.241  1.00 36.21 ? 11  DG  C "C4'" 1 
ATOM   452  O "O4'" . DG  B 2 11 ? 16.000  16.472  11.047  1.00 35.65 ? 11  DG  C "O4'" 1 
ATOM   453  C "C3'" . DG  B 2 11 ? 16.314  18.130  12.739  1.00 37.15 ? 11  DG  C "C3'" 1 
ATOM   454  O "O3'" . DG  B 2 11 ? 15.141  18.917  12.949  1.00 39.67 ? 11  DG  C "O3'" 1 
ATOM   455  C "C2'" . DG  B 2 11 ? 16.173  16.747  13.358  1.00 35.44 ? 11  DG  C "C2'" 1 
ATOM   456  C "C1'" . DG  B 2 11 ? 15.448  15.982  12.258  1.00 35.21 ? 11  DG  C "C1'" 1 
ATOM   457  N N9    . DG  B 2 11 ? 15.602  14.529  12.259  1.00 29.96 ? 11  DG  C N9    1 
ATOM   458  C C8    . DG  B 2 11 ? 16.739  13.810  12.524  1.00 29.88 ? 11  DG  C C8    1 
ATOM   459  N N7    . DG  B 2 11 ? 16.568  12.522  12.418  1.00 27.38 ? 11  DG  C N7    1 
ATOM   460  C C5    . DG  B 2 11 ? 15.234  12.374  12.062  1.00 28.53 ? 11  DG  C C5    1 
ATOM   461  C C6    . DG  B 2 11 ? 14.471  11.195  11.792  1.00 30.91 ? 11  DG  C C6    1 
ATOM   462  O O6    . DG  B 2 11 ? 14.838  10.013  11.813  1.00 29.36 ? 11  DG  C O6    1 
ATOM   463  N N1    . DG  B 2 11 ? 13.156  11.500  11.466  1.00 27.40 ? 11  DG  C N1    1 
ATOM   464  C C2    . DG  B 2 11 ? 12.634  12.766  11.403  1.00 30.13 ? 11  DG  C C2    1 
ATOM   465  N N2    . DG  B 2 11 ? 11.339  12.845  11.067  1.00 26.08 ? 11  DG  C N2    1 
ATOM   466  N N3    . DG  B 2 11 ? 13.333  13.873  11.647  1.00 29.04 ? 11  DG  C N3    1 
ATOM   467  C C4    . DG  B 2 11 ? 14.617  13.600  11.968  1.00 30.25 ? 11  DG  C C4    1 
ATOM   468  P P     . DC  B 2 12 ? 14.964  19.767  14.296  1.00 41.61 ? 12  DC  C P     1 
ATOM   469  O OP1   . DC  B 2 12 ? 14.605  21.155  13.914  1.00 42.82 ? 12  DC  C OP1   1 
ATOM   470  O OP2   . DC  B 2 12 ? 16.108  19.526  15.214  1.00 41.52 ? 12  DC  C OP2   1 
ATOM   471  O "O5'" . DC  B 2 12 ? 13.664  19.128  14.939  1.00 41.47 ? 12  DC  C "O5'" 1 
ATOM   472  C "C5'" . DC  B 2 12 ? 13.280  17.821  14.572  1.00 44.51 ? 12  DC  C "C5'" 1 
ATOM   473  C "C4'" . DC  B 2 12 ? 11.778  17.702  14.569  1.00 43.77 ? 12  DC  C "C4'" 1 
ATOM   474  O "O4'" . DC  B 2 12 ? 11.488  16.377  14.087  1.00 42.40 ? 12  DC  C "O4'" 1 
ATOM   475  C "C3'" . DC  B 2 12 ? 11.168  17.774  15.965  1.00 43.32 ? 12  DC  C "C3'" 1 
ATOM   476  O "O3'" . DC  B 2 12 ? 9.788   18.092  15.874  1.00 47.95 ? 12  DC  C "O3'" 1 
ATOM   477  C "C2'" . DC  B 2 12 ? 11.305  16.344  16.453  1.00 42.19 ? 12  DC  C "C2'" 1 
ATOM   478  C "C1'" . DC  B 2 12 ? 11.184  15.518  15.174  1.00 38.89 ? 12  DC  C "C1'" 1 
ATOM   479  N N1    . DC  B 2 12 ? 12.124  14.386  15.118  1.00 35.47 ? 12  DC  C N1    1 
ATOM   480  C C2    . DC  B 2 12 ? 11.634  13.124  14.772  1.00 30.79 ? 12  DC  C C2    1 
ATOM   481  O O2    . DC  B 2 12 ? 10.446  13.010  14.475  1.00 29.81 ? 12  DC  C O2    1 
ATOM   482  N N3    . DC  B 2 12 ? 12.470  12.065  14.772  1.00 28.25 ? 12  DC  C N3    1 
ATOM   483  C C4    . DC  B 2 12 ? 13.754  12.229  15.090  1.00 28.56 ? 12  DC  C C4    1 
ATOM   484  N N4    . DC  B 2 12 ? 14.535  11.144  15.093  1.00 27.87 ? 12  DC  C N4    1 
ATOM   485  C C5    . DC  B 2 12 ? 14.292  13.510  15.420  1.00 29.52 ? 12  DC  C C5    1 
ATOM   486  C C6    . DC  B 2 12 ? 13.448  14.553  15.418  1.00 31.86 ? 12  DC  C C6    1 
ATOM   487  N N     . GLU C 3 7  ? -4.763  -11.785 10.339  1.00 57.68 ? 370 GLU A N     1 
ATOM   488  C CA    . GLU C 3 7  ? -3.313  -11.457 10.258  1.00 57.20 ? 370 GLU A CA    1 
ATOM   489  C C     . GLU C 3 7  ? -2.939  -10.979 8.861   1.00 55.81 ? 370 GLU A C     1 
ATOM   490  O O     . GLU C 3 7  ? -3.805  -10.621 8.064   1.00 56.50 ? 370 GLU A O     1 
ATOM   491  C CB    . GLU C 3 7  ? -2.471  -12.684 10.602  1.00 58.73 ? 370 GLU A CB    1 
ATOM   492  C CG    . GLU C 3 7  ? -2.727  -13.251 11.982  1.00 61.74 ? 370 GLU A CG    1 
ATOM   493  C CD    . GLU C 3 7  ? -1.831  -14.432 12.281  1.00 62.71 ? 370 GLU A CD    1 
ATOM   494  O OE1   . GLU C 3 7  ? -0.598  -14.242 12.338  1.00 63.92 ? 370 GLU A OE1   1 
ATOM   495  O OE2   . GLU C 3 7  ? -2.357  -15.551 12.449  1.00 65.18 ? 370 GLU A OE2   1 
ATOM   496  N N     . VAL C 3 8  ? -1.642  -10.985 8.571   1.00 53.65 ? 371 VAL A N     1 
ATOM   497  C CA    . VAL C 3 8  ? -1.149  -10.550 7.272   1.00 51.51 ? 371 VAL A CA    1 
ATOM   498  C C     . VAL C 3 8  ? -0.396  -11.671 6.567   1.00 50.23 ? 371 VAL A C     1 
ATOM   499  O O     . VAL C 3 8  ? 0.312   -12.454 7.201   1.00 49.92 ? 371 VAL A O     1 
ATOM   500  C CB    . VAL C 3 8  ? -0.202  -9.329  7.407   1.00 51.59 ? 371 VAL A CB    1 
ATOM   501  C CG1   . VAL C 3 8  ? 0.951   -9.661  8.334   1.00 52.06 ? 371 VAL A CG1   1 
ATOM   502  C CG2   . VAL C 3 8  ? 0.330   -8.927  6.040   1.00 50.38 ? 371 VAL A CG2   1 
ATOM   503  N N     . SER C 3 9  ? -0.567  -11.745 5.251   1.00 48.47 ? 372 SER A N     1 
ATOM   504  C CA    . SER C 3 9  ? 0.103   -12.747 4.436   1.00 46.76 ? 372 SER A CA    1 
ATOM   505  C C     . SER C 3 9  ? 1.527   -12.304 4.147   1.00 45.55 ? 372 SER A C     1 
ATOM   506  O O     . SER C 3 9  ? 1.793   -11.114 3.996   1.00 45.48 ? 372 SER A O     1 
ATOM   507  C CB    . SER C 3 9  ? -0.627  -12.936 3.107   1.00 46.67 ? 372 SER A CB    1 
ATOM   508  O OG    . SER C 3 9  ? 0.219   -13.592 2.177   1.00 45.81 ? 372 SER A OG    1 
ATOM   509  N N     . SER C 3 10 ? 2.437   -13.267 4.060   1.00 43.84 ? 373 SER A N     1 
ATOM   510  C CA    . SER C 3 10 ? 3.836   -12.972 3.784   1.00 43.24 ? 373 SER A CA    1 
ATOM   511  C C     . SER C 3 10 ? 4.020   -12.644 2.307   1.00 42.75 ? 373 SER A C     1 
ATOM   512  O O     . SER C 3 10 ? 5.134   -12.408 1.844   1.00 42.38 ? 373 SER A O     1 
ATOM   513  C CB    . SER C 3 10 ? 4.705   -14.168 4.167   1.00 44.79 ? 373 SER A CB    1 
ATOM   514  O OG    . SER C 3 10 ? 4.580   -14.455 5.552   1.00 47.10 ? 373 SER A OG    1 
ATOM   515  N N     . GLU C 3 11 ? 2.911   -12.631 1.573   1.00 42.60 ? 374 GLU A N     1 
ATOM   516  C CA    . GLU C 3 11 ? 2.926   -12.330 0.146   1.00 42.87 ? 374 GLU A CA    1 
ATOM   517  C C     . GLU C 3 11 ? 2.504   -10.878 -0.097  1.00 40.52 ? 374 GLU A C     1 
ATOM   518  O O     . GLU C 3 11 ? 2.509   -10.401 -1.234  1.00 39.90 ? 374 GLU A O     1 
ATOM   519  C CB    . GLU C 3 11 ? 1.971   -13.283 -0.577  1.00 45.81 ? 374 GLU A CB    1 
ATOM   520  C CG    . GLU C 3 11 ? 2.053   -13.251 -2.096  1.00 52.22 ? 374 GLU A CG    1 
ATOM   521  C CD    . GLU C 3 11 ? 1.225   -14.354 -2.746  1.00 54.98 ? 374 GLU A CD    1 
ATOM   522  O OE1   . GLU C 3 11 ? 1.178   -14.408 -3.995  1.00 56.64 ? 374 GLU A OE1   1 
ATOM   523  O OE2   . GLU C 3 11 ? 0.625   -15.167 -2.007  1.00 56.08 ? 374 GLU A OE2   1 
ATOM   524  N N     . ILE C 3 12 ? 2.144   -10.184 0.980   1.00 37.60 ? 375 ILE A N     1 
ATOM   525  C CA    . ILE C 3 12 ? 1.702   -8.791  0.900   1.00 36.23 ? 375 ILE A CA    1 
ATOM   526  C C     . ILE C 3 12 ? 2.646   -7.922  0.073   1.00 35.10 ? 375 ILE A C     1 
ATOM   527  O O     . ILE C 3 12 ? 2.200   -7.120  -0.749  1.00 35.04 ? 375 ILE A O     1 
ATOM   528  C CB    . ILE C 3 12 ? 1.541   -8.175  2.319   1.00 35.77 ? 375 ILE A CB    1 
ATOM   529  C CG1   . ILE C 3 12 ? 1.064   -6.720  2.226   1.00 35.11 ? 375 ILE A CG1   1 
ATOM   530  C CG2   . ILE C 3 12 ? 2.863   -8.236  3.069   1.00 35.86 ? 375 ILE A CG2   1 
ATOM   531  C CD1   . ILE C 3 12 ? -0.279  -6.529  1.547   1.00 32.56 ? 375 ILE A CD1   1 
ATOM   532  N N     . TYR C 3 13 ? 3.949   -8.086  0.285   1.00 33.73 ? 376 TYR A N     1 
ATOM   533  C CA    . TYR C 3 13 ? 4.941   -7.313  -0.447  1.00 35.04 ? 376 TYR A CA    1 
ATOM   534  C C     . TYR C 3 13 ? 4.810   -7.523  -1.954  1.00 35.83 ? 376 TYR A C     1 
ATOM   535  O O     . TYR C 3 13 ? 4.911   -6.569  -2.732  1.00 36.37 ? 376 TYR A O     1 
ATOM   536  C CB    . TYR C 3 13 ? 6.349   -7.691  0.027   1.00 35.08 ? 376 TYR A CB    1 
ATOM   537  C CG    . TYR C 3 13 ? 6.570   -7.383  1.490   1.00 34.90 ? 376 TYR A CG    1 
ATOM   538  C CD1   . TYR C 3 13 ? 6.521   -6.071  1.954   1.00 34.11 ? 376 TYR A CD1   1 
ATOM   539  C CD2   . TYR C 3 13 ? 6.787   -8.401  2.418   1.00 35.09 ? 376 TYR A CD2   1 
ATOM   540  C CE1   . TYR C 3 13 ? 6.679   -5.777  3.309   1.00 35.17 ? 376 TYR A CE1   1 
ATOM   541  C CE2   . TYR C 3 13 ? 6.948   -8.120  3.776   1.00 35.33 ? 376 TYR A CE2   1 
ATOM   542  C CZ    . TYR C 3 13 ? 6.891   -6.803  4.214   1.00 36.27 ? 376 TYR A CZ    1 
ATOM   543  O OH    . TYR C 3 13 ? 7.037   -6.507  5.555   1.00 33.35 ? 376 TYR A OH    1 
ATOM   544  N N     . GLN C 3 14 ? 4.577   -8.766  -2.366  1.00 35.49 ? 377 GLN A N     1 
ATOM   545  C CA    . GLN C 3 14 ? 4.425   -9.066  -3.782  1.00 35.40 ? 377 GLN A CA    1 
ATOM   546  C C     . GLN C 3 14 ? 3.110   -8.492  -4.276  1.00 34.29 ? 377 GLN A C     1 
ATOM   547  O O     . GLN C 3 14 ? 3.039   -7.955  -5.378  1.00 36.65 ? 377 GLN A O     1 
ATOM   548  C CB    . GLN C 3 14 ? 4.457   -10.579 -4.029  1.00 37.59 ? 377 GLN A CB    1 
ATOM   549  C CG    . GLN C 3 14 ? 4.378   -10.960 -5.502  1.00 39.86 ? 377 GLN A CG    1 
ATOM   550  C CD    . GLN C 3 14 ? 5.487   -10.323 -6.325  1.00 42.56 ? 377 GLN A CD    1 
ATOM   551  O OE1   . GLN C 3 14 ? 6.671   -10.549 -6.077  1.00 43.60 ? 377 GLN A OE1   1 
ATOM   552  N NE2   . GLN C 3 14 ? 5.106   -9.517  -7.309  1.00 44.82 ? 377 GLN A NE2   1 
ATOM   553  N N     . TRP C 3 15 ? 2.066   -8.616  -3.464  1.00 32.84 ? 378 TRP A N     1 
ATOM   554  C CA    . TRP C 3 15 ? 0.763   -8.086  -3.836  1.00 32.51 ? 378 TRP A CA    1 
ATOM   555  C C     . TRP C 3 15 ? 0.803   -6.568  -4.001  1.00 30.79 ? 378 TRP A C     1 
ATOM   556  O O     . TRP C 3 15 ? 0.125   -6.022  -4.866  1.00 31.32 ? 378 TRP A O     1 
ATOM   557  C CB    . TRP C 3 15 ? -0.292  -8.436  -2.786  1.00 34.53 ? 378 TRP A CB    1 
ATOM   558  C CG    . TRP C 3 15 ? -0.595  -9.902  -2.662  1.00 39.06 ? 378 TRP A CG    1 
ATOM   559  C CD1   . TRP C 3 15 ? -0.375  -10.873 -3.600  1.00 40.00 ? 378 TRP A CD1   1 
ATOM   560  C CD2   . TRP C 3 15 ? -1.218  -10.554 -1.548  1.00 38.86 ? 378 TRP A CD2   1 
ATOM   561  N NE1   . TRP C 3 15 ? -0.825  -12.090 -3.137  1.00 41.35 ? 378 TRP A NE1   1 
ATOM   562  C CE2   . TRP C 3 15 ? -1.349  -11.921 -1.880  1.00 41.80 ? 378 TRP A CE2   1 
ATOM   563  C CE3   . TRP C 3 15 ? -1.683  -10.113 -0.301  1.00 40.60 ? 378 TRP A CE3   1 
ATOM   564  C CZ2   . TRP C 3 15 ? -1.924  -12.854 -1.006  1.00 41.47 ? 378 TRP A CZ2   1 
ATOM   565  C CZ3   . TRP C 3 15 ? -2.254  -11.040 0.569   1.00 40.34 ? 378 TRP A CZ3   1 
ATOM   566  C CH2   . TRP C 3 15 ? -2.370  -12.397 0.209   1.00 41.91 ? 378 TRP A CH2   1 
ATOM   567  N N     . VAL C 3 16 ? 1.562   -5.879  -3.157  1.00 28.89 ? 379 VAL A N     1 
ATOM   568  C CA    . VAL C 3 16 ? 1.650   -4.420  -3.274  1.00 28.25 ? 379 VAL A CA    1 
ATOM   569  C C     . VAL C 3 16 ? 2.402   -4.064  -4.557  1.00 27.87 ? 379 VAL A C     1 
ATOM   570  O O     . VAL C 3 16 ? 1.986   -3.178  -5.305  1.00 27.20 ? 379 VAL A O     1 
ATOM   571  C CB    . VAL C 3 16 ? 2.373   -3.778  -2.060  1.00 26.60 ? 379 VAL A CB    1 
ATOM   572  C CG1   . VAL C 3 16 ? 2.553   -2.266  -2.289  1.00 25.19 ? 379 VAL A CG1   1 
ATOM   573  C CG2   . VAL C 3 16 ? 1.551   -4.006  -0.788  1.00 24.35 ? 379 VAL A CG2   1 
ATOM   574  N N     . ARG C 3 17 ? 3.504   -4.766  -4.812  1.00 28.72 ? 380 ARG A N     1 
ATOM   575  C CA    . ARG C 3 17 ? 4.293   -4.530  -6.016  1.00 29.07 ? 380 ARG A CA    1 
ATOM   576  C C     . ARG C 3 17 ? 3.437   -4.821  -7.246  1.00 30.91 ? 380 ARG A C     1 
ATOM   577  O O     . ARG C 3 17 ? 3.493   -4.092  -8.238  1.00 28.97 ? 380 ARG A O     1 
ATOM   578  C CB    . ARG C 3 17 ? 5.524   -5.435  -6.024  1.00 31.79 ? 380 ARG A CB    1 
ATOM   579  C CG    . ARG C 3 17 ? 6.579   -5.067  -4.998  1.00 34.58 ? 380 ARG A CG    1 
ATOM   580  C CD    . ARG C 3 17 ? 7.713   -6.079  -4.996  1.00 37.36 ? 380 ARG A CD    1 
ATOM   581  N NE    . ARG C 3 17 ? 8.694   -5.793  -3.953  1.00 39.22 ? 380 ARG A NE    1 
ATOM   582  C CZ    . ARG C 3 17 ? 9.505   -4.740  -3.950  1.00 39.57 ? 380 ARG A CZ    1 
ATOM   583  N NH1   . ARG C 3 17 ? 9.463   -3.857  -4.939  1.00 41.02 ? 380 ARG A NH1   1 
ATOM   584  N NH2   . ARG C 3 17 ? 10.365  -4.573  -2.956  1.00 41.13 ? 380 ARG A NH2   1 
ATOM   585  N N     . ASP C 3 18 ? 2.646   -5.891  -7.169  1.00 29.77 ? 381 ASP A N     1 
ATOM   586  C CA    . ASP C 3 18 ? 1.770   -6.275  -8.273  1.00 31.75 ? 381 ASP A CA    1 
ATOM   587  C C     . ASP C 3 18 ? 0.770   -5.163  -8.548  1.00 31.02 ? 381 ASP A C     1 
ATOM   588  O O     . ASP C 3 18 ? 0.522   -4.817  -9.701  1.00 32.18 ? 381 ASP A O     1 
ATOM   589  C CB    . ASP C 3 18 ? 0.982   -7.556  -7.946  1.00 31.68 ? 381 ASP A CB    1 
ATOM   590  C CG    . ASP C 3 18 ? 1.840   -8.809  -7.979  1.00 34.66 ? 381 ASP A CG    1 
ATOM   591  O OD1   . ASP C 3 18 ? 2.937   -8.773  -8.574  1.00 35.76 ? 381 ASP A OD1   1 
ATOM   592  O OD2   . ASP C 3 18 ? 1.396   -9.841  -7.419  1.00 37.68 ? 381 ASP A OD2   1 
ATOM   593  N N     . GLU C 3 19 ? 0.197   -4.616  -7.477  1.00 29.72 ? 382 GLU A N     1 
ATOM   594  C CA    . GLU C 3 19 ? -0.808  -3.555  -7.580  1.00 29.78 ? 382 GLU A CA    1 
ATOM   595  C C     . GLU C 3 19 ? -0.269  -2.240  -8.136  1.00 29.21 ? 382 GLU A C     1 
ATOM   596  O O     . GLU C 3 19 ? -0.910  -1.617  -8.980  1.00 30.01 ? 382 GLU A O     1 
ATOM   597  C CB    . GLU C 3 19 ? -1.471  -3.325  -6.214  1.00 28.87 ? 382 GLU A CB    1 
ATOM   598  C CG    . GLU C 3 19 ? -2.544  -2.224  -6.192  1.00 30.88 ? 382 GLU A CG    1 
ATOM   599  C CD    . GLU C 3 19 ? -3.778  -2.557  -7.028  1.00 32.21 ? 382 GLU A CD    1 
ATOM   600  O OE1   . GLU C 3 19 ? -3.846  -3.669  -7.603  1.00 32.41 ? 382 GLU A OE1   1 
ATOM   601  O OE2   . GLU C 3 19 ? -4.685  -1.698  -7.102  1.00 29.25 ? 382 GLU A OE2   1 
ATOM   602  N N     . LEU C 3 20 ? 0.902   -1.811  -7.669  1.00 27.56 ? 383 LEU A N     1 
ATOM   603  C CA    . LEU C 3 20 ? 1.487   -0.576  -8.176  1.00 28.64 ? 383 LEU A CA    1 
ATOM   604  C C     . LEU C 3 20 ? 1.627   -0.673  -9.696  1.00 30.04 ? 383 LEU A C     1 
ATOM   605  O O     . LEU C 3 20 ? 1.282   0.260   -10.423 1.00 28.57 ? 383 LEU A O     1 
ATOM   606  C CB    . LEU C 3 20 ? 2.863   -0.333  -7.542  1.00 26.20 ? 383 LEU A CB    1 
ATOM   607  C CG    . LEU C 3 20 ? 2.880   -0.156  -6.021  1.00 27.36 ? 383 LEU A CG    1 
ATOM   608  C CD1   . LEU C 3 20 ? 4.315   0.009   -5.538  1.00 27.02 ? 383 LEU A CD1   1 
ATOM   609  C CD2   . LEU C 3 20 ? 2.042   1.071   -5.646  1.00 26.70 ? 383 LEU A CD2   1 
ATOM   610  N N     . LYS C 3 21 ? 2.127   -1.810  -10.169 1.00 31.53 ? 384 LYS A N     1 
ATOM   611  C CA    . LYS C 3 21 ? 2.311   -2.026  -11.601 1.00 33.59 ? 384 LYS A CA    1 
ATOM   612  C C     . LYS C 3 21 ? 0.979   -2.048  -12.353 1.00 33.16 ? 384 LYS A C     1 
ATOM   613  O O     . LYS C 3 21 ? 0.850   -1.420  -13.402 1.00 33.39 ? 384 LYS A O     1 
ATOM   614  C CB    . LYS C 3 21 ? 3.071   -3.337  -11.843 1.00 37.23 ? 384 LYS A CB    1 
ATOM   615  C CG    . LYS C 3 21 ? 3.448   -3.583  -13.306 1.00 42.60 ? 384 LYS A CG    1 
ATOM   616  C CD    . LYS C 3 21 ? 4.176   -4.916  -13.480 1.00 45.24 ? 384 LYS A CD    1 
ATOM   617  C CE    . LYS C 3 21 ? 4.699   -5.089  -14.902 1.00 47.73 ? 384 LYS A CE    1 
ATOM   618  N NZ    . LYS C 3 21 ? 3.613   -5.001  -15.919 1.00 47.77 ? 384 LYS A NZ    1 
ATOM   619  N N     . ARG C 3 22 ? -0.008  -2.760  -11.812 1.00 32.75 ? 385 ARG A N     1 
ATOM   620  C CA    . ARG C 3 22 ? -1.329  -2.870  -12.446 1.00 32.66 ? 385 ARG A CA    1 
ATOM   621  C C     . ARG C 3 22 ? -2.026  -1.530  -12.639 1.00 33.55 ? 385 ARG A C     1 
ATOM   622  O O     . ARG C 3 22 ? -2.489  -1.204  -13.740 1.00 30.66 ? 385 ARG A O     1 
ATOM   623  C CB    . ARG C 3 22 ? -2.262  -3.763  -11.619 1.00 33.93 ? 385 ARG A CB    1 
ATOM   624  C CG    . ARG C 3 22 ? -3.683  -3.874  -12.195 1.00 33.14 ? 385 ARG A CG    1 
ATOM   625  C CD    . ARG C 3 22 ? -4.676  -4.376  -11.156 1.00 33.40 ? 385 ARG A CD    1 
ATOM   626  N NE    . ARG C 3 22 ? -5.011  -3.339  -10.186 1.00 31.38 ? 385 ARG A NE    1 
ATOM   627  C CZ    . ARG C 3 22 ? -5.759  -2.278  -10.458 1.00 30.85 ? 385 ARG A CZ    1 
ATOM   628  N NH1   . ARG C 3 22 ? -6.005  -1.385  -9.516  1.00 32.07 ? 385 ARG A NH1   1 
ATOM   629  N NH2   . ARG C 3 22 ? -6.278  -2.118  -11.670 1.00 33.59 ? 385 ARG A NH2   1 
ATOM   630  N N     . ALA C 3 23 ? -2.115  -0.760  -11.562 1.00 31.28 ? 386 ALA A N     1 
ATOM   631  C CA    . ALA C 3 23 ? -2.788  0.530   -11.614 1.00 32.81 ? 386 ALA A CA    1 
ATOM   632  C C     . ALA C 3 23 ? -1.906  1.651   -12.134 1.00 31.62 ? 386 ALA A C     1 
ATOM   633  O O     . ALA C 3 23 ? -2.381  2.759   -12.356 1.00 34.21 ? 386 ALA A O     1 
ATOM   634  C CB    . ALA C 3 23 ? -3.330  0.891   -10.228 1.00 32.36 ? 386 ALA A CB    1 
ATOM   635  N N     . GLY C 3 24 ? -0.626  1.363   -12.339 1.00 32.26 ? 387 GLY A N     1 
ATOM   636  C CA    . GLY C 3 24 ? 0.281   2.393   -12.812 1.00 31.80 ? 387 GLY A CA    1 
ATOM   637  C C     . GLY C 3 24 ? 0.264   3.591   -11.873 1.00 32.93 ? 387 GLY A C     1 
ATOM   638  O O     . GLY C 3 24 ? 0.131   4.740   -12.307 1.00 31.64 ? 387 GLY A O     1 
ATOM   639  N N     . ILE C 3 25 ? 0.392   3.323   -10.577 1.00 30.71 ? 388 ILE A N     1 
ATOM   640  C CA    . ILE C 3 25 ? 0.384   4.387   -9.589  1.00 29.39 ? 388 ILE A CA    1 
ATOM   641  C C     . ILE C 3 25 ? 1.730   4.509   -8.886  1.00 28.38 ? 388 ILE A C     1 
ATOM   642  O O     . ILE C 3 25 ? 2.556   3.595   -8.917  1.00 28.16 ? 388 ILE A O     1 
ATOM   643  C CB    . ILE C 3 25 ? -0.715  4.155   -8.530  1.00 30.54 ? 388 ILE A CB    1 
ATOM   644  C CG1   . ILE C 3 25 ? -0.452  2.843   -7.784  1.00 29.03 ? 388 ILE A CG1   1 
ATOM   645  C CG2   . ILE C 3 25 ? -2.085  4.143   -9.208  1.00 30.85 ? 388 ILE A CG2   1 
ATOM   646  C CD1   . ILE C 3 25 ? -1.468  2.534   -6.685  1.00 27.37 ? 388 ILE A CD1   1 
ATOM   647  N N     . SER C 3 26 ? 1.945   5.645   -8.244  1.00 25.51 ? 389 SER A N     1 
ATOM   648  C CA    . SER C 3 26 ? 3.204   5.880   -7.543  1.00 25.51 ? 389 SER A CA    1 
ATOM   649  C C     . SER C 3 26 ? 3.127   5.386   -6.110  1.00 24.66 ? 389 SER A C     1 
ATOM   650  O O     . SER C 3 26 ? 2.044   5.139   -5.587  1.00 23.77 ? 389 SER A O     1 
ATOM   651  C CB    . SER C 3 26 ? 3.511   7.368   -7.508  1.00 24.75 ? 389 SER A CB    1 
ATOM   652  O OG    . SER C 3 26 ? 2.548   8.041   -6.716  1.00 24.49 ? 389 SER A OG    1 
ATOM   653  N N     . GLN C 3 27 ? 4.291   5.260   -5.481  1.00 24.75 ? 390 GLN A N     1 
ATOM   654  C CA    . GLN C 3 27 ? 4.363   4.854   -4.086  1.00 22.93 ? 390 GLN A CA    1 
ATOM   655  C C     . GLN C 3 27 ? 3.614   5.879   -3.227  1.00 24.80 ? 390 GLN A C     1 
ATOM   656  O O     . GLN C 3 27 ? 2.896   5.503   -2.300  1.00 24.51 ? 390 GLN A O     1 
ATOM   657  C CB    . GLN C 3 27 ? 5.814   4.774   -3.631  1.00 24.07 ? 390 GLN A CB    1 
ATOM   658  C CG    . GLN C 3 27 ? 6.620   3.646   -4.249  1.00 24.70 ? 390 GLN A CG    1 
ATOM   659  C CD    . GLN C 3 27 ? 8.042   3.609   -3.727  1.00 26.55 ? 390 GLN A CD    1 
ATOM   660  O OE1   . GLN C 3 27 ? 8.512   4.570   -3.118  1.00 27.94 ? 390 GLN A OE1   1 
ATOM   661  N NE2   . GLN C 3 27 ? 8.740   2.503   -3.969  1.00 27.17 ? 390 GLN A NE2   1 
ATOM   662  N N     . ALA C 3 28 ? 3.782   7.169   -3.532  1.00 24.00 ? 391 ALA A N     1 
ATOM   663  C CA    . ALA C 3 28 ? 3.104   8.215   -2.764  1.00 23.10 ? 391 ALA A CA    1 
ATOM   664  C C     . ALA C 3 28 ? 1.597   8.033   -2.753  1.00 22.57 ? 391 ALA A C     1 
ATOM   665  O O     . ALA C 3 28 ? 0.968   8.043   -1.687  1.00 22.37 ? 391 ALA A O     1 
ATOM   666  C CB    . ALA C 3 28 ? 3.460   9.600   -3.302  1.00 25.23 ? 391 ALA A CB    1 
ATOM   667  N N     . VAL C 3 29 ? 0.999   7.880   -3.928  1.00 22.47 ? 392 VAL A N     1 
ATOM   668  C CA    . VAL C 3 29 ? -0.441  7.688   -3.991  1.00 22.43 ? 392 VAL A CA    1 
ATOM   669  C C     . VAL C 3 29 ? -0.899  6.467   -3.200  1.00 22.18 ? 392 VAL A C     1 
ATOM   670  O O     . VAL C 3 29 ? -1.834  6.552   -2.400  1.00 23.36 ? 392 VAL A O     1 
ATOM   671  C CB    . VAL C 3 29 ? -0.915  7.547   -5.450  1.00 24.91 ? 392 VAL A CB    1 
ATOM   672  C CG1   . VAL C 3 29 ? -2.394  7.155   -5.494  1.00 25.80 ? 392 VAL A CG1   1 
ATOM   673  C CG2   . VAL C 3 29 ? -0.694  8.858   -6.183  1.00 24.27 ? 392 VAL A CG2   1 
ATOM   674  N N     . PHE C 3 30 ? -0.242  5.331   -3.401  1.00 22.18 ? 393 PHE A N     1 
ATOM   675  C CA    . PHE C 3 30 ? -0.647  4.123   -2.696  1.00 21.86 ? 393 PHE A CA    1 
ATOM   676  C C     . PHE C 3 30 ? -0.447  4.228   -1.191  1.00 21.99 ? 393 PHE A C     1 
ATOM   677  O O     . PHE C 3 30 ? -1.304  3.821   -0.407  1.00 22.27 ? 393 PHE A O     1 
ATOM   678  C CB    . PHE C 3 30 ? 0.116   2.915   -3.230  1.00 23.38 ? 393 PHE A CB    1 
ATOM   679  C CG    . PHE C 3 30 ? -0.382  1.608   -2.692  1.00 24.13 ? 393 PHE A CG    1 
ATOM   680  C CD1   . PHE C 3 30 ? 0.259   0.984   -1.627  1.00 25.64 ? 393 PHE A CD1   1 
ATOM   681  C CD2   . PHE C 3 30 ? -1.523  1.019   -3.225  1.00 26.25 ? 393 PHE A CD2   1 
ATOM   682  C CE1   . PHE C 3 30 ? -0.226  -0.209  -1.102  1.00 25.10 ? 393 PHE A CE1   1 
ATOM   683  C CE2   . PHE C 3 30 ? -2.020  -0.175  -2.707  1.00 27.32 ? 393 PHE A CE2   1 
ATOM   684  C CZ    . PHE C 3 30 ? -1.367  -0.789  -1.642  1.00 27.65 ? 393 PHE A CZ    1 
ATOM   685  N N     . ALA C 3 31 ? 0.693   4.773   -0.784  1.00 20.80 ? 394 ALA A N     1 
ATOM   686  C CA    . ALA C 3 31 ? 0.998   4.929   0.632   1.00 20.42 ? 394 ALA A CA    1 
ATOM   687  C C     . ALA C 3 31 ? -0.072  5.773   1.340   1.00 21.32 ? 394 ALA A C     1 
ATOM   688  O O     . ALA C 3 31 ? -0.506  5.459   2.445   1.00 23.81 ? 394 ALA A O     1 
ATOM   689  C CB    . ALA C 3 31 ? 2.373   5.569   0.787   1.00 21.43 ? 394 ALA A CB    1 
ATOM   690  N N     . ARG C 3 32 ? -0.510  6.846   0.703   1.00 21.49 ? 395 ARG A N     1 
ATOM   691  C CA    . ARG C 3 32 ? -1.529  7.687   1.321   1.00 23.30 ? 395 ARG A CA    1 
ATOM   692  C C     . ARG C 3 32 ? -2.891  6.981   1.467   1.00 25.38 ? 395 ARG A C     1 
ATOM   693  O O     . ARG C 3 32 ? -3.429  6.866   2.570   1.00 26.76 ? 395 ARG A O     1 
ATOM   694  C CB    . ARG C 3 32 ? -1.702  8.969   0.508   1.00 25.08 ? 395 ARG A CB    1 
ATOM   695  C CG    . ARG C 3 32 ? -2.742  9.945   1.075   1.00 27.71 ? 395 ARG A CG    1 
ATOM   696  C CD    . ARG C 3 32 ? -2.436  10.252  2.526   1.00 29.49 ? 395 ARG A CD    1 
ATOM   697  N NE    . ARG C 3 32 ? -1.123  10.875  2.647   1.00 31.20 ? 395 ARG A NE    1 
ATOM   698  C CZ    . ARG C 3 32 ? -0.448  10.997  3.782   1.00 29.62 ? 395 ARG A CZ    1 
ATOM   699  N NH1   . ARG C 3 32 ? 0.739   11.588  3.776   1.00 30.83 ? 395 ARG A NH1   1 
ATOM   700  N NH2   . ARG C 3 32 ? -0.947  10.522  4.918   1.00 30.12 ? 395 ARG A NH2   1 
ATOM   701  N N     . VAL C 3 33 ? -3.434  6.500   0.355   1.00 24.63 ? 396 VAL A N     1 
ATOM   702  C CA    . VAL C 3 33 ? -4.747  5.848   0.361   1.00 25.75 ? 396 VAL A CA    1 
ATOM   703  C C     . VAL C 3 33 ? -4.845  4.478   1.030   1.00 25.76 ? 396 VAL A C     1 
ATOM   704  O O     . VAL C 3 33 ? -5.860  4.165   1.651   1.00 27.94 ? 396 VAL A O     1 
ATOM   705  C CB    . VAL C 3 33 ? -5.302  5.711   -1.079  1.00 26.40 ? 396 VAL A CB    1 
ATOM   706  C CG1   . VAL C 3 33 ? -5.322  7.070   -1.758  1.00 26.26 ? 396 VAL A CG1   1 
ATOM   707  C CG2   . VAL C 3 33 ? -4.463  4.717   -1.869  1.00 26.60 ? 396 VAL A CG2   1 
ATOM   708  N N     . ALA C 3 34 ? -3.805  3.662   0.909   1.00 25.22 ? 397 ALA A N     1 
ATOM   709  C CA    . ALA C 3 34 ? -3.824  2.321   1.486   1.00 27.27 ? 397 ALA A CA    1 
ATOM   710  C C     . ALA C 3 34 ? -3.544  2.238   2.982   1.00 28.67 ? 397 ALA A C     1 
ATOM   711  O O     . ALA C 3 34 ? -4.171  1.444   3.679   1.00 28.71 ? 397 ALA A O     1 
ATOM   712  C CB    . ALA C 3 34 ? -2.856  1.426   0.742   1.00 26.30 ? 397 ALA A CB    1 
ATOM   713  N N     . PHE C 3 35 ? -2.586  3.018   3.479   1.00 28.16 ? 398 PHE A N     1 
ATOM   714  C CA    . PHE C 3 35 ? -2.293  2.973   4.911   1.00 28.54 ? 398 PHE A CA    1 
ATOM   715  C C     . PHE C 3 35 ? -1.895  4.308   5.546   1.00 29.24 ? 398 PHE A C     1 
ATOM   716  O O     . PHE C 3 35 ? -1.245  4.356   6.589   1.00 30.14 ? 398 PHE A O     1 
ATOM   717  C CB    . PHE C 3 35 ? -1.263  1.869   5.227   1.00 27.63 ? 398 PHE A CB    1 
ATOM   718  C CG    . PHE C 3 35 ? 0.124   2.133   4.718   1.00 27.28 ? 398 PHE A CG    1 
ATOM   719  C CD1   . PHE C 3 35 ? 0.396   2.158   3.353   1.00 28.50 ? 398 PHE A CD1   1 
ATOM   720  C CD2   . PHE C 3 35 ? 1.177   2.310   5.615   1.00 28.24 ? 398 PHE A CD2   1 
ATOM   721  C CE1   . PHE C 3 35 ? 1.690   2.350   2.888   1.00 27.05 ? 398 PHE A CE1   1 
ATOM   722  C CE2   . PHE C 3 35 ? 2.484   2.505   5.159   1.00 26.36 ? 398 PHE A CE2   1 
ATOM   723  C CZ    . PHE C 3 35 ? 2.743   2.525   3.794   1.00 27.44 ? 398 PHE A CZ    1 
ATOM   724  N N     . ASN C 3 36 ? -2.318  5.388   4.903   1.00 30.27 ? 399 ASN A N     1 
ATOM   725  C CA    . ASN C 3 36 ? -2.103  6.743   5.388   1.00 29.38 ? 399 ASN A CA    1 
ATOM   726  C C     . ASN C 3 36 ? -0.696  7.054   5.899   1.00 27.67 ? 399 ASN A C     1 
ATOM   727  O O     . ASN C 3 36 ? -0.511  7.411   7.062   1.00 28.04 ? 399 ASN A O     1 
ATOM   728  C CB    . ASN C 3 36 ? -3.135  7.025   6.483   1.00 32.32 ? 399 ASN A CB    1 
ATOM   729  C CG    . ASN C 3 36 ? -3.327  8.498   6.744   1.00 33.31 ? 399 ASN A CG    1 
ATOM   730  O OD1   . ASN C 3 36 ? -3.530  9.286   5.820   1.00 31.96 ? 399 ASN A OD1   1 
ATOM   731  N ND2   . ASN C 3 36 ? -3.286  8.878   8.015   1.00 37.27 ? 399 ASN A ND2   1 
ATOM   732  N N     . ARG C 3 37 ? 0.291   6.902   5.027   1.00 25.67 ? 400 ARG A N     1 
ATOM   733  C CA    . ARG C 3 37 ? 1.676   7.200   5.362   1.00 23.71 ? 400 ARG A CA    1 
ATOM   734  C C     . ARG C 3 37 ? 2.299   7.802   4.106   1.00 23.02 ? 400 ARG A C     1 
ATOM   735  O O     . ARG C 3 37 ? 1.635   7.910   3.074   1.00 21.18 ? 400 ARG A O     1 
ATOM   736  C CB    . ARG C 3 37 ? 2.425   5.926   5.767   1.00 25.92 ? 400 ARG A CB    1 
ATOM   737  C CG    . ARG C 3 37 ? 1.904   5.267   7.051   1.00 28.05 ? 400 ARG A CG    1 
ATOM   738  C CD    . ARG C 3 37 ? 2.152   6.122   8.306   1.00 34.12 ? 400 ARG A CD    1 
ATOM   739  N NE    . ARG C 3 37 ? 1.748   5.417   9.526   1.00 31.99 ? 400 ARG A NE    1 
ATOM   740  C CZ    . ARG C 3 37 ? 0.508   5.382   10.007  1.00 33.62 ? 400 ARG A CZ    1 
ATOM   741  N NH1   . ARG C 3 37 ? -0.472  6.017   9.386   1.00 34.78 ? 400 ARG A NH1   1 
ATOM   742  N NH2   . ARG C 3 37 ? 0.244   4.697   11.113  1.00 34.36 ? 400 ARG A NH2   1 
ATOM   743  N N     . THR C 3 38 ? 3.567   8.184   4.197   1.00 21.81 ? 401 THR A N     1 
ATOM   744  C CA    . THR C 3 38 ? 4.273   8.791   3.072   1.00 22.32 ? 401 THR A CA    1 
ATOM   745  C C     . THR C 3 38 ? 5.073   7.832   2.200   1.00 22.59 ? 401 THR A C     1 
ATOM   746  O O     . THR C 3 38 ? 5.351   6.686   2.574   1.00 21.70 ? 401 THR A O     1 
ATOM   747  C CB    . THR C 3 38 ? 5.238   9.918   3.548   1.00 21.33 ? 401 THR A CB    1 
ATOM   748  O OG1   . THR C 3 38 ? 6.136   9.403   4.530   1.00 21.89 ? 401 THR A OG1   1 
ATOM   749  C CG2   . THR C 3 38 ? 4.462   11.079  4.143   1.00 21.84 ? 401 THR A CG2   1 
ATOM   750  N N     . GLN C 3 39 ? 5.468   8.337   1.032   1.00 23.26 ? 402 GLN A N     1 
ATOM   751  C CA    . GLN C 3 39 ? 6.224   7.562   0.053   1.00 25.04 ? 402 GLN A CA    1 
ATOM   752  C C     . GLN C 3 39 ? 7.509   6.918   0.570   1.00 24.31 ? 402 GLN A C     1 
ATOM   753  O O     . GLN C 3 39 ? 7.734   5.724   0.361   1.00 23.46 ? 402 GLN A O     1 
ATOM   754  C CB    . GLN C 3 39 ? 6.529   8.457   -1.159  1.00 24.60 ? 402 GLN A CB    1 
ATOM   755  C CG    . GLN C 3 39 ? 7.400   7.836   -2.239  1.00 25.36 ? 402 GLN A CG    1 
ATOM   756  C CD    . GLN C 3 39 ? 8.873   8.066   -1.996  1.00 26.05 ? 402 GLN A CD    1 
ATOM   757  O OE1   . GLN C 3 39 ? 9.293   9.186   -1.713  1.00 25.27 ? 402 GLN A OE1   1 
ATOM   758  N NE2   . GLN C 3 39 ? 9.674   7.005   -2.119  1.00 24.79 ? 402 GLN A NE2   1 
ATOM   759  N N     . GLY C 3 40 ? 8.348   7.707   1.238   1.00 24.36 ? 403 GLY A N     1 
ATOM   760  C CA    . GLY C 3 40 ? 9.608   7.190   1.757   1.00 23.53 ? 403 GLY A CA    1 
ATOM   761  C C     . GLY C 3 40 ? 9.418   5.999   2.677   1.00 24.91 ? 403 GLY A C     1 
ATOM   762  O O     . GLY C 3 40 ? 10.205  5.050   2.676   1.00 23.75 ? 403 GLY A O     1 
ATOM   763  N N     . LEU C 3 41 ? 8.363   6.050   3.474   1.00 25.05 ? 404 LEU A N     1 
ATOM   764  C CA    . LEU C 3 41 ? 8.063   4.960   4.389   1.00 25.31 ? 404 LEU A CA    1 
ATOM   765  C C     . LEU C 3 41 ? 7.740   3.691   3.604   1.00 23.08 ? 404 LEU A C     1 
ATOM   766  O O     . LEU C 3 41 ? 8.255   2.615   3.904   1.00 23.83 ? 404 LEU A O     1 
ATOM   767  C CB    . LEU C 3 41 ? 6.878   5.329   5.279   1.00 23.43 ? 404 LEU A CB    1 
ATOM   768  C CG    . LEU C 3 41 ? 6.705   4.310   6.399   1.00 27.06 ? 404 LEU A CG    1 
ATOM   769  C CD1   . LEU C 3 41 ? 7.919   4.380   7.317   1.00 28.49 ? 404 LEU A CD1   1 
ATOM   770  C CD2   . LEU C 3 41 ? 5.429   4.586   7.158   1.00 27.19 ? 404 LEU A CD2   1 
ATOM   771  N N     . LEU C 3 42 ? 6.897   3.816   2.585   1.00 25.16 ? 405 LEU A N     1 
ATOM   772  C CA    . LEU C 3 42 ? 6.534   2.657   1.769   1.00 25.38 ? 405 LEU A CA    1 
ATOM   773  C C     . LEU C 3 42 ? 7.774   2.103   1.076   1.00 25.85 ? 405 LEU A C     1 
ATOM   774  O O     . LEU C 3 42 ? 7.964   0.887   0.985   1.00 25.20 ? 405 LEU A O     1 
ATOM   775  C CB    . LEU C 3 42 ? 5.488   3.038   0.713   1.00 25.70 ? 405 LEU A CB    1 
ATOM   776  C CG    . LEU C 3 42 ? 5.061   1.877   -0.191  1.00 26.14 ? 405 LEU A CG    1 
ATOM   777  C CD1   . LEU C 3 42 ? 4.583   0.708   0.669   1.00 25.43 ? 405 LEU A CD1   1 
ATOM   778  C CD2   . LEU C 3 42 ? 3.955   2.338   -1.144  1.00 24.65 ? 405 LEU A CD2   1 
ATOM   779  N N     . SER C 3 43 ? 8.623   3.006   0.595   1.00 26.73 ? 406 SER A N     1 
ATOM   780  C CA    . SER C 3 43 ? 9.847   2.609   -0.079  1.00 27.29 ? 406 SER A CA    1 
ATOM   781  C C     . SER C 3 43 ? 10.681  1.716   0.831   1.00 28.30 ? 406 SER A C     1 
ATOM   782  O O     . SER C 3 43 ? 11.139  0.651   0.414   1.00 29.30 ? 406 SER A O     1 
ATOM   783  C CB    . SER C 3 43 ? 10.657  3.848   -0.484  1.00 28.99 ? 406 SER A CB    1 
ATOM   784  O OG    . SER C 3 43 ? 11.876  3.484   -1.112  1.00 28.38 ? 406 SER A OG    1 
ATOM   785  N N     . GLU C 3 44 ? 10.874  2.152   2.073   1.00 28.26 ? 407 GLU A N     1 
ATOM   786  C CA    . GLU C 3 44 ? 11.661  1.384   3.026   1.00 30.16 ? 407 GLU A CA    1 
ATOM   787  C C     . GLU C 3 44 ? 10.972  0.078   3.377   1.00 30.66 ? 407 GLU A C     1 
ATOM   788  O O     . GLU C 3 44 ? 11.617  -0.965  3.470   1.00 31.62 ? 407 GLU A O     1 
ATOM   789  C CB    . GLU C 3 44 ? 11.913  2.197   4.300   1.00 31.67 ? 407 GLU A CB    1 
ATOM   790  C CG    . GLU C 3 44 ? 12.995  3.269   4.171   1.00 34.16 ? 407 GLU A CG    1 
ATOM   791  C CD    . GLU C 3 44 ? 14.375  2.692   3.889   1.00 37.70 ? 407 GLU A CD    1 
ATOM   792  O OE1   . GLU C 3 44 ? 14.715  2.470   2.704   1.00 37.33 ? 407 GLU A OE1   1 
ATOM   793  O OE2   . GLU C 3 44 ? 15.123  2.450   4.866   1.00 40.41 ? 407 GLU A OE2   1 
ATOM   794  N N     . ILE C 3 45 ? 9.660   0.137   3.572   1.00 30.08 ? 408 ILE A N     1 
ATOM   795  C CA    . ILE C 3 45 ? 8.892   -1.057  3.902   1.00 33.40 ? 408 ILE A CA    1 
ATOM   796  C C     . ILE C 3 45 ? 9.094   -2.109  2.814   1.00 34.55 ? 408 ILE A C     1 
ATOM   797  O O     . ILE C 3 45 ? 9.296   -3.287  3.116   1.00 34.96 ? 408 ILE A O     1 
ATOM   798  C CB    . ILE C 3 45 ? 7.394   -0.717  4.048   1.00 33.54 ? 408 ILE A CB    1 
ATOM   799  C CG1   . ILE C 3 45 ? 7.175   0.040   5.363   1.00 33.95 ? 408 ILE A CG1   1 
ATOM   800  C CG2   . ILE C 3 45 ? 6.546   -1.992  3.981   1.00 34.40 ? 408 ILE A CG2   1 
ATOM   801  C CD1   . ILE C 3 45 ? 5.760   0.538   5.566   1.00 35.70 ? 408 ILE A CD1   1 
ATOM   802  N N     . LEU C 3 46 ? 9.060   -1.673  1.556   1.00 34.48 ? 409 LEU A N     1 
ATOM   803  C CA    . LEU C 3 46 ? 9.249   -2.570  0.420   1.00 35.94 ? 409 LEU A CA    1 
ATOM   804  C C     . LEU C 3 46 ? 10.694  -3.055  0.288   1.00 38.27 ? 409 LEU A C     1 
ATOM   805  O O     . LEU C 3 46 ? 10.934  -4.217  -0.039  1.00 37.43 ? 409 LEU A O     1 
ATOM   806  C CB    . LEU C 3 46 ? 8.820   -1.882  -0.879  1.00 35.63 ? 409 LEU A CB    1 
ATOM   807  C CG    . LEU C 3 46 ? 7.314   -1.652  -1.038  1.00 33.81 ? 409 LEU A CG    1 
ATOM   808  C CD1   . LEU C 3 46 ? 7.052   -0.891  -2.318  1.00 36.19 ? 409 LEU A CD1   1 
ATOM   809  C CD2   . LEU C 3 46 ? 6.585   -2.999  -1.068  1.00 36.53 ? 409 LEU A CD2   1 
ATOM   810  N N     . ARG C 3 47 ? 11.655  -2.171  0.545   1.00 39.24 ? 410 ARG A N     1 
ATOM   811  C CA    . ARG C 3 47 ? 13.061  -2.548  0.448   1.00 41.06 ? 410 ARG A CA    1 
ATOM   812  C C     . ARG C 3 47 ? 13.418  -3.641  1.449   1.00 42.34 ? 410 ARG A C     1 
ATOM   813  O O     . ARG C 3 47 ? 14.078  -4.623  1.104   1.00 42.99 ? 410 ARG A O     1 
ATOM   814  C CB    . ARG C 3 47 ? 13.964  -1.337  0.690   1.00 41.43 ? 410 ARG A CB    1 
ATOM   815  C CG    . ARG C 3 47 ? 15.448  -1.670  0.610   1.00 43.22 ? 410 ARG A CG    1 
ATOM   816  C CD    . ARG C 3 47 ? 16.317  -0.454  0.872   1.00 43.63 ? 410 ARG A CD    1 
ATOM   817  N NE    . ARG C 3 47 ? 16.246  -0.014  2.262   1.00 43.19 ? 410 ARG A NE    1 
ATOM   818  C CZ    . ARG C 3 47 ? 16.765  -0.684  3.287   1.00 45.25 ? 410 ARG A CZ    1 
ATOM   819  N NH1   . ARG C 3 47 ? 16.653  -0.205  4.520   1.00 43.86 ? 410 ARG A NH1   1 
ATOM   820  N NH2   . ARG C 3 47 ? 17.403  -1.830  3.082   1.00 45.84 ? 410 ARG A NH2   1 
ATOM   821  N N     . LYS C 3 48 ? 12.984  -3.459  2.691   1.00 43.12 ? 411 LYS A N     1 
ATOM   822  C CA    . LYS C 3 48 ? 13.263  -4.415  3.754   1.00 46.29 ? 411 LYS A CA    1 
ATOM   823  C C     . LYS C 3 48 ? 12.510  -5.729  3.589   1.00 48.08 ? 411 LYS A C     1 
ATOM   824  O O     . LYS C 3 48 ? 13.084  -6.804  3.783   1.00 48.01 ? 411 LYS A O     1 
ATOM   825  C CB    . LYS C 3 48 ? 12.918  -3.800  5.113   1.00 45.87 ? 411 LYS A CB    1 
ATOM   826  C CG    . LYS C 3 48 ? 13.820  -2.640  5.507   1.00 47.12 ? 411 LYS A CG    1 
ATOM   827  C CD    . LYS C 3 48 ? 13.263  -1.874  6.698   1.00 47.64 ? 411 LYS A CD    1 
ATOM   828  C CE    . LYS C 3 48 ? 14.182  -0.723  7.084   1.00 48.26 ? 411 LYS A CE    1 
ATOM   829  N NZ    . LYS C 3 48 ? 13.611  0.121   8.171   1.00 48.45 ? 411 LYS A NZ    1 
ATOM   830  N N     . GLU C 3 49 ? 11.230  -5.640  3.230   1.00 48.85 ? 412 GLU A N     1 
ATOM   831  C CA    . GLU C 3 49 ? 10.393  -6.822  3.055   1.00 50.88 ? 412 GLU A CA    1 
ATOM   832  C C     . GLU C 3 49 ? 10.511  -7.747  4.257   1.00 50.45 ? 412 GLU A C     1 
ATOM   833  O O     . GLU C 3 49 ? 10.790  -8.936  4.106   1.00 50.09 ? 412 GLU A O     1 
ATOM   834  C CB    . GLU C 3 49 ? 10.788  -7.578  1.781   1.00 53.61 ? 412 GLU A CB    1 
ATOM   835  C CG    . GLU C 3 49 ? 10.326  -6.906  0.499   1.00 57.61 ? 412 GLU A CG    1 
ATOM   836  C CD    . GLU C 3 49 ? 10.723  -7.676  -0.745  1.00 59.68 ? 412 GLU A CD    1 
ATOM   837  O OE1   . GLU C 3 49 ? 10.333  -7.252  -1.854  1.00 61.38 ? 412 GLU A OE1   1 
ATOM   838  O OE2   . GLU C 3 49 ? 11.423  -8.705  -0.618  1.00 61.14 ? 412 GLU A OE2   1 
ATOM   839  N N     . GLU C 3 50 ? 10.292  -7.197  5.449   1.00 51.16 ? 413 GLU A N     1 
ATOM   840  C CA    . GLU C 3 50 ? 10.388  -7.973  6.682   1.00 51.60 ? 413 GLU A CA    1 
ATOM   841  C C     . GLU C 3 50 ? 9.295   -9.021  6.794   1.00 51.03 ? 413 GLU A C     1 
ATOM   842  O O     . GLU C 3 50 ? 8.127   -8.749  6.513   1.00 49.99 ? 413 GLU A O     1 
ATOM   843  C CB    . GLU C 3 50 ? 10.312  -7.057  7.903   1.00 52.88 ? 413 GLU A CB    1 
ATOM   844  C CG    . GLU C 3 50 ? 11.368  -5.970  7.940   1.00 55.84 ? 413 GLU A CG    1 
ATOM   845  C CD    . GLU C 3 50 ? 11.305  -5.146  9.212   1.00 57.45 ? 413 GLU A CD    1 
ATOM   846  O OE1   . GLU C 3 50 ? 11.962  -4.086  9.263   1.00 57.56 ? 413 GLU A OE1   1 
ATOM   847  O OE2   . GLU C 3 50 ? 10.603  -5.561  10.161  1.00 59.28 ? 413 GLU A OE2   1 
ATOM   848  N N     . ASP C 3 51 ? 9.680   -10.222 7.212   1.00 51.44 ? 414 ASP A N     1 
ATOM   849  C CA    . ASP C 3 51 ? 8.724   -11.307 7.383   1.00 50.99 ? 414 ASP A CA    1 
ATOM   850  C C     . ASP C 3 51 ? 7.725   -10.867 8.441   1.00 50.49 ? 414 ASP A C     1 
ATOM   851  O O     . ASP C 3 51 ? 8.104   -10.517 9.558   1.00 51.51 ? 414 ASP A O     1 
ATOM   852  C CB    . ASP C 3 51 ? 9.446   -12.583 7.826   1.00 52.07 ? 414 ASP A CB    1 
ATOM   853  C CG    . ASP C 3 51 ? 8.502   -13.762 8.011   1.00 52.15 ? 414 ASP A CG    1 
ATOM   854  O OD1   . ASP C 3 51 ? 8.999   -14.907 8.041   1.00 53.02 ? 414 ASP A OD1   1 
ATOM   855  O OD2   . ASP C 3 51 ? 7.274   -13.552 8.136   1.00 50.77 ? 414 ASP A OD2   1 
ATOM   856  N N     . PRO C 3 52 ? 6.430   -10.864 8.094   1.00 50.43 ? 415 PRO A N     1 
ATOM   857  C CA    . PRO C 3 52 ? 5.346   -10.463 8.992   1.00 51.10 ? 415 PRO A CA    1 
ATOM   858  C C     . PRO C 3 52 ? 5.322   -11.187 10.335  1.00 53.33 ? 415 PRO A C     1 
ATOM   859  O O     . PRO C 3 52 ? 4.592   -10.792 11.248  1.00 53.56 ? 415 PRO A O     1 
ATOM   860  C CB    . PRO C 3 52 ? 4.101   -10.749 8.162   1.00 51.39 ? 415 PRO A CB    1 
ATOM   861  C CG    . PRO C 3 52 ? 4.570   -10.478 6.768   1.00 50.17 ? 415 PRO A CG    1 
ATOM   862  C CD    . PRO C 3 52 ? 5.905   -11.168 6.750   1.00 50.08 ? 415 PRO A CD    1 
ATOM   863  N N     . LYS C 3 53 ? 6.120   -12.243 10.456  1.00 54.34 ? 416 LYS A N     1 
ATOM   864  C CA    . LYS C 3 53 ? 6.166   -13.018 11.689  1.00 56.39 ? 416 LYS A CA    1 
ATOM   865  C C     . LYS C 3 53 ? 7.209   -12.518 12.684  1.00 56.41 ? 416 LYS A C     1 
ATOM   866  O O     . LYS C 3 53 ? 7.252   -12.972 13.826  1.00 56.48 ? 416 LYS A O     1 
ATOM   867  C CB    . LYS C 3 53 ? 6.390   -14.495 11.358  1.00 57.10 ? 416 LYS A CB    1 
ATOM   868  C CG    . LYS C 3 53 ? 5.254   -15.074 10.528  1.00 59.05 ? 416 LYS A CG    1 
ATOM   869  C CD    . LYS C 3 53 ? 5.419   -16.556 10.261  1.00 59.54 ? 416 LYS A CD    1 
ATOM   870  C CE    . LYS C 3 53 ? 4.210   -17.087 9.520   1.00 59.86 ? 416 LYS A CE    1 
ATOM   871  N NZ    . LYS C 3 53 ? 2.947   -16.812 10.272  1.00 60.31 ? 416 LYS A NZ    1 
ATOM   872  N N     . THR C 3 54 ? 8.050   -11.586 12.245  1.00 56.62 ? 417 THR A N     1 
ATOM   873  C CA    . THR C 3 54 ? 9.066   -10.987 13.106  1.00 56.00 ? 417 THR A CA    1 
ATOM   874  C C     . THR C 3 54 ? 8.923   -9.478  12.966  1.00 56.13 ? 417 THR A C     1 
ATOM   875  O O     . THR C 3 54 ? 9.824   -8.718  13.312  1.00 56.78 ? 417 THR A O     1 
ATOM   876  C CB    . THR C 3 54 ? 10.510  -11.389 12.695  1.00 56.31 ? 417 THR A CB    1 
ATOM   877  O OG1   . THR C 3 54 ? 10.788  -10.926 11.368  1.00 55.05 ? 417 THR A OG1   1 
ATOM   878  C CG2   . THR C 3 54 ? 10.685  -12.900 12.755  1.00 56.68 ? 417 THR A CG2   1 
ATOM   879  N N     . ALA C 3 55 ? 7.767   -9.058  12.455  1.00 55.60 ? 418 ALA A N     1 
ATOM   880  C CA    . ALA C 3 55 ? 7.479   -7.646  12.231  1.00 55.03 ? 418 ALA A CA    1 
ATOM   881  C C     . ALA C 3 55 ? 6.834   -6.949  13.424  1.00 54.56 ? 418 ALA A C     1 
ATOM   882  O O     . ALA C 3 55 ? 5.930   -7.484  14.068  1.00 54.53 ? 418 ALA A O     1 
ATOM   883  C CB    . ALA C 3 55 ? 6.588   -7.496  11.005  1.00 54.96 ? 418 ALA A CB    1 
ATOM   884  N N     . SER C 3 56 ? 7.302   -5.736  13.698  1.00 53.70 ? 419 SER A N     1 
ATOM   885  C CA    . SER C 3 56 ? 6.793   -4.936  14.802  1.00 52.22 ? 419 SER A CA    1 
ATOM   886  C C     . SER C 3 56 ? 5.300   -4.710  14.641  1.00 51.67 ? 419 SER A C     1 
ATOM   887  O O     . SER C 3 56 ? 4.749   -4.888  13.558  1.00 50.40 ? 419 SER A O     1 
ATOM   888  C CB    . SER C 3 56 ? 7.500   -3.580  14.834  1.00 52.88 ? 419 SER A CB    1 
ATOM   889  O OG    . SER C 3 56 ? 7.216   -2.833  13.659  1.00 53.20 ? 419 SER A OG    1 
ATOM   890  N N     . GLN C 3 57 ? 4.645   -4.307  15.722  1.00 50.70 ? 420 GLN A N     1 
ATOM   891  C CA    . GLN C 3 57 ? 3.219   -4.049  15.666  1.00 49.30 ? 420 GLN A CA    1 
ATOM   892  C C     . GLN C 3 57 ? 2.926   -2.840  14.786  1.00 47.20 ? 420 GLN A C     1 
ATOM   893  O O     . GLN C 3 57 ? 1.864   -2.765  14.164  1.00 47.84 ? 420 GLN A O     1 
ATOM   894  C CB    . GLN C 3 57 ? 2.663   -3.822  17.070  1.00 52.45 ? 420 GLN A CB    1 
ATOM   895  C CG    . GLN C 3 57 ? 2.786   -5.041  17.971  1.00 57.75 ? 420 GLN A CG    1 
ATOM   896  C CD    . GLN C 3 57 ? 1.951   -4.932  19.232  1.00 59.97 ? 420 GLN A CD    1 
ATOM   897  O OE1   . GLN C 3 57 ? 1.961   -5.830  20.076  1.00 61.49 ? 420 GLN A OE1   1 
ATOM   898  N NE2   . GLN C 3 57 ? 1.215   -3.830  19.365  1.00 61.04 ? 420 GLN A NE2   1 
ATOM   899  N N     . SER C 3 58 ? 3.859   -1.892  14.728  1.00 42.76 ? 421 SER A N     1 
ATOM   900  C CA    . SER C 3 58 ? 3.658   -0.710  13.895  1.00 41.06 ? 421 SER A CA    1 
ATOM   901  C C     . SER C 3 58 ? 3.646   -1.148  12.434  1.00 38.39 ? 421 SER A C     1 
ATOM   902  O O     . SER C 3 58 ? 2.842   -0.667  11.637  1.00 38.17 ? 421 SER A O     1 
ATOM   903  C CB    . SER C 3 58 ? 4.766   0.331   14.126  1.00 39.09 ? 421 SER A CB    1 
ATOM   904  O OG    . SER C 3 58 ? 6.034   -0.153  13.718  1.00 39.93 ? 421 SER A OG    1 
ATOM   905  N N     . LEU C 3 59 ? 4.539   -2.064  12.086  1.00 37.13 ? 422 LEU A N     1 
ATOM   906  C CA    . LEU C 3 59 ? 4.590   -2.564  10.724  1.00 37.43 ? 422 LEU A CA    1 
ATOM   907  C C     . LEU C 3 59 ? 3.305   -3.349  10.435  1.00 37.39 ? 422 LEU A C     1 
ATOM   908  O O     . LEU C 3 59 ? 2.626   -3.107  9.432   1.00 34.38 ? 422 LEU A O     1 
ATOM   909  C CB    . LEU C 3 59 ? 5.811   -3.468  10.522  1.00 37.25 ? 422 LEU A CB    1 
ATOM   910  C CG    . LEU C 3 59 ? 5.960   -4.016  9.095   1.00 38.28 ? 422 LEU A CG    1 
ATOM   911  C CD1   . LEU C 3 59 ? 6.075   -2.865  8.117   1.00 38.04 ? 422 LEU A CD1   1 
ATOM   912  C CD2   . LEU C 3 59 ? 7.182   -4.902  8.998   1.00 38.76 ? 422 LEU A CD2   1 
ATOM   913  N N     . LEU C 3 60 ? 2.962   -4.270  11.329  1.00 36.62 ? 423 LEU A N     1 
ATOM   914  C CA    . LEU C 3 60 ? 1.756   -5.077  11.150  1.00 37.71 ? 423 LEU A CA    1 
ATOM   915  C C     . LEU C 3 60 ? 0.529   -4.201  10.907  1.00 37.53 ? 423 LEU A C     1 
ATOM   916  O O     . LEU C 3 60 ? -0.342  -4.544  10.103  1.00 38.75 ? 423 LEU A O     1 
ATOM   917  C CB    . LEU C 3 60 ? 1.529   -5.980  12.366  1.00 38.42 ? 423 LEU A CB    1 
ATOM   918  C CG    . LEU C 3 60 ? 2.532   -7.124  12.533  1.00 39.54 ? 423 LEU A CG    1 
ATOM   919  C CD1   . LEU C 3 60 ? 2.182   -7.938  13.775  1.00 40.51 ? 423 LEU A CD1   1 
ATOM   920  C CD2   . LEU C 3 60 ? 2.508   -8.015  11.301  1.00 40.75 ? 423 LEU A CD2   1 
ATOM   921  N N     . VAL C 3 61 ? 0.458   -3.067  11.595  1.00 35.98 ? 424 VAL A N     1 
ATOM   922  C CA    . VAL C 3 61 ? -0.662  -2.161  11.403  1.00 35.29 ? 424 VAL A CA    1 
ATOM   923  C C     . VAL C 3 61 ? -0.661  -1.657  9.959   1.00 34.45 ? 424 VAL A C     1 
ATOM   924  O O     . VAL C 3 61 ? -1.696  -1.641  9.289   1.00 35.96 ? 424 VAL A O     1 
ATOM   925  C CB    . VAL C 3 61 ? -0.570  -0.958  12.347  1.00 37.32 ? 424 VAL A CB    1 
ATOM   926  C CG1   . VAL C 3 61 ? -1.569  0.114   11.930  1.00 35.05 ? 424 VAL A CG1   1 
ATOM   927  C CG2   . VAL C 3 61 ? -0.849  -1.413  13.777  1.00 38.16 ? 424 VAL A CG2   1 
ATOM   928  N N     . ASN C 3 62 ? 0.509   -1.244  9.488   1.00 33.33 ? 425 ASN A N     1 
ATOM   929  C CA    . ASN C 3 62 ? 0.645   -0.733  8.128   1.00 32.19 ? 425 ASN A CA    1 
ATOM   930  C C     . ASN C 3 62 ? 0.342   -1.826  7.086   1.00 31.48 ? 425 ASN A C     1 
ATOM   931  O O     . ASN C 3 62 ? -0.381  -1.590  6.119   1.00 30.89 ? 425 ASN A O     1 
ATOM   932  C CB    . ASN C 3 62 ? 2.061   -0.164  7.915   1.00 31.26 ? 425 ASN A CB    1 
ATOM   933  C CG    . ASN C 3 62 ? 2.349   1.079   8.783   1.00 32.06 ? 425 ASN A CG    1 
ATOM   934  O OD1   . ASN C 3 62 ? 1.446   1.847   9.113   1.00 31.38 ? 425 ASN A OD1   1 
ATOM   935  N ND2   . ASN C 3 62 ? 3.620   1.283   9.126   1.00 30.90 ? 425 ASN A ND2   1 
ATOM   936  N N     . LEU C 3 63 ? 0.892   -3.018  7.284   1.00 30.12 ? 426 LEU A N     1 
ATOM   937  C CA    . LEU C 3 63 ? 0.668   -4.118  6.350   1.00 31.71 ? 426 LEU A CA    1 
ATOM   938  C C     . LEU C 3 63 ? -0.791  -4.563  6.304   1.00 32.84 ? 426 LEU A C     1 
ATOM   939  O O     . LEU C 3 63 ? -1.346  -4.784  5.222   1.00 32.42 ? 426 LEU A O     1 
ATOM   940  C CB    . LEU C 3 63 ? 1.569   -5.308  6.703   1.00 31.93 ? 426 LEU A CB    1 
ATOM   941  C CG    . LEU C 3 63 ? 3.074   -5.031  6.644   1.00 33.75 ? 426 LEU A CG    1 
ATOM   942  C CD1   . LEU C 3 63 ? 3.847   -6.280  7.049   1.00 32.35 ? 426 LEU A CD1   1 
ATOM   943  C CD2   . LEU C 3 63 ? 3.467   -4.604  5.238   1.00 34.94 ? 426 LEU A CD2   1 
ATOM   944  N N     . ARG C 3 64 ? -1.426  -4.689  7.466   1.00 33.10 ? 427 ARG A N     1 
ATOM   945  C CA    . ARG C 3 64 ? -2.816  -5.109  7.481   1.00 35.50 ? 427 ARG A CA    1 
ATOM   946  C C     . ARG C 3 64 ? -3.688  -4.039  6.834   1.00 34.37 ? 427 ARG A C     1 
ATOM   947  O O     . ARG C 3 64 ? -4.699  -4.347  6.202   1.00 34.62 ? 427 ARG A O     1 
ATOM   948  C CB    . ARG C 3 64 ? -3.284  -5.399  8.909   1.00 38.47 ? 427 ARG A CB    1 
ATOM   949  C CG    . ARG C 3 64 ? -3.456  -4.191  9.789   1.00 45.46 ? 427 ARG A CG    1 
ATOM   950  C CD    . ARG C 3 64 ? -4.021  -4.606  11.137  1.00 51.12 ? 427 ARG A CD    1 
ATOM   951  N NE    . ARG C 3 64 ? -4.294  -3.467  12.007  1.00 55.05 ? 427 ARG A NE    1 
ATOM   952  C CZ    . ARG C 3 64 ? -4.871  -3.567  13.198  1.00 56.95 ? 427 ARG A CZ    1 
ATOM   953  N NH1   . ARG C 3 64 ? -5.234  -4.757  13.660  1.00 59.01 ? 427 ARG A NH1   1 
ATOM   954  N NH2   . ARG C 3 64 ? -5.088  -2.482  13.929  1.00 59.24 ? 427 ARG A NH2   1 
ATOM   955  N N     . ALA C 3 65 ? -3.292  -2.777  6.973   1.00 32.82 ? 428 ALA A N     1 
ATOM   956  C CA    . ALA C 3 65 ? -4.062  -1.703  6.356   1.00 31.27 ? 428 ALA A CA    1 
ATOM   957  C C     . ALA C 3 65 ? -3.935  -1.832  4.834   1.00 29.04 ? 428 ALA A C     1 
ATOM   958  O O     . ALA C 3 65 ? -4.906  -1.634  4.109   1.00 30.08 ? 428 ALA A O     1 
ATOM   959  C CB    . ALA C 3 65 ? -3.552  -0.343  6.820   1.00 31.46 ? 428 ALA A CB    1 
ATOM   960  N N     . MET C 3 66 ? -2.740  -2.176  4.358   1.00 28.99 ? 429 MET A N     1 
ATOM   961  C CA    . MET C 3 66 ? -2.510  -2.333  2.921   1.00 28.67 ? 429 MET A CA    1 
ATOM   962  C C     . MET C 3 66 ? -3.279  -3.540  2.390   1.00 30.14 ? 429 MET A C     1 
ATOM   963  O O     . MET C 3 66 ? -3.846  -3.504  1.298   1.00 28.99 ? 429 MET A O     1 
ATOM   964  C CB    . MET C 3 66 ? -1.016  -2.514  2.626   1.00 29.33 ? 429 MET A CB    1 
ATOM   965  C CG    . MET C 3 66 ? -0.186  -1.234  2.694   1.00 28.71 ? 429 MET A CG    1 
ATOM   966  S SD    . MET C 3 66 ? 1.549   -1.539  2.288   1.00 30.53 ? 429 MET A SD    1 
ATOM   967  C CE    . MET C 3 66 ? 2.362   -1.181  3.870   1.00 27.56 ? 429 MET A CE    1 
ATOM   968  N N     . GLN C 3 67 ? -3.293  -4.609  3.176   1.00 30.41 ? 430 GLN A N     1 
ATOM   969  C CA    . GLN C 3 67 ? -3.984  -5.826  2.790   1.00 31.97 ? 430 GLN A CA    1 
ATOM   970  C C     . GLN C 3 67 ? -5.480  -5.577  2.680   1.00 31.83 ? 430 GLN A C     1 
ATOM   971  O O     . GLN C 3 67 ? -6.107  -5.964  1.701   1.00 30.66 ? 430 GLN A O     1 
ATOM   972  C CB    . GLN C 3 67 ? -3.694  -6.922  3.810   1.00 34.42 ? 430 GLN A CB    1 
ATOM   973  C CG    . GLN C 3 67 ? -4.241  -8.294  3.447   1.00 37.43 ? 430 GLN A CG    1 
ATOM   974  C CD    . GLN C 3 67 ? -3.607  -9.385  4.280   1.00 39.80 ? 430 GLN A CD    1 
ATOM   975  O OE1   . GLN C 3 67 ? -2.478  -9.805  4.018   1.00 40.22 ? 430 GLN A OE1   1 
ATOM   976  N NE2   . GLN C 3 67 ? -4.318  -9.833  5.306   1.00 41.52 ? 430 GLN A NE2   1 
ATOM   977  N N     . ASN C 3 68 ? -6.055  -4.915  3.679   1.00 33.83 ? 431 ASN A N     1 
ATOM   978  C CA    . ASN C 3 68 ? -7.485  -4.631  3.643   1.00 34.60 ? 431 ASN A CA    1 
ATOM   979  C C     . ASN C 3 68 ? -7.854  -3.779  2.432   1.00 34.68 ? 431 ASN A C     1 
ATOM   980  O O     . ASN C 3 68 ? -8.849  -4.046  1.758   1.00 33.69 ? 431 ASN A O     1 
ATOM   981  C CB    . ASN C 3 68 ? -7.933  -3.927  4.927   1.00 37.26 ? 431 ASN A CB    1 
ATOM   982  C CG    . ASN C 3 68 ? -7.823  -4.822  6.150   1.00 40.81 ? 431 ASN A CG    1 
ATOM   983  O OD1   . ASN C 3 68 ? -8.179  -6.003  6.106   1.00 41.23 ? 431 ASN A OD1   1 
ATOM   984  N ND2   . ASN C 3 68 ? -7.340  -4.262  7.252   1.00 41.74 ? 431 ASN A ND2   1 
ATOM   985  N N     . PHE C 3 69 ? -7.054  -2.754  2.153   1.00 32.43 ? 432 PHE A N     1 
ATOM   986  C CA    . PHE C 3 69 ? -7.330  -1.890  1.013   1.00 31.90 ? 432 PHE A CA    1 
ATOM   987  C C     . PHE C 3 69 ? -7.309  -2.667  -0.303  1.00 31.90 ? 432 PHE A C     1 
ATOM   988  O O     . PHE C 3 69 ? -8.095  -2.388  -1.206  1.00 32.00 ? 432 PHE A O     1 
ATOM   989  C CB    . PHE C 3 69 ? -6.318  -0.740  0.956   1.00 31.37 ? 432 PHE A CB    1 
ATOM   990  C CG    . PHE C 3 69 ? -6.536  0.203   -0.197  1.00 29.08 ? 432 PHE A CG    1 
ATOM   991  C CD1   . PHE C 3 69 ? -5.999  -0.068  -1.448  1.00 26.98 ? 432 PHE A CD1   1 
ATOM   992  C CD2   . PHE C 3 69 ? -7.302  1.349   -0.032  1.00 28.35 ? 432 PHE A CD2   1 
ATOM   993  C CE1   . PHE C 3 69 ? -6.224  0.786   -2.523  1.00 27.65 ? 432 PHE A CE1   1 
ATOM   994  C CE2   . PHE C 3 69 ? -7.534  2.211   -1.095  1.00 30.08 ? 432 PHE A CE2   1 
ATOM   995  C CZ    . PHE C 3 69 ? -6.995  1.933   -2.347  1.00 27.26 ? 432 PHE A CZ    1 
ATOM   996  N N     . LEU C 3 70 ? -6.410  -3.640  -0.411  1.00 32.30 ? 433 LEU A N     1 
ATOM   997  C CA    . LEU C 3 70 ? -6.312  -4.433  -1.630  1.00 33.39 ? 433 LEU A CA    1 
ATOM   998  C C     . LEU C 3 70 ? -7.525  -5.347  -1.822  1.00 34.82 ? 433 LEU A C     1 
ATOM   999  O O     . LEU C 3 70 ? -7.800  -5.788  -2.934  1.00 35.04 ? 433 LEU A O     1 
ATOM   1000 C CB    . LEU C 3 70 ? -5.018  -5.258  -1.628  1.00 32.83 ? 433 LEU A CB    1 
ATOM   1001 C CG    . LEU C 3 70 ? -3.739  -4.447  -1.890  1.00 31.64 ? 433 LEU A CG    1 
ATOM   1002 C CD1   . LEU C 3 70 ? -2.510  -5.309  -1.674  1.00 32.21 ? 433 LEU A CD1   1 
ATOM   1003 C CD2   . LEU C 3 70 ? -3.764  -3.914  -3.317  1.00 31.86 ? 433 LEU A CD2   1 
ATOM   1004 N N     . GLN C 3 71 ? -8.256  -5.614  -0.746  1.00 35.49 ? 434 GLN A N     1 
ATOM   1005 C CA    . GLN C 3 71 ? -9.433  -6.472  -0.834  1.00 35.54 ? 434 GLN A CA    1 
ATOM   1006 C C     . GLN C 3 71 ? -10.647 -5.728  -1.391  1.00 35.65 ? 434 GLN A C     1 
ATOM   1007 O O     . GLN C 3 71 ? -11.672 -6.336  -1.691  1.00 33.84 ? 434 GLN A O     1 
ATOM   1008 C CB    . GLN C 3 71 ? -9.746  -7.073  0.540   1.00 38.40 ? 434 GLN A CB    1 
ATOM   1009 C CG    . GLN C 3 71 ? -8.620  -7.965  1.067   1.00 41.10 ? 434 GLN A CG    1 
ATOM   1010 C CD    . GLN C 3 71 ? -8.893  -8.513  2.455   1.00 44.79 ? 434 GLN A CD    1 
ATOM   1011 O OE1   . GLN C 3 71 ? -8.076  -9.244  3.021   1.00 46.75 ? 434 GLN A OE1   1 
ATOM   1012 N NE2   . GLN C 3 71 ? -10.045 -8.164  3.012   1.00 46.19 ? 434 GLN A NE2   1 
ATOM   1013 N N     . LEU C 3 72 ? -10.529 -4.412  -1.535  1.00 34.15 ? 435 LEU A N     1 
ATOM   1014 C CA    . LEU C 3 72 ? -11.614 -3.609  -2.089  1.00 34.22 ? 435 LEU A CA    1 
ATOM   1015 C C     . LEU C 3 72 ? -11.718 -3.946  -3.577  1.00 33.75 ? 435 LEU A C     1 
ATOM   1016 O O     . LEU C 3 72 ? -10.762 -4.423  -4.175  1.00 32.61 ? 435 LEU A O     1 
ATOM   1017 C CB    . LEU C 3 72 ? -11.314 -2.113  -1.935  1.00 33.52 ? 435 LEU A CB    1 
ATOM   1018 C CG    . LEU C 3 72 ? -11.244 -1.528  -0.526  1.00 34.88 ? 435 LEU A CG    1 
ATOM   1019 C CD1   . LEU C 3 72 ? -10.807 -0.063  -0.589  1.00 33.55 ? 435 LEU A CD1   1 
ATOM   1020 C CD2   . LEU C 3 72 ? -12.608 -1.656  0.142   1.00 36.20 ? 435 LEU A CD2   1 
ATOM   1021 N N     . PRO C 3 73 ? -12.891 -3.721  -4.184  1.00 35.30 ? 436 PRO A N     1 
ATOM   1022 C CA    . PRO C 3 73 ? -13.051 -4.019  -5.614  1.00 34.78 ? 436 PRO A CA    1 
ATOM   1023 C C     . PRO C 3 73 ? -12.026 -3.235  -6.432  1.00 35.24 ? 436 PRO A C     1 
ATOM   1024 O O     . PRO C 3 73 ? -11.610 -2.149  -6.030  1.00 35.70 ? 436 PRO A O     1 
ATOM   1025 C CB    . PRO C 3 73 ? -14.480 -3.569  -5.900  1.00 35.58 ? 436 PRO A CB    1 
ATOM   1026 C CG    . PRO C 3 73 ? -15.176 -3.848  -4.592  1.00 38.22 ? 436 PRO A CG    1 
ATOM   1027 C CD    . PRO C 3 73 ? -14.175 -3.324  -3.581  1.00 34.84 ? 436 PRO A CD    1 
ATOM   1028 N N     . GLU C 3 74 ? -11.627 -3.775  -7.580  1.00 36.50 ? 437 GLU A N     1 
ATOM   1029 C CA    . GLU C 3 74 ? -10.642 -3.099  -8.418  1.00 37.08 ? 437 GLU A CA    1 
ATOM   1030 C C     . GLU C 3 74 ? -11.119 -1.704  -8.817  1.00 38.25 ? 437 GLU A C     1 
ATOM   1031 O O     . GLU C 3 74 ? -10.363 -0.733  -8.748  1.00 38.45 ? 437 GLU A O     1 
ATOM   1032 C CB    . GLU C 3 74 ? -10.344 -3.933  -9.666  1.00 39.24 ? 437 GLU A CB    1 
ATOM   1033 C CG    . GLU C 3 74 ? -9.257  -3.340  -10.557 1.00 39.66 ? 437 GLU A CG    1 
ATOM   1034 C CD    . GLU C 3 74 ? -8.847  -4.266  -11.684 1.00 41.93 ? 437 GLU A CD    1 
ATOM   1035 O OE1   . GLU C 3 74 ? -8.297  -5.356  -11.405 1.00 40.57 ? 437 GLU A OE1   1 
ATOM   1036 O OE2   . GLU C 3 74 ? -9.072  -3.903  -12.858 1.00 44.50 ? 437 GLU A OE2   1 
ATOM   1037 N N     . ALA C 3 75 ? -12.382 -1.607  -9.219  1.00 37.75 ? 438 ALA A N     1 
ATOM   1038 C CA    . ALA C 3 75 ? -12.953 -0.334  -9.629  1.00 37.48 ? 438 ALA A CA    1 
ATOM   1039 C C     . ALA C 3 75 ? -12.872 0.706   -8.519  1.00 36.41 ? 438 ALA A C     1 
ATOM   1040 O O     . ALA C 3 75 ? -12.477 1.843   -8.764  1.00 37.25 ? 438 ALA A O     1 
ATOM   1041 C CB    . ALA C 3 75 ? -14.410 -0.528  -10.061 1.00 38.34 ? 438 ALA A CB    1 
ATOM   1042 N N     . GLU C 3 76 ? -13.252 0.320   -7.303  1.00 35.74 ? 439 GLU A N     1 
ATOM   1043 C CA    . GLU C 3 76 ? -13.212 1.246   -6.174  1.00 34.91 ? 439 GLU A CA    1 
ATOM   1044 C C     . GLU C 3 76 ? -11.788 1.726   -5.888  1.00 32.66 ? 439 GLU A C     1 
ATOM   1045 O O     . GLU C 3 76 ? -11.577 2.908   -5.614  1.00 31.57 ? 439 GLU A O     1 
ATOM   1046 C CB    . GLU C 3 76 ? -13.801 0.610   -4.909  1.00 38.13 ? 439 GLU A CB    1 
ATOM   1047 C CG    . GLU C 3 76 ? -13.890 1.597   -3.745  1.00 43.41 ? 439 GLU A CG    1 
ATOM   1048 C CD    . GLU C 3 76 ? -14.561 1.025   -2.509  1.00 47.48 ? 439 GLU A CD    1 
ATOM   1049 O OE1   . GLU C 3 76 ? -14.621 1.741   -1.485  1.00 50.23 ? 439 GLU A OE1   1 
ATOM   1050 O OE2   . GLU C 3 76 ? -15.029 -0.134  -2.556  1.00 48.82 ? 439 GLU A OE2   1 
ATOM   1051 N N     . ARG C 3 77 ? -10.817 0.818   -5.949  1.00 30.30 ? 440 ARG A N     1 
ATOM   1052 C CA    . ARG C 3 77 ? -9.424  1.196   -5.708  1.00 31.45 ? 440 ARG A CA    1 
ATOM   1053 C C     . ARG C 3 77 ? -8.971  2.207   -6.771  1.00 32.09 ? 440 ARG A C     1 
ATOM   1054 O O     . ARG C 3 77 ? -8.247  3.162   -6.475  1.00 31.68 ? 440 ARG A O     1 
ATOM   1055 C CB    . ARG C 3 77 ? -8.503  -0.041  -5.740  1.00 30.13 ? 440 ARG A CB    1 
ATOM   1056 C CG    . ARG C 3 77 ? -8.916  -1.167  -4.784  1.00 35.13 ? 440 ARG A CG    1 
ATOM   1057 C CD    . ARG C 3 77 ? -7.755  -2.106  -4.421  1.00 33.86 ? 440 ARG A CD    1 
ATOM   1058 N NE    . ARG C 3 77 ? -7.049  -2.657  -5.580  1.00 37.25 ? 440 ARG A NE    1 
ATOM   1059 C CZ    . ARG C 3 77 ? -7.439  -3.709  -6.297  1.00 36.68 ? 440 ARG A CZ    1 
ATOM   1060 N NH1   . ARG C 3 77 ? -8.552  -4.363  -5.994  1.00 35.73 ? 440 ARG A NH1   1 
ATOM   1061 N NH2   . ARG C 3 77 ? -6.699  -4.114  -7.323  1.00 36.69 ? 440 ARG A NH2   1 
ATOM   1062 N N     . ASP C 3 78 ? -9.407  2.006   -8.009  1.00 32.39 ? 441 ASP A N     1 
ATOM   1063 C CA    . ASP C 3 78 ? -9.028  2.905   -9.095  1.00 34.87 ? 441 ASP A CA    1 
ATOM   1064 C C     . ASP C 3 78 ? -9.594  4.319   -8.937  1.00 35.66 ? 441 ASP A C     1 
ATOM   1065 O O     . ASP C 3 78 ? -8.917  5.303   -9.243  1.00 35.71 ? 441 ASP A O     1 
ATOM   1066 C CB    . ASP C 3 78 ? -9.454  2.307   -10.437 1.00 35.91 ? 441 ASP A CB    1 
ATOM   1067 C CG    . ASP C 3 78 ? -8.574  1.147   -10.856 1.00 39.41 ? 441 ASP A CG    1 
ATOM   1068 O OD1   . ASP C 3 78 ? -8.996  0.357   -11.728 1.00 42.41 ? 441 ASP A OD1   1 
ATOM   1069 O OD2   . ASP C 3 78 ? -7.452  1.028   -10.317 1.00 42.50 ? 441 ASP A OD2   1 
ATOM   1070 N N     . ARG C 3 79 ? -10.828 4.423   -8.453  1.00 36.65 ? 442 ARG A N     1 
ATOM   1071 C CA    . ARG C 3 79 ? -11.434 5.733   -8.259  1.00 37.91 ? 442 ARG A CA    1 
ATOM   1072 C C     . ARG C 3 79 ? -10.666 6.449   -7.158  1.00 37.56 ? 442 ARG A C     1 
ATOM   1073 O O     . ARG C 3 79 ? -10.344 7.631   -7.274  1.00 38.29 ? 442 ARG A O     1 
ATOM   1074 C CB    . ARG C 3 79 ? -12.899 5.608   -7.840  1.00 40.76 ? 442 ARG A CB    1 
ATOM   1075 C CG    . ARG C 3 79 ? -13.637 6.934   -7.871  1.00 45.16 ? 442 ARG A CG    1 
ATOM   1076 C CD    . ARG C 3 79 ? -14.808 6.954   -6.911  1.00 50.62 ? 442 ARG A CD    1 
ATOM   1077 N NE    . ARG C 3 79 ? -14.360 7.094   -5.529  1.00 55.22 ? 442 ARG A NE    1 
ATOM   1078 C CZ    . ARG C 3 79 ? -15.173 7.269   -4.493  1.00 56.83 ? 442 ARG A CZ    1 
ATOM   1079 N NH1   . ARG C 3 79 ? -16.485 7.321   -4.679  1.00 58.57 ? 442 ARG A NH1   1 
ATOM   1080 N NH2   . ARG C 3 79 ? -14.671 7.401   -3.271  1.00 57.80 ? 442 ARG A NH2   1 
ATOM   1081 N N     . ILE C 3 80 ? -10.381 5.712   -6.088  1.00 35.15 ? 443 ILE A N     1 
ATOM   1082 C CA    . ILE C 3 80 ? -9.649  6.236   -4.940  1.00 34.57 ? 443 ILE A CA    1 
ATOM   1083 C C     . ILE C 3 80 ? -8.266  6.768   -5.344  1.00 33.66 ? 443 ILE A C     1 
ATOM   1084 O O     . ILE C 3 80 ? -7.832  7.810   -4.855  1.00 33.98 ? 443 ILE A O     1 
ATOM   1085 C CB    . ILE C 3 80 ? -9.524  5.139   -3.838  1.00 32.01 ? 443 ILE A CB    1 
ATOM   1086 C CG1   . ILE C 3 80 ? -10.877 4.987   -3.126  1.00 31.60 ? 443 ILE A CG1   1 
ATOM   1087 C CG2   . ILE C 3 80 ? -8.418  5.490   -2.838  1.00 34.24 ? 443 ILE A CG2   1 
ATOM   1088 C CD1   . ILE C 3 80 ? -10.978 3.789   -2.191  1.00 30.13 ? 443 ILE A CD1   1 
ATOM   1089 N N     . TYR C 3 81 ? -7.585  6.053   -6.238  1.00 33.30 ? 444 TYR A N     1 
ATOM   1090 C CA    . TYR C 3 81 ? -6.267  6.473   -6.711  1.00 33.13 ? 444 TYR A CA    1 
ATOM   1091 C C     . TYR C 3 81 ? -6.416  7.788   -7.467  1.00 34.51 ? 444 TYR A C     1 
ATOM   1092 O O     . TYR C 3 81 ? -5.680  8.745   -7.238  1.00 32.47 ? 444 TYR A O     1 
ATOM   1093 C CB    . TYR C 3 81 ? -5.674  5.418   -7.651  1.00 29.97 ? 444 TYR A CB    1 
ATOM   1094 C CG    . TYR C 3 81 ? -5.323  4.090   -7.005  1.00 27.55 ? 444 TYR A CG    1 
ATOM   1095 C CD1   . TYR C 3 81 ? -5.266  2.923   -7.766  1.00 28.40 ? 444 TYR A CD1   1 
ATOM   1096 C CD2   . TYR C 3 81 ? -5.026  4.003   -5.644  1.00 28.13 ? 444 TYR A CD2   1 
ATOM   1097 C CE1   . TYR C 3 81 ? -4.926  1.695   -7.195  1.00 28.11 ? 444 TYR A CE1   1 
ATOM   1098 C CE2   . TYR C 3 81 ? -4.682  2.781   -5.058  1.00 27.76 ? 444 TYR A CE2   1 
ATOM   1099 C CZ    . TYR C 3 81 ? -4.638  1.632   -5.838  1.00 27.35 ? 444 TYR A CZ    1 
ATOM   1100 O OH    . TYR C 3 81 ? -4.331  0.422   -5.266  1.00 25.71 ? 444 TYR A OH    1 
ATOM   1101 N N     . GLN C 3 82 ? -7.381  7.820   -8.378  1.00 37.22 ? 445 GLN A N     1 
ATOM   1102 C CA    . GLN C 3 82 ? -7.646  9.003   -9.185  1.00 39.64 ? 445 GLN A CA    1 
ATOM   1103 C C     . GLN C 3 82 ? -7.938  10.217  -8.308  1.00 39.95 ? 445 GLN A C     1 
ATOM   1104 O O     . GLN C 3 82 ? -7.441  11.314  -8.574  1.00 39.08 ? 445 GLN A O     1 
ATOM   1105 C CB    . GLN C 3 82 ? -8.829  8.737   -10.119 1.00 42.54 ? 445 GLN A CB    1 
ATOM   1106 C CG    . GLN C 3 82 ? -9.121  9.851   -11.103 1.00 45.69 ? 445 GLN A CG    1 
ATOM   1107 C CD    . GLN C 3 82 ? -10.351 9.563   -11.944 1.00 48.52 ? 445 GLN A CD    1 
ATOM   1108 O OE1   . GLN C 3 82 ? -10.476 8.488   -12.532 1.00 50.64 ? 445 GLN A OE1   1 
ATOM   1109 N NE2   . GLN C 3 82 ? -11.268 10.526  -12.005 1.00 50.77 ? 445 GLN A NE2   1 
ATOM   1110 N N     . ASP C 3 83 ? -8.748  10.022  -7.268  1.00 40.82 ? 446 ASP A N     1 
ATOM   1111 C CA    . ASP C 3 83 ? -9.086  11.115  -6.358  1.00 42.29 ? 446 ASP A CA    1 
ATOM   1112 C C     . ASP C 3 83 ? -7.835  11.642  -5.662  1.00 42.36 ? 446 ASP A C     1 
ATOM   1113 O O     . ASP C 3 83 ? -7.659  12.850  -5.516  1.00 41.43 ? 446 ASP A O     1 
ATOM   1114 C CB    . ASP C 3 83 ? -10.085 10.662  -5.283  1.00 44.09 ? 446 ASP A CB    1 
ATOM   1115 C CG    . ASP C 3 83 ? -11.461 10.356  -5.848  1.00 46.10 ? 446 ASP A CG    1 
ATOM   1116 O OD1   . ASP C 3 83 ? -11.847 10.994  -6.849  1.00 45.92 ? 446 ASP A OD1   1 
ATOM   1117 O OD2   . ASP C 3 83 ? -12.163 9.489   -5.279  1.00 46.88 ? 446 ASP A OD2   1 
ATOM   1118 N N     . GLU C 3 84 ? -6.975  10.728  -5.219  1.00 41.85 ? 447 GLU A N     1 
ATOM   1119 C CA    . GLU C 3 84 ? -5.749  11.120  -4.536  1.00 41.99 ? 447 GLU A CA    1 
ATOM   1120 C C     . GLU C 3 84 ? -4.847  11.903  -5.481  1.00 41.85 ? 447 GLU A C     1 
ATOM   1121 O O     . GLU C 3 84 ? -4.218  12.878  -5.072  1.00 40.22 ? 447 GLU A O     1 
ATOM   1122 C CB    . GLU C 3 84 ? -5.020  9.889   -3.994  1.00 40.78 ? 447 GLU A CB    1 
ATOM   1123 C CG    . GLU C 3 84 ? -3.717  10.192  -3.245  1.00 42.41 ? 447 GLU A CG    1 
ATOM   1124 C CD    . GLU C 3 84 ? -3.868  11.254  -2.161  1.00 43.01 ? 447 GLU A CD    1 
ATOM   1125 O OE1   . GLU C 3 84 ? -4.967  11.378  -1.578  1.00 43.11 ? 447 GLU A OE1   1 
ATOM   1126 O OE2   . GLU C 3 84 ? -2.874  11.960  -1.878  1.00 43.48 ? 447 GLU A OE2   1 
ATOM   1127 N N     . ARG C 3 85 ? -4.787  11.484  -6.742  1.00 42.76 ? 448 ARG A N     1 
ATOM   1128 C CA    . ARG C 3 85 ? -3.964  12.186  -7.726  1.00 45.43 ? 448 ARG A CA    1 
ATOM   1129 C C     . ARG C 3 85 ? -4.410  13.641  -7.851  1.00 46.25 ? 448 ARG A C     1 
ATOM   1130 O O     . ARG C 3 85 ? -3.589  14.561  -7.792  1.00 45.98 ? 448 ARG A O     1 
ATOM   1131 C CB    . ARG C 3 85 ? -4.050  11.510  -9.097  1.00 46.49 ? 448 ARG A CB    1 
ATOM   1132 C CG    . ARG C 3 85 ? -3.234  10.235  -9.217  1.00 47.90 ? 448 ARG A CG    1 
ATOM   1133 C CD    . ARG C 3 85 ? -3.202  9.721   -10.649 1.00 48.80 ? 448 ARG A CD    1 
ATOM   1134 N NE    . ARG C 3 85 ? -2.183  8.685   -10.817 1.00 50.78 ? 448 ARG A NE    1 
ATOM   1135 C CZ    . ARG C 3 85 ? -1.914  8.067   -11.963 1.00 50.29 ? 448 ARG A CZ    1 
ATOM   1136 N NH1   . ARG C 3 85 ? -2.591  8.371   -13.063 1.00 50.68 ? 448 ARG A NH1   1 
ATOM   1137 N NH2   . ARG C 3 85 ? -0.962  7.146   -12.010 1.00 49.31 ? 448 ARG A NH2   1 
ATOM   1138 N N     . GLU C 3 86 ? -5.713  13.841  -8.019  1.00 47.33 ? 449 GLU A N     1 
ATOM   1139 C CA    . GLU C 3 86 ? -6.275  15.182  -8.148  1.00 48.73 ? 449 GLU A CA    1 
ATOM   1140 C C     . GLU C 3 86 ? -6.033  15.994  -6.884  1.00 48.28 ? 449 GLU A C     1 
ATOM   1141 O O     . GLU C 3 86 ? -5.717  17.178  -6.949  1.00 48.82 ? 449 GLU A O     1 
ATOM   1142 C CB    . GLU C 3 86 ? -7.779  15.103  -8.417  1.00 49.66 ? 449 GLU A CB    1 
ATOM   1143 C CG    . GLU C 3 86 ? -8.147  14.475  -9.748  1.00 52.85 ? 449 GLU A CG    1 
ATOM   1144 C CD    . GLU C 3 86 ? -7.755  15.339  -10.936 1.00 55.13 ? 449 GLU A CD    1 
ATOM   1145 O OE1   . GLU C 3 86 ? -8.083  14.957  -12.083 1.00 55.27 ? 449 GLU A OE1   1 
ATOM   1146 O OE2   . GLU C 3 86 ? -7.123  16.398  -10.723 1.00 56.34 ? 449 GLU A OE2   1 
ATOM   1147 N N     . ARG C 3 87 ? -6.180  15.335  -5.741  1.00 48.46 ? 450 ARG A N     1 
ATOM   1148 C CA    . ARG C 3 87 ? -6.004  15.948  -4.428  1.00 49.54 ? 450 ARG A CA    1 
ATOM   1149 C C     . ARG C 3 87 ? -4.608  16.551  -4.264  1.00 50.14 ? 450 ARG A C     1 
ATOM   1150 O O     . ARG C 3 87 ? -4.460  17.723  -3.919  1.00 48.77 ? 450 ARG A O     1 
ATOM   1151 C CB    . ARG C 3 87 ? -6.245  14.887  -3.353  1.00 51.48 ? 450 ARG A CB    1 
ATOM   1152 C CG    . ARG C 3 87 ? -6.675  15.397  -1.988  1.00 53.87 ? 450 ARG A CG    1 
ATOM   1153 C CD    . ARG C 3 87 ? -7.011  14.209  -1.089  1.00 56.19 ? 450 ARG A CD    1 
ATOM   1154 N NE    . ARG C 3 87 ? -7.862  13.245  -1.786  1.00 58.85 ? 450 ARG A NE    1 
ATOM   1155 C CZ    . ARG C 3 87 ? -8.124  12.013  -1.356  1.00 59.99 ? 450 ARG A CZ    1 
ATOM   1156 N NH1   . ARG C 3 87 ? -7.604  11.574  -0.218  1.00 61.05 ? 450 ARG A NH1   1 
ATOM   1157 N NH2   . ARG C 3 87 ? -8.895  11.210  -2.077  1.00 60.27 ? 450 ARG A NH2   1 
ATOM   1158 N N     . SER C 3 88 ? -3.587  15.738  -4.509  1.00 51.25 ? 451 SER A N     1 
ATOM   1159 C CA    . SER C 3 88 ? -2.204  16.188  -4.393  1.00 52.83 ? 451 SER A CA    1 
ATOM   1160 C C     . SER C 3 88 ? -1.873  17.134  -5.538  1.00 53.70 ? 451 SER A C     1 
ATOM   1161 O O     . SER C 3 88 ? -0.996  17.989  -5.418  1.00 54.34 ? 451 SER A O     1 
ATOM   1162 C CB    . SER C 3 88 ? -1.259  14.986  -4.428  1.00 53.57 ? 451 SER A CB    1 
ATOM   1163 O OG    . SER C 3 88 ? -1.449  14.239  -5.615  1.00 53.78 ? 451 SER A OG    1 
ATOM   1164 N N     . LEU C 3 89 ? -2.588  16.974  -6.646  1.00 54.03 ? 452 LEU A N     1 
ATOM   1165 C CA    . LEU C 3 89 ? -2.388  17.804  -7.822  1.00 54.60 ? 452 LEU A CA    1 
ATOM   1166 C C     . LEU C 3 89 ? -2.566  19.278  -7.452  1.00 55.09 ? 452 LEU A C     1 
ATOM   1167 O O     . LEU C 3 89 ? -1.962  20.157  -8.069  1.00 55.22 ? 452 LEU A O     1 
ATOM   1168 C CB    . LEU C 3 89 ? -3.393  17.410  -8.912  1.00 55.96 ? 452 LEU A CB    1 
ATOM   1169 C CG    . LEU C 3 89 ? -3.007  17.596  -10.383 1.00 55.49 ? 452 LEU A CG    1 
ATOM   1170 C CD1   . LEU C 3 89 ? -2.700  19.054  -10.672 1.00 56.36 ? 452 LEU A CD1   1 
ATOM   1171 C CD2   . LEU C 3 89 ? -1.804  16.724  -10.701 1.00 56.60 ? 452 LEU A CD2   1 
ATOM   1172 N N     . ARG C 3 90 ? -3.392  19.546  -6.444  1.00 53.96 ? 453 ARG A N     1 
ATOM   1173 C CA    . ARG C 3 90 ? -3.627  20.918  -6.004  1.00 53.12 ? 453 ARG A CA    1 
ATOM   1174 C C     . ARG C 3 90 ? -2.448  21.417  -5.172  1.00 54.61 ? 453 ARG A C     1 
ATOM   1175 O O     . ARG C 3 90 ? -1.778  22.368  -5.628  1.00 56.08 ? 453 ARG A O     1 
ATOM   1176 C CB    . ARG C 3 90 ? -4.925  21.013  -5.184  1.00 50.22 ? 453 ARG A CB    1 
ATOM   1177 C CG    . ARG C 3 90 ? -6.180  20.615  -5.955  1.00 46.25 ? 453 ARG A CG    1 
ATOM   1178 C CD    . ARG C 3 90 ? -7.477  20.813  -5.156  1.00 42.08 ? 453 ARG A CD    1 
ATOM   1179 N NE    . ARG C 3 90 ? -7.857  22.220  -5.021  1.00 36.10 ? 453 ARG A NE    1 
ATOM   1180 C CZ    . ARG C 3 90 ? -9.073  22.640  -4.676  1.00 36.71 ? 453 ARG A CZ    1 
ATOM   1181 N NH1   . ARG C 3 90 ? -10.038 21.760  -4.433  1.00 32.94 ? 453 ARG A NH1   1 
ATOM   1182 N NH2   . ARG C 3 90 ? -9.328  23.942  -4.571  1.00 33.72 ? 453 ARG A NH2   1 
HETATM 1183 O O     . HOH D 4 .  ? 1.987   1.890   12.094  1.00 37.35 ? 13  HOH B O     1 
HETATM 1184 O O     . HOH D 4 .  ? 9.017   13.997  -0.453  1.00 37.23 ? 14  HOH B O     1 
HETATM 1185 O O     . HOH D 4 .  ? 5.878   14.609  2.942   1.00 32.19 ? 15  HOH B O     1 
HETATM 1186 O O     . HOH D 4 .  ? 11.793  2.419   -10.393 1.00 42.05 ? 16  HOH B O     1 
HETATM 1187 O O     . HOH D 4 .  ? 8.520   10.054  3.118   1.00 23.69 ? 17  HOH B O     1 
HETATM 1188 O O     . HOH D 4 .  ? 9.805   8.661   -13.173 1.00 43.07 ? 18  HOH B O     1 
HETATM 1189 O O     . HOH D 4 .  ? 14.627  5.449   -8.615  1.00 38.05 ? 19  HOH B O     1 
HETATM 1190 O O     . HOH D 4 .  ? 6.073   10.926  13.373  1.00 43.40 ? 20  HOH B O     1 
HETATM 1191 O O     . HOH D 4 .  ? 1.213   11.173  6.949   1.00 41.40 ? 21  HOH B O     1 
HETATM 1192 O O     . HOH D 4 .  ? 10.422  6.500   -11.695 1.00 31.55 ? 22  HOH B O     1 
HETATM 1193 O O     . HOH D 4 .  ? 13.200  21.053  -4.526  1.00 53.26 ? 23  HOH B O     1 
HETATM 1194 O O     . HOH D 4 .  ? 18.032  13.086  -15.607 1.00 45.78 ? 24  HOH B O     1 
HETATM 1195 O O     . HOH D 4 .  ? 1.346   9.726   9.834   1.00 33.80 ? 25  HOH B O     1 
HETATM 1196 O O     . HOH D 4 .  ? 6.316   0.358   9.649   1.00 44.43 ? 26  HOH B O     1 
HETATM 1197 O O     . HOH D 4 .  ? 20.587  8.727   -12.658 1.00 45.49 ? 27  HOH B O     1 
HETATM 1198 O O     . HOH D 4 .  ? 17.873  14.102  -11.996 1.00 59.00 ? 28  HOH B O     1 
HETATM 1199 O O     . HOH D 4 .  ? 16.810  15.564  3.504   1.00 32.84 ? 29  HOH B O     1 
HETATM 1200 O O     . HOH D 4 .  ? 13.123  16.369  -5.719  1.00 42.97 ? 30  HOH B O     1 
HETATM 1201 O O     . HOH D 4 .  ? 9.009   11.492  0.009   1.00 43.32 ? 31  HOH B O     1 
HETATM 1202 O O     . HOH D 4 .  ? 10.862  2.430   17.530  1.00 41.64 ? 32  HOH B O     1 
HETATM 1203 O O     . HOH D 4 .  ? 17.203  18.597  4.504   1.00 45.87 ? 33  HOH B O     1 
HETATM 1204 O O     . HOH D 4 .  ? 7.958   9.996   -16.692 1.00 54.00 ? 34  HOH B O     1 
HETATM 1205 O O     . HOH D 4 .  ? 5.847   12.329  -25.442 1.00 50.58 ? 35  HOH B O     1 
HETATM 1206 O O     . HOH D 4 .  ? 20.530  6.554   -15.199 1.00 54.16 ? 36  HOH B O     1 
HETATM 1207 O O     . HOH D 4 .  ? 14.013  4.691   12.933  1.00 68.35 ? 37  HOH B O     1 
HETATM 1208 O O     . HOH D 4 .  ? 19.384  14.270  1.170   1.00 48.04 ? 38  HOH B O     1 
HETATM 1209 O O     . HOH D 4 .  ? 8.349   14.473  -21.089 1.00 59.85 ? 39  HOH B O     1 
HETATM 1210 O O     . HOH D 4 .  ? 18.414  3.461   -7.354  1.00 69.78 ? 40  HOH B O     1 
HETATM 1211 O O     . HOH D 4 .  ? 25.356  16.006  -3.199  1.00 56.41 ? 41  HOH B O     1 
HETATM 1212 O O     . HOH D 4 .  ? 7.537   8.463   -14.277 1.00 43.46 ? 42  HOH B O     1 
HETATM 1213 O O     . HOH D 4 .  ? 21.163  17.078  -6.881  1.00 55.32 ? 43  HOH B O     1 
HETATM 1214 O O     . HOH D 4 .  ? 14.938  2.809   -8.968  1.00 35.64 ? 44  HOH B O     1 
HETATM 1215 O O     . HOH D 4 .  ? 13.457  19.594  -1.888  1.00 53.34 ? 45  HOH B O     1 
HETATM 1216 O O     . HOH E 4 .  ? 12.692  6.993   -10.202 1.00 26.34 ? 13  HOH C O     1 
HETATM 1217 O O     . HOH E 4 .  ? 12.179  6.473   6.538   1.00 41.88 ? 14  HOH C O     1 
HETATM 1218 O O     . HOH E 4 .  ? 6.028   8.013   -5.064  1.00 24.81 ? 15  HOH C O     1 
HETATM 1219 O O     . HOH E 4 .  ? 16.142  7.058   -6.912  1.00 28.85 ? 16  HOH C O     1 
HETATM 1220 O O     . HOH E 4 .  ? 1.758   18.295  -17.567 1.00 62.65 ? 17  HOH C O     1 
HETATM 1221 O O     . HOH E 4 .  ? 21.120  16.778  -19.342 1.00 54.91 ? 18  HOH C O     1 
HETATM 1222 O O     . HOH E 4 .  ? 20.033  21.791  -16.545 1.00 62.71 ? 19  HOH C O     1 
HETATM 1223 O O     . HOH E 4 .  ? 23.790  14.838  11.345  1.00 36.31 ? 20  HOH C O     1 
HETATM 1224 O O     . HOH E 4 .  ? 19.981  14.896  13.644  1.00 35.66 ? 21  HOH C O     1 
HETATM 1225 O O     . HOH E 4 .  ? 18.592  8.648   -2.937  1.00 37.82 ? 22  HOH C O     1 
HETATM 1226 O O     . HOH E 4 .  ? 24.318  7.984   6.835   1.00 64.52 ? 23  HOH C O     1 
HETATM 1227 O O     . HOH E 4 .  ? 14.057  16.970  -9.633  1.00 53.16 ? 24  HOH C O     1 
HETATM 1228 O O     . HOH E 4 .  ? 6.619   13.160  -7.117  1.00 51.01 ? 25  HOH C O     1 
HETATM 1229 O O     . HOH E 4 .  ? 16.127  7.263   8.885   1.00 42.74 ? 26  HOH C O     1 
HETATM 1230 O O     . HOH E 4 .  ? 25.169  14.123  7.483   1.00 64.85 ? 27  HOH C O     1 
HETATM 1231 O O     . HOH E 4 .  ? 18.941  5.146   5.501   1.00 40.87 ? 28  HOH C O     1 
HETATM 1232 O O     . HOH E 4 .  ? 20.518  13.452  3.333   1.00 46.65 ? 29  HOH C O     1 
HETATM 1233 O O     . HOH E 4 .  ? 7.897   19.816  -10.977 1.00 50.29 ? 30  HOH C O     1 
HETATM 1234 O O     . HOH E 4 .  ? 18.724  11.863  -21.648 1.00 47.57 ? 31  HOH C O     1 
HETATM 1235 O O     . HOH E 4 .  ? 17.728  23.649  -15.417 1.00 64.37 ? 32  HOH C O     1 
HETATM 1236 O O     . HOH E 4 .  ? 5.946   10.706  -6.426  1.00 31.21 ? 33  HOH C O     1 
HETATM 1237 O O     . HOH E 4 .  ? 3.611   14.331  -8.379  1.00 64.31 ? 34  HOH C O     1 
HETATM 1238 O O     . HOH E 4 .  ? 4.967   13.909  -17.146 1.00 63.86 ? 35  HOH C O     1 
HETATM 1239 O O     . HOH E 4 .  ? 7.649   12.780  -16.250 1.00 45.21 ? 36  HOH C O     1 
HETATM 1240 O O     . HOH E 4 .  ? 9.821   13.539  -3.817  1.00 38.49 ? 37  HOH C O     1 
HETATM 1241 O O     . HOH F 4 .  ? 1.885   9.230   0.705   1.00 26.85 ? 1   HOH A O     1 
HETATM 1242 O O     . HOH F 4 .  ? 11.735  0.137   -2.280  1.00 28.39 ? 2   HOH A O     1 
HETATM 1243 O O     . HOH F 4 .  ? 4.417   10.858  0.434   1.00 29.93 ? 8   HOH A O     1 
HETATM 1244 O O     . HOH F 4 .  ? -10.176 18.714  -4.589  1.00 59.35 ? 10  HOH A O     1 
HETATM 1245 O O     . HOH F 4 .  ? -1.574  2.566   8.525   1.00 39.55 ? 14  HOH A O     1 
HETATM 1246 O O     . HOH F 4 .  ? -2.555  3.396   13.792  1.00 58.39 ? 17  HOH A O     1 
HETATM 1247 O O     . HOH F 4 .  ? -10.846 -1.869  6.231   1.00 55.59 ? 19  HOH A O     1 
HETATM 1248 O O     . HOH F 4 .  ? -5.281  2.830   -11.590 1.00 66.09 ? 21  HOH A O     1 
HETATM 1249 O O     . HOH F 4 .  ? -0.284  11.802  -7.626  1.00 40.28 ? 23  HOH A O     1 
HETATM 1250 O O     . HOH F 4 .  ? -4.310  -1.594  10.134  1.00 41.58 ? 30  HOH A O     1 
HETATM 1251 O O     . HOH F 4 .  ? 16.985  3.536   1.608   1.00 36.28 ? 32  HOH A O     1 
HETATM 1252 O O     . HOH F 4 .  ? 9.421   -4.570  12.330  1.00 41.50 ? 34  HOH A O     1 
HETATM 1253 O O     . HOH F 4 .  ? -2.520  14.642  -1.120  1.00 45.91 ? 37  HOH A O     1 
HETATM 1254 O O     . HOH F 4 .  ? -10.140 -1.658  -14.717 1.00 62.93 ? 39  HOH A O     1 
HETATM 1255 O O     . HOH F 4 .  ? 14.145  2.410   -0.058  1.00 29.81 ? 41  HOH A O     1 
HETATM 1256 O O     . HOH F 4 .  ? 11.555  -8.434  10.940  1.00 45.51 ? 49  HOH A O     1 
HETATM 1257 O O     . HOH F 4 .  ? -0.016  7.456   -9.529  1.00 38.26 ? 51  HOH A O     1 
HETATM 1258 O O     . HOH F 4 .  ? -3.464  6.445   10.144  1.00 46.72 ? 54  HOH A O     1 
HETATM 1259 O O     . HOH F 4 .  ? -14.247 9.793   -6.897  1.00 52.32 ? 57  HOH A O     1 
HETATM 1260 O O     . HOH F 4 .  ? 8.461   -10.650 -2.957  1.00 74.92 ? 58  HOH A O     1 
HETATM 1261 O O     . HOH F 4 .  ? -6.975  0.479   4.508   1.00 35.20 ? 61  HOH A O     1 
HETATM 1262 O O     . HOH F 4 .  ? -6.548  -2.175  8.558   1.00 36.33 ? 64  HOH A O     1 
HETATM 1263 O O     . HOH F 4 .  ? -6.909  5.377   -11.095 1.00 43.63 ? 67  HOH A O     1 
HETATM 1264 O O     . HOH F 4 .  ? -2.902  -6.326  -8.166  1.00 38.20 ? 68  HOH A O     1 
HETATM 1265 O O     . HOH F 4 .  ? -6.738  -7.286  -12.035 1.00 69.09 ? 69  HOH A O     1 
HETATM 1266 O O     . HOH F 4 .  ? -7.897  -7.341  13.815  1.00 65.73 ? 71  HOH A O     1 
HETATM 1267 O O     . HOH F 4 .  ? -8.371  7.925   0.412   1.00 46.69 ? 72  HOH A O     1 
HETATM 1268 O O     . HOH F 4 .  ? -1.675  -7.480  -5.975  1.00 36.64 ? 76  HOH A O     1 
HETATM 1269 O O     . HOH F 4 .  ? -10.954 -7.881  -4.616  1.00 56.27 ? 78  HOH A O     1 
HETATM 1270 O O     . HOH F 4 .  ? 2.599   10.684  -6.724  1.00 56.60 ? 81  HOH A O     1 
HETATM 1271 O O     . HOH F 4 .  ? 1.619   -15.907 7.608   1.00 51.33 ? 83  HOH A O     1 
HETATM 1272 O O     . HOH F 4 .  ? 13.508  -5.199  -2.253  1.00 49.75 ? 84  HOH A O     1 
HETATM 1273 O O     . HOH F 4 .  ? -7.183  2.921   4.163   1.00 61.00 ? 85  HOH A O     1 
HETATM 1274 O O     . HOH F 4 .  ? -1.197  14.486  -8.352  1.00 63.21 ? 86  HOH A O     1 
HETATM 1275 O O     . HOH F 4 .  ? 8.540   -0.425  -5.665  1.00 47.35 ? 87  HOH A O     1 
HETATM 1276 O O     . HOH F 4 .  ? 5.447   -0.254  -10.311 1.00 59.13 ? 88  HOH A O     1 
HETATM 1277 O O     . HOH F 4 .  ? 9.438   0.177   8.058   1.00 41.22 ? 90  HOH A O     1 
HETATM 1278 O O     . HOH F 4 .  ? 1.576   -18.394 12.674  1.00 48.65 ? 91  HOH A O     1 
HETATM 1279 O O     . HOH F 4 .  ? -8.574  18.465  -12.657 1.00 71.91 ? 93  HOH A O     1 
HETATM 1280 O O     . HOH F 4 .  ? -10.003 2.894   2.257   1.00 48.98 ? 94  HOH A O     1 
HETATM 1281 O O     . HOH F 4 .  ? 3.463   5.611   -11.183 1.00 48.94 ? 95  HOH A O     1 
HETATM 1282 O O     . HOH F 4 .  ? -0.117  11.379  -2.507  1.00 42.58 ? 96  HOH A O     1 
HETATM 1283 O O     . HOH F 4 .  ? 2.250   -13.293 11.784  1.00 65.83 ? 97  HOH A O     1 
HETATM 1284 O O     . HOH F 4 .  ? -0.607  -3.397  -16.033 1.00 61.90 ? 98  HOH A O     1 
HETATM 1285 O O     . HOH F 4 .  ? -7.482  -0.340  7.225   1.00 48.43 ? 99  HOH A O     1 
HETATM 1286 O O     . HOH F 4 .  ? 3.730   -2.149  -16.567 1.00 74.04 ? 101 HOH A O     1 
HETATM 1287 O O     . HOH F 4 .  ? 9.061   -4.507  5.497   1.00 30.87 ? 102 HOH A O     1 
HETATM 1288 O O     . HOH F 4 .  ? -9.495  14.783  -5.461  1.00 47.25 ? 103 HOH A O     1 
HETATM 1289 O O     . HOH F 4 .  ? -7.321  -6.200  -9.128  1.00 52.09 ? 104 HOH A O     1 
HETATM 1290 O O     . HOH F 4 .  ? 11.219  -1.516  14.677  1.00 51.11 ? 108 HOH A O     1 
# 
loop_
_pdbx_poly_seq_scheme.asym_id 
_pdbx_poly_seq_scheme.entity_id 
_pdbx_poly_seq_scheme.seq_id 
_pdbx_poly_seq_scheme.mon_id 
_pdbx_poly_seq_scheme.ndb_seq_num 
_pdbx_poly_seq_scheme.pdb_seq_num 
_pdbx_poly_seq_scheme.auth_seq_num 
_pdbx_poly_seq_scheme.pdb_mon_id 
_pdbx_poly_seq_scheme.auth_mon_id 
_pdbx_poly_seq_scheme.pdb_strand_id 
_pdbx_poly_seq_scheme.pdb_ins_code 
_pdbx_poly_seq_scheme.hetero 
A 1 1  DG  1  1   1   DG  GUA B . n 
A 1 2  DC  2  2   2   DC  CYT B . n 
A 1 3  DT  3  3   3   DT  THY B . n 
A 1 4  DA  4  4   4   DA  ADE B . n 
A 1 5  DA  5  5   5   DA  ADE B . n 
A 1 6  DT  6  6   6   DT  THY B . n 
A 1 7  DA  7  7   7   DA  ADE B . n 
A 1 8  DT  8  8   8   DT  THY B . n 
A 1 9  DA  9  9   9   DA  ADE B . n 
A 1 10 DT  10 10  10  DT  THY B . n 
A 1 11 DG  11 11  11  DG  GUA B . n 
A 1 12 DC  12 12  12  DC  CYT B . n 
B 2 1  DG  1  1   1   DG  GUA C . n 
B 2 2  DC  2  2   2   DC  CYT C . n 
B 2 3  DA  3  3   3   DA  ADE C . n 
B 2 4  DT  4  4   4   DT  THY C . n 
B 2 5  DA  5  5   5   DA  ADE C . n 
B 2 6  DT  6  6   6   DT  THY C . n 
B 2 7  DA  7  7   7   DA  ADE C . n 
B 2 8  DT  8  8   8   DT  THY C . n 
B 2 9  DT  9  9   9   DT  THY C . n 
B 2 10 DA  10 10  10  DA  ADE C . n 
B 2 11 DG  11 11  11  DG  GUA C . n 
B 2 12 DC  12 12  12  DC  CYT C . n 
C 3 1  GLY 1  364 ?   ?   ?   A . n 
C 3 2  SER 2  365 ?   ?   ?   A . n 
C 3 3  HIS 3  366 ?   ?   ?   A . n 
C 3 4  MET 4  367 ?   ?   ?   A . n 
C 3 5  ASN 5  368 ?   ?   ?   A . n 
C 3 6  THR 6  369 ?   ?   ?   A . n 
C 3 7  GLU 7  370 370 GLU GLU A . n 
C 3 8  VAL 8  371 371 VAL VAL A . n 
C 3 9  SER 9  372 372 SER SER A . n 
C 3 10 SER 10 373 373 SER SER A . n 
C 3 11 GLU 11 374 374 GLU GLU A . n 
C 3 12 ILE 12 375 375 ILE ILE A . n 
C 3 13 TYR 13 376 376 TYR TYR A . n 
C 3 14 GLN 14 377 377 GLN GLN A . n 
C 3 15 TRP 15 378 378 TRP TRP A . n 
C 3 16 VAL 16 379 379 VAL VAL A . n 
C 3 17 ARG 17 380 380 ARG ARG A . n 
C 3 18 ASP 18 381 381 ASP ASP A . n 
C 3 19 GLU 19 382 382 GLU GLU A . n 
C 3 20 LEU 20 383 383 LEU LEU A . n 
C 3 21 LYS 21 384 384 LYS LYS A . n 
C 3 22 ARG 22 385 385 ARG ARG A . n 
C 3 23 ALA 23 386 386 ALA ALA A . n 
C 3 24 GLY 24 387 387 GLY GLY A . n 
C 3 25 ILE 25 388 388 ILE ILE A . n 
C 3 26 SER 26 389 389 SER SER A . n 
C 3 27 GLN 27 390 390 GLN GLN A . n 
C 3 28 ALA 28 391 391 ALA ALA A . n 
C 3 29 VAL 29 392 392 VAL VAL A . n 
C 3 30 PHE 30 393 393 PHE PHE A . n 
C 3 31 ALA 31 394 394 ALA ALA A . n 
C 3 32 ARG 32 395 395 ARG ARG A . n 
C 3 33 VAL 33 396 396 VAL VAL A . n 
C 3 34 ALA 34 397 397 ALA ALA A . n 
C 3 35 PHE 35 398 398 PHE PHE A . n 
C 3 36 ASN 36 399 399 ASN ASN A . n 
C 3 37 ARG 37 400 400 ARG ARG A . n 
C 3 38 THR 38 401 401 THR THR A . n 
C 3 39 GLN 39 402 402 GLN GLN A . n 
C 3 40 GLY 40 403 403 GLY GLY A . n 
C 3 41 LEU 41 404 404 LEU LEU A . n 
C 3 42 LEU 42 405 405 LEU LEU A . n 
C 3 43 SER 43 406 406 SER SER A . n 
C 3 44 GLU 44 407 407 GLU GLU A . n 
C 3 45 ILE 45 408 408 ILE ILE A . n 
C 3 46 LEU 46 409 409 LEU LEU A . n 
C 3 47 ARG 47 410 410 ARG ARG A . n 
C 3 48 LYS 48 411 411 LYS LYS A . n 
C 3 49 GLU 49 412 412 GLU GLU A . n 
C 3 50 GLU 50 413 413 GLU GLU A . n 
C 3 51 ASP 51 414 414 ASP ASP A . n 
C 3 52 PRO 52 415 415 PRO PRO A . n 
C 3 53 LYS 53 416 416 LYS LYS A . n 
C 3 54 THR 54 417 417 THR THR A . n 
C 3 55 ALA 55 418 418 ALA ALA A . n 
C 3 56 SER 56 419 419 SER SER A . n 
C 3 57 GLN 57 420 420 GLN GLN A . n 
C 3 58 SER 58 421 421 SER SER A . n 
C 3 59 LEU 59 422 422 LEU LEU A . n 
C 3 60 LEU 60 423 423 LEU LEU A . n 
C 3 61 VAL 61 424 424 VAL VAL A . n 
C 3 62 ASN 62 425 425 ASN ASN A . n 
C 3 63 LEU 63 426 426 LEU LEU A . n 
C 3 64 ARG 64 427 427 ARG ARG A . n 
C 3 65 ALA 65 428 428 ALA ALA A . n 
C 3 66 MET 66 429 429 MET MET A . n 
C 3 67 GLN 67 430 430 GLN GLN A . n 
C 3 68 ASN 68 431 431 ASN ASN A . n 
C 3 69 PHE 69 432 432 PHE PHE A . n 
C 3 70 LEU 70 433 433 LEU LEU A . n 
C 3 71 GLN 71 434 434 GLN GLN A . n 
C 3 72 LEU 72 435 435 LEU LEU A . n 
C 3 73 PRO 73 436 436 PRO PRO A . n 
C 3 74 GLU 74 437 437 GLU GLU A . n 
C 3 75 ALA 75 438 438 ALA ALA A . n 
C 3 76 GLU 76 439 439 GLU GLU A . n 
C 3 77 ARG 77 440 440 ARG ARG A . n 
C 3 78 ASP 78 441 441 ASP ASP A . n 
C 3 79 ARG 79 442 442 ARG ARG A . n 
C 3 80 ILE 80 443 443 ILE ILE A . n 
C 3 81 TYR 81 444 444 TYR TYR A . n 
C 3 82 GLN 82 445 445 GLN GLN A . n 
C 3 83 ASP 83 446 446 ASP ASP A . n 
C 3 84 GLU 84 447 447 GLU GLU A . n 
C 3 85 ARG 85 448 448 ARG ARG A . n 
C 3 86 GLU 86 449 449 GLU GLU A . n 
C 3 87 ARG 87 450 450 ARG ARG A . n 
C 3 88 SER 88 451 451 SER SER A . n 
C 3 89 LEU 89 452 452 LEU LEU A . n 
C 3 90 ARG 90 453 453 ARG ARG A . n 
C 3 91 LYS 91 454 ?   ?   ?   A . n 
C 3 92 ARG 92 455 ?   ?   ?   A . n 
C 3 93 LYS 93 456 ?   ?   ?   A . n 
# 
loop_
_pdbx_nonpoly_scheme.asym_id 
_pdbx_nonpoly_scheme.entity_id 
_pdbx_nonpoly_scheme.mon_id 
_pdbx_nonpoly_scheme.ndb_seq_num 
_pdbx_nonpoly_scheme.pdb_seq_num 
_pdbx_nonpoly_scheme.auth_seq_num 
_pdbx_nonpoly_scheme.pdb_mon_id 
_pdbx_nonpoly_scheme.auth_mon_id 
_pdbx_nonpoly_scheme.pdb_strand_id 
_pdbx_nonpoly_scheme.pdb_ins_code 
D 4 HOH 1  13  3   HOH HOH B . 
D 4 HOH 2  14  4   HOH HOH B . 
D 4 HOH 3  15  7   HOH HOH B . 
D 4 HOH 4  16  11  HOH HOH B . 
D 4 HOH 5  17  12  HOH HOH B . 
D 4 HOH 6  18  16  HOH HOH B . 
D 4 HOH 7  19  20  HOH HOH B . 
D 4 HOH 8  20  22  HOH HOH B . 
D 4 HOH 9  21  25  HOH HOH B . 
D 4 HOH 10 22  26  HOH HOH B . 
D 4 HOH 11 23  27  HOH HOH B . 
D 4 HOH 12 24  28  HOH HOH B . 
D 4 HOH 13 25  31  HOH HOH B . 
D 4 HOH 14 26  35  HOH HOH B . 
D 4 HOH 15 27  36  HOH HOH B . 
D 4 HOH 16 28  38  HOH HOH B . 
D 4 HOH 17 29  42  HOH HOH B . 
D 4 HOH 18 30  43  HOH HOH B . 
D 4 HOH 19 31  46  HOH HOH B . 
D 4 HOH 20 32  47  HOH HOH B . 
D 4 HOH 21 33  50  HOH HOH B . 
D 4 HOH 22 34  55  HOH HOH B . 
D 4 HOH 23 35  56  HOH HOH B . 
D 4 HOH 24 36  60  HOH HOH B . 
D 4 HOH 25 37  63  HOH HOH B . 
D 4 HOH 26 38  66  HOH HOH B . 
D 4 HOH 27 39  70  HOH HOH B . 
D 4 HOH 28 40  73  HOH HOH B . 
D 4 HOH 29 41  77  HOH HOH B . 
D 4 HOH 30 42  79  HOH HOH B . 
D 4 HOH 31 43  89  HOH HOH B . 
D 4 HOH 32 44  100 HOH HOH B . 
D 4 HOH 33 45  107 HOH HOH B . 
E 4 HOH 1  13  5   HOH HOH C . 
E 4 HOH 2  14  6   HOH HOH C . 
E 4 HOH 3  15  9   HOH HOH C . 
E 4 HOH 4  16  13  HOH HOH C . 
E 4 HOH 5  17  15  HOH HOH C . 
E 4 HOH 6  18  18  HOH HOH C . 
E 4 HOH 7  19  24  HOH HOH C . 
E 4 HOH 8  20  29  HOH HOH C . 
E 4 HOH 9  21  33  HOH HOH C . 
E 4 HOH 10 22  40  HOH HOH C . 
E 4 HOH 11 23  44  HOH HOH C . 
E 4 HOH 12 24  45  HOH HOH C . 
E 4 HOH 13 25  48  HOH HOH C . 
E 4 HOH 14 26  52  HOH HOH C . 
E 4 HOH 15 27  53  HOH HOH C . 
E 4 HOH 16 28  59  HOH HOH C . 
E 4 HOH 17 29  62  HOH HOH C . 
E 4 HOH 18 30  65  HOH HOH C . 
E 4 HOH 19 31  74  HOH HOH C . 
E 4 HOH 20 32  75  HOH HOH C . 
E 4 HOH 21 33  80  HOH HOH C . 
E 4 HOH 22 34  82  HOH HOH C . 
E 4 HOH 23 35  92  HOH HOH C . 
E 4 HOH 24 36  105 HOH HOH C . 
E 4 HOH 25 37  106 HOH HOH C . 
F 4 HOH 1  1   1   HOH HOH A . 
F 4 HOH 2  2   2   HOH HOH A . 
F 4 HOH 3  8   8   HOH HOH A . 
F 4 HOH 4  10  10  HOH HOH A . 
F 4 HOH 5  14  14  HOH HOH A . 
F 4 HOH 6  17  17  HOH HOH A . 
F 4 HOH 7  19  19  HOH HOH A . 
F 4 HOH 8  21  21  HOH HOH A . 
F 4 HOH 9  23  23  HOH HOH A . 
F 4 HOH 10 30  30  HOH HOH A . 
F 4 HOH 11 32  32  HOH HOH A . 
F 4 HOH 12 34  34  HOH HOH A . 
F 4 HOH 13 37  37  HOH HOH A . 
F 4 HOH 14 39  39  HOH HOH A . 
F 4 HOH 15 41  41  HOH HOH A . 
F 4 HOH 16 49  49  HOH HOH A . 
F 4 HOH 17 51  51  HOH HOH A . 
F 4 HOH 18 54  54  HOH HOH A . 
F 4 HOH 19 57  57  HOH HOH A . 
F 4 HOH 20 58  58  HOH HOH A . 
F 4 HOH 21 61  61  HOH HOH A . 
F 4 HOH 22 64  64  HOH HOH A . 
F 4 HOH 23 67  67  HOH HOH A . 
F 4 HOH 24 68  68  HOH HOH A . 
F 4 HOH 25 69  69  HOH HOH A . 
F 4 HOH 26 71  71  HOH HOH A . 
F 4 HOH 27 72  72  HOH HOH A . 
F 4 HOH 28 76  76  HOH HOH A . 
F 4 HOH 29 78  78  HOH HOH A . 
F 4 HOH 30 81  81  HOH HOH A . 
F 4 HOH 31 83  83  HOH HOH A . 
F 4 HOH 32 84  84  HOH HOH A . 
F 4 HOH 33 85  85  HOH HOH A . 
F 4 HOH 34 86  86  HOH HOH A . 
F 4 HOH 35 87  87  HOH HOH A . 
F 4 HOH 36 88  88  HOH HOH A . 
F 4 HOH 37 90  90  HOH HOH A . 
F 4 HOH 38 91  91  HOH HOH A . 
F 4 HOH 39 93  93  HOH HOH A . 
F 4 HOH 40 94  94  HOH HOH A . 
F 4 HOH 41 95  95  HOH HOH A . 
F 4 HOH 42 96  96  HOH HOH A . 
F 4 HOH 43 97  97  HOH HOH A . 
F 4 HOH 44 98  98  HOH HOH A . 
F 4 HOH 45 99  99  HOH HOH A . 
F 4 HOH 46 101 101 HOH HOH A . 
F 4 HOH 47 102 102 HOH HOH A . 
F 4 HOH 48 103 103 HOH HOH A . 
F 4 HOH 49 104 104 HOH HOH A . 
F 4 HOH 50 108 108 HOH HOH A . 
# 
_pdbx_struct_assembly.id                   1 
_pdbx_struct_assembly.details              author_defined_assembly 
_pdbx_struct_assembly.method_details       ? 
_pdbx_struct_assembly.oligomeric_details   trimeric 
_pdbx_struct_assembly.oligomeric_count     3 
# 
_pdbx_struct_assembly_gen.assembly_id       1 
_pdbx_struct_assembly_gen.oper_expression   1 
_pdbx_struct_assembly_gen.asym_id_list      A,B,C,D,E,F 
# 
_pdbx_struct_oper_list.id                   1 
_pdbx_struct_oper_list.type                 'identity operation' 
_pdbx_struct_oper_list.name                 1_555 
_pdbx_struct_oper_list.symmetry_operation   x,y,z 
_pdbx_struct_oper_list.matrix[1][1]         1.0000000000 
_pdbx_struct_oper_list.matrix[1][2]         0.0000000000 
_pdbx_struct_oper_list.matrix[1][3]         0.0000000000 
_pdbx_struct_oper_list.vector[1]            0.0000000000 
_pdbx_struct_oper_list.matrix[2][1]         0.0000000000 
_pdbx_struct_oper_list.matrix[2][2]         1.0000000000 
_pdbx_struct_oper_list.matrix[2][3]         0.0000000000 
_pdbx_struct_oper_list.vector[2]            0.0000000000 
_pdbx_struct_oper_list.matrix[3][1]         0.0000000000 
_pdbx_struct_oper_list.matrix[3][2]         0.0000000000 
_pdbx_struct_oper_list.matrix[3][3]         1.0000000000 
_pdbx_struct_oper_list.vector[3]            0.0000000000 
# 
loop_
_pdbx_audit_revision_history.ordinal 
_pdbx_audit_revision_history.data_content_type 
_pdbx_audit_revision_history.major_revision 
_pdbx_audit_revision_history.minor_revision 
_pdbx_audit_revision_history.revision_date 
1 'Structure model' 1 0 2007-08-14 
2 'Structure model' 1 1 2011-07-13 
3 'Structure model' 1 2 2023-10-25 
# 
_pdbx_audit_revision_details.ordinal             1 
_pdbx_audit_revision_details.revision_ordinal    1 
_pdbx_audit_revision_details.data_content_type   'Structure model' 
_pdbx_audit_revision_details.provider            repository 
_pdbx_audit_revision_details.type                'Initial release' 
_pdbx_audit_revision_details.description         ? 
_pdbx_audit_revision_details.details             ? 
# 
loop_
_pdbx_audit_revision_group.ordinal 
_pdbx_audit_revision_group.revision_ordinal 
_pdbx_audit_revision_group.data_content_type 
_pdbx_audit_revision_group.group 
1 2 'Structure model' 'Version format compliance' 
2 3 'Structure model' 'Data collection'           
3 3 'Structure model' 'Database references'       
4 3 'Structure model' 'Refinement description'    
# 
loop_
_pdbx_audit_revision_category.ordinal 
_pdbx_audit_revision_category.revision_ordinal 
_pdbx_audit_revision_category.data_content_type 
_pdbx_audit_revision_category.category 
1 3 'Structure model' chem_comp_atom                
2 3 'Structure model' chem_comp_bond                
3 3 'Structure model' database_2                    
4 3 'Structure model' pdbx_initial_refinement_model 
5 3 'Structure model' struct_ref_seq_dif            
# 
loop_
_pdbx_audit_revision_item.ordinal 
_pdbx_audit_revision_item.revision_ordinal 
_pdbx_audit_revision_item.data_content_type 
_pdbx_audit_revision_item.item 
1 3 'Structure model' '_database_2.pdbx_DOI'                
2 3 'Structure model' '_database_2.pdbx_database_accession' 
3 3 'Structure model' '_struct_ref_seq_dif.details'         
# 
loop_
_software.name 
_software.classification 
_software.version 
_software.citation_id 
_software.pdbx_ordinal 
HKL-2000 'data collection' .   ? 1 
CNS      refinement        1.1 ? 2 
HKL-2000 'data reduction'  .   ? 3 
SCALA    'data scaling'    .   ? 4 
CNS      phasing           1.1 ? 5 
# 
_pdbx_validate_rmsd_angle.id                         1 
_pdbx_validate_rmsd_angle.PDB_model_num              1 
_pdbx_validate_rmsd_angle.auth_atom_id_1             "O4'" 
_pdbx_validate_rmsd_angle.auth_asym_id_1             B 
_pdbx_validate_rmsd_angle.auth_comp_id_1             DT 
_pdbx_validate_rmsd_angle.auth_seq_id_1              6 
_pdbx_validate_rmsd_angle.PDB_ins_code_1             ? 
_pdbx_validate_rmsd_angle.label_alt_id_1             ? 
_pdbx_validate_rmsd_angle.auth_atom_id_2             "C1'" 
_pdbx_validate_rmsd_angle.auth_asym_id_2             B 
_pdbx_validate_rmsd_angle.auth_comp_id_2             DT 
_pdbx_validate_rmsd_angle.auth_seq_id_2              6 
_pdbx_validate_rmsd_angle.PDB_ins_code_2             ? 
_pdbx_validate_rmsd_angle.label_alt_id_2             ? 
_pdbx_validate_rmsd_angle.auth_atom_id_3             N1 
_pdbx_validate_rmsd_angle.auth_asym_id_3             B 
_pdbx_validate_rmsd_angle.auth_comp_id_3             DT 
_pdbx_validate_rmsd_angle.auth_seq_id_3              6 
_pdbx_validate_rmsd_angle.PDB_ins_code_3             ? 
_pdbx_validate_rmsd_angle.label_alt_id_3             ? 
_pdbx_validate_rmsd_angle.angle_value                110.46 
_pdbx_validate_rmsd_angle.angle_target_value         108.30 
_pdbx_validate_rmsd_angle.angle_deviation            2.16 
_pdbx_validate_rmsd_angle.angle_standard_deviation   0.30 
_pdbx_validate_rmsd_angle.linker_flag                N 
# 
_pdbx_validate_torsion.id              1 
_pdbx_validate_torsion.PDB_model_num   1 
_pdbx_validate_torsion.auth_comp_id    PHE 
_pdbx_validate_torsion.auth_asym_id    A 
_pdbx_validate_torsion.auth_seq_id     398 
_pdbx_validate_torsion.PDB_ins_code    ? 
_pdbx_validate_torsion.label_alt_id    ? 
_pdbx_validate_torsion.phi             -144.65 
_pdbx_validate_torsion.psi             23.67 
# 
loop_
_pdbx_unobs_or_zero_occ_residues.id 
_pdbx_unobs_or_zero_occ_residues.PDB_model_num 
_pdbx_unobs_or_zero_occ_residues.polymer_flag 
_pdbx_unobs_or_zero_occ_residues.occupancy_flag 
_pdbx_unobs_or_zero_occ_residues.auth_asym_id 
_pdbx_unobs_or_zero_occ_residues.auth_comp_id 
_pdbx_unobs_or_zero_occ_residues.auth_seq_id 
_pdbx_unobs_or_zero_occ_residues.PDB_ins_code 
_pdbx_unobs_or_zero_occ_residues.label_asym_id 
_pdbx_unobs_or_zero_occ_residues.label_comp_id 
_pdbx_unobs_or_zero_occ_residues.label_seq_id 
1 1 Y 1 A GLY 364 ? C GLY 1  
2 1 Y 1 A SER 365 ? C SER 2  
3 1 Y 1 A HIS 366 ? C HIS 3  
4 1 Y 1 A MET 367 ? C MET 4  
5 1 Y 1 A ASN 368 ? C ASN 5  
6 1 Y 1 A THR 369 ? C THR 6  
7 1 Y 1 A LYS 454 ? C LYS 91 
8 1 Y 1 A ARG 455 ? C ARG 92 
9 1 Y 1 A LYS 456 ? C LYS 93 
# 
loop_
_chem_comp_atom.comp_id 
_chem_comp_atom.atom_id 
_chem_comp_atom.type_symbol 
_chem_comp_atom.pdbx_aromatic_flag 
_chem_comp_atom.pdbx_stereo_config 
_chem_comp_atom.pdbx_ordinal 
ALA N      N N N 1   
ALA CA     C N S 2   
ALA C      C N N 3   
ALA O      O N N 4   
ALA CB     C N N 5   
ALA OXT    O N N 6   
ALA H      H N N 7   
ALA H2     H N N 8   
ALA HA     H N N 9   
ALA HB1    H N N 10  
ALA HB2    H N N 11  
ALA HB3    H N N 12  
ALA HXT    H N N 13  
ARG N      N N N 14  
ARG CA     C N S 15  
ARG C      C N N 16  
ARG O      O N N 17  
ARG CB     C N N 18  
ARG CG     C N N 19  
ARG CD     C N N 20  
ARG NE     N N N 21  
ARG CZ     C N N 22  
ARG NH1    N N N 23  
ARG NH2    N N N 24  
ARG OXT    O N N 25  
ARG H      H N N 26  
ARG H2     H N N 27  
ARG HA     H N N 28  
ARG HB2    H N N 29  
ARG HB3    H N N 30  
ARG HG2    H N N 31  
ARG HG3    H N N 32  
ARG HD2    H N N 33  
ARG HD3    H N N 34  
ARG HE     H N N 35  
ARG HH11   H N N 36  
ARG HH12   H N N 37  
ARG HH21   H N N 38  
ARG HH22   H N N 39  
ARG HXT    H N N 40  
ASN N      N N N 41  
ASN CA     C N S 42  
ASN C      C N N 43  
ASN O      O N N 44  
ASN CB     C N N 45  
ASN CG     C N N 46  
ASN OD1    O N N 47  
ASN ND2    N N N 48  
ASN OXT    O N N 49  
ASN H      H N N 50  
ASN H2     H N N 51  
ASN HA     H N N 52  
ASN HB2    H N N 53  
ASN HB3    H N N 54  
ASN HD21   H N N 55  
ASN HD22   H N N 56  
ASN HXT    H N N 57  
ASP N      N N N 58  
ASP CA     C N S 59  
ASP C      C N N 60  
ASP O      O N N 61  
ASP CB     C N N 62  
ASP CG     C N N 63  
ASP OD1    O N N 64  
ASP OD2    O N N 65  
ASP OXT    O N N 66  
ASP H      H N N 67  
ASP H2     H N N 68  
ASP HA     H N N 69  
ASP HB2    H N N 70  
ASP HB3    H N N 71  
ASP HD2    H N N 72  
ASP HXT    H N N 73  
DA  OP3    O N N 74  
DA  P      P N N 75  
DA  OP1    O N N 76  
DA  OP2    O N N 77  
DA  "O5'"  O N N 78  
DA  "C5'"  C N N 79  
DA  "C4'"  C N R 80  
DA  "O4'"  O N N 81  
DA  "C3'"  C N S 82  
DA  "O3'"  O N N 83  
DA  "C2'"  C N N 84  
DA  "C1'"  C N R 85  
DA  N9     N Y N 86  
DA  C8     C Y N 87  
DA  N7     N Y N 88  
DA  C5     C Y N 89  
DA  C6     C Y N 90  
DA  N6     N N N 91  
DA  N1     N Y N 92  
DA  C2     C Y N 93  
DA  N3     N Y N 94  
DA  C4     C Y N 95  
DA  HOP3   H N N 96  
DA  HOP2   H N N 97  
DA  "H5'"  H N N 98  
DA  "H5''" H N N 99  
DA  "H4'"  H N N 100 
DA  "H3'"  H N N 101 
DA  "HO3'" H N N 102 
DA  "H2'"  H N N 103 
DA  "H2''" H N N 104 
DA  "H1'"  H N N 105 
DA  H8     H N N 106 
DA  H61    H N N 107 
DA  H62    H N N 108 
DA  H2     H N N 109 
DC  OP3    O N N 110 
DC  P      P N N 111 
DC  OP1    O N N 112 
DC  OP2    O N N 113 
DC  "O5'"  O N N 114 
DC  "C5'"  C N N 115 
DC  "C4'"  C N R 116 
DC  "O4'"  O N N 117 
DC  "C3'"  C N S 118 
DC  "O3'"  O N N 119 
DC  "C2'"  C N N 120 
DC  "C1'"  C N R 121 
DC  N1     N N N 122 
DC  C2     C N N 123 
DC  O2     O N N 124 
DC  N3     N N N 125 
DC  C4     C N N 126 
DC  N4     N N N 127 
DC  C5     C N N 128 
DC  C6     C N N 129 
DC  HOP3   H N N 130 
DC  HOP2   H N N 131 
DC  "H5'"  H N N 132 
DC  "H5''" H N N 133 
DC  "H4'"  H N N 134 
DC  "H3'"  H N N 135 
DC  "HO3'" H N N 136 
DC  "H2'"  H N N 137 
DC  "H2''" H N N 138 
DC  "H1'"  H N N 139 
DC  H41    H N N 140 
DC  H42    H N N 141 
DC  H5     H N N 142 
DC  H6     H N N 143 
DG  OP3    O N N 144 
DG  P      P N N 145 
DG  OP1    O N N 146 
DG  OP2    O N N 147 
DG  "O5'"  O N N 148 
DG  "C5'"  C N N 149 
DG  "C4'"  C N R 150 
DG  "O4'"  O N N 151 
DG  "C3'"  C N S 152 
DG  "O3'"  O N N 153 
DG  "C2'"  C N N 154 
DG  "C1'"  C N R 155 
DG  N9     N Y N 156 
DG  C8     C Y N 157 
DG  N7     N Y N 158 
DG  C5     C Y N 159 
DG  C6     C N N 160 
DG  O6     O N N 161 
DG  N1     N N N 162 
DG  C2     C N N 163 
DG  N2     N N N 164 
DG  N3     N N N 165 
DG  C4     C Y N 166 
DG  HOP3   H N N 167 
DG  HOP2   H N N 168 
DG  "H5'"  H N N 169 
DG  "H5''" H N N 170 
DG  "H4'"  H N N 171 
DG  "H3'"  H N N 172 
DG  "HO3'" H N N 173 
DG  "H2'"  H N N 174 
DG  "H2''" H N N 175 
DG  "H1'"  H N N 176 
DG  H8     H N N 177 
DG  H1     H N N 178 
DG  H21    H N N 179 
DG  H22    H N N 180 
DT  OP3    O N N 181 
DT  P      P N N 182 
DT  OP1    O N N 183 
DT  OP2    O N N 184 
DT  "O5'"  O N N 185 
DT  "C5'"  C N N 186 
DT  "C4'"  C N R 187 
DT  "O4'"  O N N 188 
DT  "C3'"  C N S 189 
DT  "O3'"  O N N 190 
DT  "C2'"  C N N 191 
DT  "C1'"  C N R 192 
DT  N1     N N N 193 
DT  C2     C N N 194 
DT  O2     O N N 195 
DT  N3     N N N 196 
DT  C4     C N N 197 
DT  O4     O N N 198 
DT  C5     C N N 199 
DT  C7     C N N 200 
DT  C6     C N N 201 
DT  HOP3   H N N 202 
DT  HOP2   H N N 203 
DT  "H5'"  H N N 204 
DT  "H5''" H N N 205 
DT  "H4'"  H N N 206 
DT  "H3'"  H N N 207 
DT  "HO3'" H N N 208 
DT  "H2'"  H N N 209 
DT  "H2''" H N N 210 
DT  "H1'"  H N N 211 
DT  H3     H N N 212 
DT  H71    H N N 213 
DT  H72    H N N 214 
DT  H73    H N N 215 
DT  H6     H N N 216 
GLN N      N N N 217 
GLN CA     C N S 218 
GLN C      C N N 219 
GLN O      O N N 220 
GLN CB     C N N 221 
GLN CG     C N N 222 
GLN CD     C N N 223 
GLN OE1    O N N 224 
GLN NE2    N N N 225 
GLN OXT    O N N 226 
GLN H      H N N 227 
GLN H2     H N N 228 
GLN HA     H N N 229 
GLN HB2    H N N 230 
GLN HB3    H N N 231 
GLN HG2    H N N 232 
GLN HG3    H N N 233 
GLN HE21   H N N 234 
GLN HE22   H N N 235 
GLN HXT    H N N 236 
GLU N      N N N 237 
GLU CA     C N S 238 
GLU C      C N N 239 
GLU O      O N N 240 
GLU CB     C N N 241 
GLU CG     C N N 242 
GLU CD     C N N 243 
GLU OE1    O N N 244 
GLU OE2    O N N 245 
GLU OXT    O N N 246 
GLU H      H N N 247 
GLU H2     H N N 248 
GLU HA     H N N 249 
GLU HB2    H N N 250 
GLU HB3    H N N 251 
GLU HG2    H N N 252 
GLU HG3    H N N 253 
GLU HE2    H N N 254 
GLU HXT    H N N 255 
GLY N      N N N 256 
GLY CA     C N N 257 
GLY C      C N N 258 
GLY O      O N N 259 
GLY OXT    O N N 260 
GLY H      H N N 261 
GLY H2     H N N 262 
GLY HA2    H N N 263 
GLY HA3    H N N 264 
GLY HXT    H N N 265 
HIS N      N N N 266 
HIS CA     C N S 267 
HIS C      C N N 268 
HIS O      O N N 269 
HIS CB     C N N 270 
HIS CG     C Y N 271 
HIS ND1    N Y N 272 
HIS CD2    C Y N 273 
HIS CE1    C Y N 274 
HIS NE2    N Y N 275 
HIS OXT    O N N 276 
HIS H      H N N 277 
HIS H2     H N N 278 
HIS HA     H N N 279 
HIS HB2    H N N 280 
HIS HB3    H N N 281 
HIS HD1    H N N 282 
HIS HD2    H N N 283 
HIS HE1    H N N 284 
HIS HE2    H N N 285 
HIS HXT    H N N 286 
HOH O      O N N 287 
HOH H1     H N N 288 
HOH H2     H N N 289 
ILE N      N N N 290 
ILE CA     C N S 291 
ILE C      C N N 292 
ILE O      O N N 293 
ILE CB     C N S 294 
ILE CG1    C N N 295 
ILE CG2    C N N 296 
ILE CD1    C N N 297 
ILE OXT    O N N 298 
ILE H      H N N 299 
ILE H2     H N N 300 
ILE HA     H N N 301 
ILE HB     H N N 302 
ILE HG12   H N N 303 
ILE HG13   H N N 304 
ILE HG21   H N N 305 
ILE HG22   H N N 306 
ILE HG23   H N N 307 
ILE HD11   H N N 308 
ILE HD12   H N N 309 
ILE HD13   H N N 310 
ILE HXT    H N N 311 
LEU N      N N N 312 
LEU CA     C N S 313 
LEU C      C N N 314 
LEU O      O N N 315 
LEU CB     C N N 316 
LEU CG     C N N 317 
LEU CD1    C N N 318 
LEU CD2    C N N 319 
LEU OXT    O N N 320 
LEU H      H N N 321 
LEU H2     H N N 322 
LEU HA     H N N 323 
LEU HB2    H N N 324 
LEU HB3    H N N 325 
LEU HG     H N N 326 
LEU HD11   H N N 327 
LEU HD12   H N N 328 
LEU HD13   H N N 329 
LEU HD21   H N N 330 
LEU HD22   H N N 331 
LEU HD23   H N N 332 
LEU HXT    H N N 333 
LYS N      N N N 334 
LYS CA     C N S 335 
LYS C      C N N 336 
LYS O      O N N 337 
LYS CB     C N N 338 
LYS CG     C N N 339 
LYS CD     C N N 340 
LYS CE     C N N 341 
LYS NZ     N N N 342 
LYS OXT    O N N 343 
LYS H      H N N 344 
LYS H2     H N N 345 
LYS HA     H N N 346 
LYS HB2    H N N 347 
LYS HB3    H N N 348 
LYS HG2    H N N 349 
LYS HG3    H N N 350 
LYS HD2    H N N 351 
LYS HD3    H N N 352 
LYS HE2    H N N 353 
LYS HE3    H N N 354 
LYS HZ1    H N N 355 
LYS HZ2    H N N 356 
LYS HZ3    H N N 357 
LYS HXT    H N N 358 
MET N      N N N 359 
MET CA     C N S 360 
MET C      C N N 361 
MET O      O N N 362 
MET CB     C N N 363 
MET CG     C N N 364 
MET SD     S N N 365 
MET CE     C N N 366 
MET OXT    O N N 367 
MET H      H N N 368 
MET H2     H N N 369 
MET HA     H N N 370 
MET HB2    H N N 371 
MET HB3    H N N 372 
MET HG2    H N N 373 
MET HG3    H N N 374 
MET HE1    H N N 375 
MET HE2    H N N 376 
MET HE3    H N N 377 
MET HXT    H N N 378 
PHE N      N N N 379 
PHE CA     C N S 380 
PHE C      C N N 381 
PHE O      O N N 382 
PHE CB     C N N 383 
PHE CG     C Y N 384 
PHE CD1    C Y N 385 
PHE CD2    C Y N 386 
PHE CE1    C Y N 387 
PHE CE2    C Y N 388 
PHE CZ     C Y N 389 
PHE OXT    O N N 390 
PHE H      H N N 391 
PHE H2     H N N 392 
PHE HA     H N N 393 
PHE HB2    H N N 394 
PHE HB3    H N N 395 
PHE HD1    H N N 396 
PHE HD2    H N N 397 
PHE HE1    H N N 398 
PHE HE2    H N N 399 
PHE HZ     H N N 400 
PHE HXT    H N N 401 
PRO N      N N N 402 
PRO CA     C N S 403 
PRO C      C N N 404 
PRO O      O N N 405 
PRO CB     C N N 406 
PRO CG     C N N 407 
PRO CD     C N N 408 
PRO OXT    O N N 409 
PRO H      H N N 410 
PRO HA     H N N 411 
PRO HB2    H N N 412 
PRO HB3    H N N 413 
PRO HG2    H N N 414 
PRO HG3    H N N 415 
PRO HD2    H N N 416 
PRO HD3    H N N 417 
PRO HXT    H N N 418 
SER N      N N N 419 
SER CA     C N S 420 
SER C      C N N 421 
SER O      O N N 422 
SER CB     C N N 423 
SER OG     O N N 424 
SER OXT    O N N 425 
SER H      H N N 426 
SER H2     H N N 427 
SER HA     H N N 428 
SER HB2    H N N 429 
SER HB3    H N N 430 
SER HG     H N N 431 
SER HXT    H N N 432 
THR N      N N N 433 
THR CA     C N S 434 
THR C      C N N 435 
THR O      O N N 436 
THR CB     C N R 437 
THR OG1    O N N 438 
THR CG2    C N N 439 
THR OXT    O N N 440 
THR H      H N N 441 
THR H2     H N N 442 
THR HA     H N N 443 
THR HB     H N N 444 
THR HG1    H N N 445 
THR HG21   H N N 446 
THR HG22   H N N 447 
THR HG23   H N N 448 
THR HXT    H N N 449 
TRP N      N N N 450 
TRP CA     C N S 451 
TRP C      C N N 452 
TRP O      O N N 453 
TRP CB     C N N 454 
TRP CG     C Y N 455 
TRP CD1    C Y N 456 
TRP CD2    C Y N 457 
TRP NE1    N Y N 458 
TRP CE2    C Y N 459 
TRP CE3    C Y N 460 
TRP CZ2    C Y N 461 
TRP CZ3    C Y N 462 
TRP CH2    C Y N 463 
TRP OXT    O N N 464 
TRP H      H N N 465 
TRP H2     H N N 466 
TRP HA     H N N 467 
TRP HB2    H N N 468 
TRP HB3    H N N 469 
TRP HD1    H N N 470 
TRP HE1    H N N 471 
TRP HE3    H N N 472 
TRP HZ2    H N N 473 
TRP HZ3    H N N 474 
TRP HH2    H N N 475 
TRP HXT    H N N 476 
TYR N      N N N 477 
TYR CA     C N S 478 
TYR C      C N N 479 
TYR O      O N N 480 
TYR CB     C N N 481 
TYR CG     C Y N 482 
TYR CD1    C Y N 483 
TYR CD2    C Y N 484 
TYR CE1    C Y N 485 
TYR CE2    C Y N 486 
TYR CZ     C Y N 487 
TYR OH     O N N 488 
TYR OXT    O N N 489 
TYR H      H N N 490 
TYR H2     H N N 491 
TYR HA     H N N 492 
TYR HB2    H N N 493 
TYR HB3    H N N 494 
TYR HD1    H N N 495 
TYR HD2    H N N 496 
TYR HE1    H N N 497 
TYR HE2    H N N 498 
TYR HH     H N N 499 
TYR HXT    H N N 500 
VAL N      N N N 501 
VAL CA     C N S 502 
VAL C      C N N 503 
VAL O      O N N 504 
VAL CB     C N N 505 
VAL CG1    C N N 506 
VAL CG2    C N N 507 
VAL OXT    O N N 508 
VAL H      H N N 509 
VAL H2     H N N 510 
VAL HA     H N N 511 
VAL HB     H N N 512 
VAL HG11   H N N 513 
VAL HG12   H N N 514 
VAL HG13   H N N 515 
VAL HG21   H N N 516 
VAL HG22   H N N 517 
VAL HG23   H N N 518 
VAL HXT    H N N 519 
# 
loop_
_chem_comp_bond.comp_id 
_chem_comp_bond.atom_id_1 
_chem_comp_bond.atom_id_2 
_chem_comp_bond.value_order 
_chem_comp_bond.pdbx_aromatic_flag 
_chem_comp_bond.pdbx_stereo_config 
_chem_comp_bond.pdbx_ordinal 
ALA N     CA     sing N N 1   
ALA N     H      sing N N 2   
ALA N     H2     sing N N 3   
ALA CA    C      sing N N 4   
ALA CA    CB     sing N N 5   
ALA CA    HA     sing N N 6   
ALA C     O      doub N N 7   
ALA C     OXT    sing N N 8   
ALA CB    HB1    sing N N 9   
ALA CB    HB2    sing N N 10  
ALA CB    HB3    sing N N 11  
ALA OXT   HXT    sing N N 12  
ARG N     CA     sing N N 13  
ARG N     H      sing N N 14  
ARG N     H2     sing N N 15  
ARG CA    C      sing N N 16  
ARG CA    CB     sing N N 17  
ARG CA    HA     sing N N 18  
ARG C     O      doub N N 19  
ARG C     OXT    sing N N 20  
ARG CB    CG     sing N N 21  
ARG CB    HB2    sing N N 22  
ARG CB    HB3    sing N N 23  
ARG CG    CD     sing N N 24  
ARG CG    HG2    sing N N 25  
ARG CG    HG3    sing N N 26  
ARG CD    NE     sing N N 27  
ARG CD    HD2    sing N N 28  
ARG CD    HD3    sing N N 29  
ARG NE    CZ     sing N N 30  
ARG NE    HE     sing N N 31  
ARG CZ    NH1    sing N N 32  
ARG CZ    NH2    doub N N 33  
ARG NH1   HH11   sing N N 34  
ARG NH1   HH12   sing N N 35  
ARG NH2   HH21   sing N N 36  
ARG NH2   HH22   sing N N 37  
ARG OXT   HXT    sing N N 38  
ASN N     CA     sing N N 39  
ASN N     H      sing N N 40  
ASN N     H2     sing N N 41  
ASN CA    C      sing N N 42  
ASN CA    CB     sing N N 43  
ASN CA    HA     sing N N 44  
ASN C     O      doub N N 45  
ASN C     OXT    sing N N 46  
ASN CB    CG     sing N N 47  
ASN CB    HB2    sing N N 48  
ASN CB    HB3    sing N N 49  
ASN CG    OD1    doub N N 50  
ASN CG    ND2    sing N N 51  
ASN ND2   HD21   sing N N 52  
ASN ND2   HD22   sing N N 53  
ASN OXT   HXT    sing N N 54  
ASP N     CA     sing N N 55  
ASP N     H      sing N N 56  
ASP N     H2     sing N N 57  
ASP CA    C      sing N N 58  
ASP CA    CB     sing N N 59  
ASP CA    HA     sing N N 60  
ASP C     O      doub N N 61  
ASP C     OXT    sing N N 62  
ASP CB    CG     sing N N 63  
ASP CB    HB2    sing N N 64  
ASP CB    HB3    sing N N 65  
ASP CG    OD1    doub N N 66  
ASP CG    OD2    sing N N 67  
ASP OD2   HD2    sing N N 68  
ASP OXT   HXT    sing N N 69  
DA  OP3   P      sing N N 70  
DA  OP3   HOP3   sing N N 71  
DA  P     OP1    doub N N 72  
DA  P     OP2    sing N N 73  
DA  P     "O5'"  sing N N 74  
DA  OP2   HOP2   sing N N 75  
DA  "O5'" "C5'"  sing N N 76  
DA  "C5'" "C4'"  sing N N 77  
DA  "C5'" "H5'"  sing N N 78  
DA  "C5'" "H5''" sing N N 79  
DA  "C4'" "O4'"  sing N N 80  
DA  "C4'" "C3'"  sing N N 81  
DA  "C4'" "H4'"  sing N N 82  
DA  "O4'" "C1'"  sing N N 83  
DA  "C3'" "O3'"  sing N N 84  
DA  "C3'" "C2'"  sing N N 85  
DA  "C3'" "H3'"  sing N N 86  
DA  "O3'" "HO3'" sing N N 87  
DA  "C2'" "C1'"  sing N N 88  
DA  "C2'" "H2'"  sing N N 89  
DA  "C2'" "H2''" sing N N 90  
DA  "C1'" N9     sing N N 91  
DA  "C1'" "H1'"  sing N N 92  
DA  N9    C8     sing Y N 93  
DA  N9    C4     sing Y N 94  
DA  C8    N7     doub Y N 95  
DA  C8    H8     sing N N 96  
DA  N7    C5     sing Y N 97  
DA  C5    C6     sing Y N 98  
DA  C5    C4     doub Y N 99  
DA  C6    N6     sing N N 100 
DA  C6    N1     doub Y N 101 
DA  N6    H61    sing N N 102 
DA  N6    H62    sing N N 103 
DA  N1    C2     sing Y N 104 
DA  C2    N3     doub Y N 105 
DA  C2    H2     sing N N 106 
DA  N3    C4     sing Y N 107 
DC  OP3   P      sing N N 108 
DC  OP3   HOP3   sing N N 109 
DC  P     OP1    doub N N 110 
DC  P     OP2    sing N N 111 
DC  P     "O5'"  sing N N 112 
DC  OP2   HOP2   sing N N 113 
DC  "O5'" "C5'"  sing N N 114 
DC  "C5'" "C4'"  sing N N 115 
DC  "C5'" "H5'"  sing N N 116 
DC  "C5'" "H5''" sing N N 117 
DC  "C4'" "O4'"  sing N N 118 
DC  "C4'" "C3'"  sing N N 119 
DC  "C4'" "H4'"  sing N N 120 
DC  "O4'" "C1'"  sing N N 121 
DC  "C3'" "O3'"  sing N N 122 
DC  "C3'" "C2'"  sing N N 123 
DC  "C3'" "H3'"  sing N N 124 
DC  "O3'" "HO3'" sing N N 125 
DC  "C2'" "C1'"  sing N N 126 
DC  "C2'" "H2'"  sing N N 127 
DC  "C2'" "H2''" sing N N 128 
DC  "C1'" N1     sing N N 129 
DC  "C1'" "H1'"  sing N N 130 
DC  N1    C2     sing N N 131 
DC  N1    C6     sing N N 132 
DC  C2    O2     doub N N 133 
DC  C2    N3     sing N N 134 
DC  N3    C4     doub N N 135 
DC  C4    N4     sing N N 136 
DC  C4    C5     sing N N 137 
DC  N4    H41    sing N N 138 
DC  N4    H42    sing N N 139 
DC  C5    C6     doub N N 140 
DC  C5    H5     sing N N 141 
DC  C6    H6     sing N N 142 
DG  OP3   P      sing N N 143 
DG  OP3   HOP3   sing N N 144 
DG  P     OP1    doub N N 145 
DG  P     OP2    sing N N 146 
DG  P     "O5'"  sing N N 147 
DG  OP2   HOP2   sing N N 148 
DG  "O5'" "C5'"  sing N N 149 
DG  "C5'" "C4'"  sing N N 150 
DG  "C5'" "H5'"  sing N N 151 
DG  "C5'" "H5''" sing N N 152 
DG  "C4'" "O4'"  sing N N 153 
DG  "C4'" "C3'"  sing N N 154 
DG  "C4'" "H4'"  sing N N 155 
DG  "O4'" "C1'"  sing N N 156 
DG  "C3'" "O3'"  sing N N 157 
DG  "C3'" "C2'"  sing N N 158 
DG  "C3'" "H3'"  sing N N 159 
DG  "O3'" "HO3'" sing N N 160 
DG  "C2'" "C1'"  sing N N 161 
DG  "C2'" "H2'"  sing N N 162 
DG  "C2'" "H2''" sing N N 163 
DG  "C1'" N9     sing N N 164 
DG  "C1'" "H1'"  sing N N 165 
DG  N9    C8     sing Y N 166 
DG  N9    C4     sing Y N 167 
DG  C8    N7     doub Y N 168 
DG  C8    H8     sing N N 169 
DG  N7    C5     sing Y N 170 
DG  C5    C6     sing N N 171 
DG  C5    C4     doub Y N 172 
DG  C6    O6     doub N N 173 
DG  C6    N1     sing N N 174 
DG  N1    C2     sing N N 175 
DG  N1    H1     sing N N 176 
DG  C2    N2     sing N N 177 
DG  C2    N3     doub N N 178 
DG  N2    H21    sing N N 179 
DG  N2    H22    sing N N 180 
DG  N3    C4     sing N N 181 
DT  OP3   P      sing N N 182 
DT  OP3   HOP3   sing N N 183 
DT  P     OP1    doub N N 184 
DT  P     OP2    sing N N 185 
DT  P     "O5'"  sing N N 186 
DT  OP2   HOP2   sing N N 187 
DT  "O5'" "C5'"  sing N N 188 
DT  "C5'" "C4'"  sing N N 189 
DT  "C5'" "H5'"  sing N N 190 
DT  "C5'" "H5''" sing N N 191 
DT  "C4'" "O4'"  sing N N 192 
DT  "C4'" "C3'"  sing N N 193 
DT  "C4'" "H4'"  sing N N 194 
DT  "O4'" "C1'"  sing N N 195 
DT  "C3'" "O3'"  sing N N 196 
DT  "C3'" "C2'"  sing N N 197 
DT  "C3'" "H3'"  sing N N 198 
DT  "O3'" "HO3'" sing N N 199 
DT  "C2'" "C1'"  sing N N 200 
DT  "C2'" "H2'"  sing N N 201 
DT  "C2'" "H2''" sing N N 202 
DT  "C1'" N1     sing N N 203 
DT  "C1'" "H1'"  sing N N 204 
DT  N1    C2     sing N N 205 
DT  N1    C6     sing N N 206 
DT  C2    O2     doub N N 207 
DT  C2    N3     sing N N 208 
DT  N3    C4     sing N N 209 
DT  N3    H3     sing N N 210 
DT  C4    O4     doub N N 211 
DT  C4    C5     sing N N 212 
DT  C5    C7     sing N N 213 
DT  C5    C6     doub N N 214 
DT  C7    H71    sing N N 215 
DT  C7    H72    sing N N 216 
DT  C7    H73    sing N N 217 
DT  C6    H6     sing N N 218 
GLN N     CA     sing N N 219 
GLN N     H      sing N N 220 
GLN N     H2     sing N N 221 
GLN CA    C      sing N N 222 
GLN CA    CB     sing N N 223 
GLN CA    HA     sing N N 224 
GLN C     O      doub N N 225 
GLN C     OXT    sing N N 226 
GLN CB    CG     sing N N 227 
GLN CB    HB2    sing N N 228 
GLN CB    HB3    sing N N 229 
GLN CG    CD     sing N N 230 
GLN CG    HG2    sing N N 231 
GLN CG    HG3    sing N N 232 
GLN CD    OE1    doub N N 233 
GLN CD    NE2    sing N N 234 
GLN NE2   HE21   sing N N 235 
GLN NE2   HE22   sing N N 236 
GLN OXT   HXT    sing N N 237 
GLU N     CA     sing N N 238 
GLU N     H      sing N N 239 
GLU N     H2     sing N N 240 
GLU CA    C      sing N N 241 
GLU CA    CB     sing N N 242 
GLU CA    HA     sing N N 243 
GLU C     O      doub N N 244 
GLU C     OXT    sing N N 245 
GLU CB    CG     sing N N 246 
GLU CB    HB2    sing N N 247 
GLU CB    HB3    sing N N 248 
GLU CG    CD     sing N N 249 
GLU CG    HG2    sing N N 250 
GLU CG    HG3    sing N N 251 
GLU CD    OE1    doub N N 252 
GLU CD    OE2    sing N N 253 
GLU OE2   HE2    sing N N 254 
GLU OXT   HXT    sing N N 255 
GLY N     CA     sing N N 256 
GLY N     H      sing N N 257 
GLY N     H2     sing N N 258 
GLY CA    C      sing N N 259 
GLY CA    HA2    sing N N 260 
GLY CA    HA3    sing N N 261 
GLY C     O      doub N N 262 
GLY C     OXT    sing N N 263 
GLY OXT   HXT    sing N N 264 
HIS N     CA     sing N N 265 
HIS N     H      sing N N 266 
HIS N     H2     sing N N 267 
HIS CA    C      sing N N 268 
HIS CA    CB     sing N N 269 
HIS CA    HA     sing N N 270 
HIS C     O      doub N N 271 
HIS C     OXT    sing N N 272 
HIS CB    CG     sing N N 273 
HIS CB    HB2    sing N N 274 
HIS CB    HB3    sing N N 275 
HIS CG    ND1    sing Y N 276 
HIS CG    CD2    doub Y N 277 
HIS ND1   CE1    doub Y N 278 
HIS ND1   HD1    sing N N 279 
HIS CD2   NE2    sing Y N 280 
HIS CD2   HD2    sing N N 281 
HIS CE1   NE2    sing Y N 282 
HIS CE1   HE1    sing N N 283 
HIS NE2   HE2    sing N N 284 
HIS OXT   HXT    sing N N 285 
HOH O     H1     sing N N 286 
HOH O     H2     sing N N 287 
ILE N     CA     sing N N 288 
ILE N     H      sing N N 289 
ILE N     H2     sing N N 290 
ILE CA    C      sing N N 291 
ILE CA    CB     sing N N 292 
ILE CA    HA     sing N N 293 
ILE C     O      doub N N 294 
ILE C     OXT    sing N N 295 
ILE CB    CG1    sing N N 296 
ILE CB    CG2    sing N N 297 
ILE CB    HB     sing N N 298 
ILE CG1   CD1    sing N N 299 
ILE CG1   HG12   sing N N 300 
ILE CG1   HG13   sing N N 301 
ILE CG2   HG21   sing N N 302 
ILE CG2   HG22   sing N N 303 
ILE CG2   HG23   sing N N 304 
ILE CD1   HD11   sing N N 305 
ILE CD1   HD12   sing N N 306 
ILE CD1   HD13   sing N N 307 
ILE OXT   HXT    sing N N 308 
LEU N     CA     sing N N 309 
LEU N     H      sing N N 310 
LEU N     H2     sing N N 311 
LEU CA    C      sing N N 312 
LEU CA    CB     sing N N 313 
LEU CA    HA     sing N N 314 
LEU C     O      doub N N 315 
LEU C     OXT    sing N N 316 
LEU CB    CG     sing N N 317 
LEU CB    HB2    sing N N 318 
LEU CB    HB3    sing N N 319 
LEU CG    CD1    sing N N 320 
LEU CG    CD2    sing N N 321 
LEU CG    HG     sing N N 322 
LEU CD1   HD11   sing N N 323 
LEU CD1   HD12   sing N N 324 
LEU CD1   HD13   sing N N 325 
LEU CD2   HD21   sing N N 326 
LEU CD2   HD22   sing N N 327 
LEU CD2   HD23   sing N N 328 
LEU OXT   HXT    sing N N 329 
LYS N     CA     sing N N 330 
LYS N     H      sing N N 331 
LYS N     H2     sing N N 332 
LYS CA    C      sing N N 333 
LYS CA    CB     sing N N 334 
LYS CA    HA     sing N N 335 
LYS C     O      doub N N 336 
LYS C     OXT    sing N N 337 
LYS CB    CG     sing N N 338 
LYS CB    HB2    sing N N 339 
LYS CB    HB3    sing N N 340 
LYS CG    CD     sing N N 341 
LYS CG    HG2    sing N N 342 
LYS CG    HG3    sing N N 343 
LYS CD    CE     sing N N 344 
LYS CD    HD2    sing N N 345 
LYS CD    HD3    sing N N 346 
LYS CE    NZ     sing N N 347 
LYS CE    HE2    sing N N 348 
LYS CE    HE3    sing N N 349 
LYS NZ    HZ1    sing N N 350 
LYS NZ    HZ2    sing N N 351 
LYS NZ    HZ3    sing N N 352 
LYS OXT   HXT    sing N N 353 
MET N     CA     sing N N 354 
MET N     H      sing N N 355 
MET N     H2     sing N N 356 
MET CA    C      sing N N 357 
MET CA    CB     sing N N 358 
MET CA    HA     sing N N 359 
MET C     O      doub N N 360 
MET C     OXT    sing N N 361 
MET CB    CG     sing N N 362 
MET CB    HB2    sing N N 363 
MET CB    HB3    sing N N 364 
MET CG    SD     sing N N 365 
MET CG    HG2    sing N N 366 
MET CG    HG3    sing N N 367 
MET SD    CE     sing N N 368 
MET CE    HE1    sing N N 369 
MET CE    HE2    sing N N 370 
MET CE    HE3    sing N N 371 
MET OXT   HXT    sing N N 372 
PHE N     CA     sing N N 373 
PHE N     H      sing N N 374 
PHE N     H2     sing N N 375 
PHE CA    C      sing N N 376 
PHE CA    CB     sing N N 377 
PHE CA    HA     sing N N 378 
PHE C     O      doub N N 379 
PHE C     OXT    sing N N 380 
PHE CB    CG     sing N N 381 
PHE CB    HB2    sing N N 382 
PHE CB    HB3    sing N N 383 
PHE CG    CD1    doub Y N 384 
PHE CG    CD2    sing Y N 385 
PHE CD1   CE1    sing Y N 386 
PHE CD1   HD1    sing N N 387 
PHE CD2   CE2    doub Y N 388 
PHE CD2   HD2    sing N N 389 
PHE CE1   CZ     doub Y N 390 
PHE CE1   HE1    sing N N 391 
PHE CE2   CZ     sing Y N 392 
PHE CE2   HE2    sing N N 393 
PHE CZ    HZ     sing N N 394 
PHE OXT   HXT    sing N N 395 
PRO N     CA     sing N N 396 
PRO N     CD     sing N N 397 
PRO N     H      sing N N 398 
PRO CA    C      sing N N 399 
PRO CA    CB     sing N N 400 
PRO CA    HA     sing N N 401 
PRO C     O      doub N N 402 
PRO C     OXT    sing N N 403 
PRO CB    CG     sing N N 404 
PRO CB    HB2    sing N N 405 
PRO CB    HB3    sing N N 406 
PRO CG    CD     sing N N 407 
PRO CG    HG2    sing N N 408 
PRO CG    HG3    sing N N 409 
PRO CD    HD2    sing N N 410 
PRO CD    HD3    sing N N 411 
PRO OXT   HXT    sing N N 412 
SER N     CA     sing N N 413 
SER N     H      sing N N 414 
SER N     H2     sing N N 415 
SER CA    C      sing N N 416 
SER CA    CB     sing N N 417 
SER CA    HA     sing N N 418 
SER C     O      doub N N 419 
SER C     OXT    sing N N 420 
SER CB    OG     sing N N 421 
SER CB    HB2    sing N N 422 
SER CB    HB3    sing N N 423 
SER OG    HG     sing N N 424 
SER OXT   HXT    sing N N 425 
THR N     CA     sing N N 426 
THR N     H      sing N N 427 
THR N     H2     sing N N 428 
THR CA    C      sing N N 429 
THR CA    CB     sing N N 430 
THR CA    HA     sing N N 431 
THR C     O      doub N N 432 
THR C     OXT    sing N N 433 
THR CB    OG1    sing N N 434 
THR CB    CG2    sing N N 435 
THR CB    HB     sing N N 436 
THR OG1   HG1    sing N N 437 
THR CG2   HG21   sing N N 438 
THR CG2   HG22   sing N N 439 
THR CG2   HG23   sing N N 440 
THR OXT   HXT    sing N N 441 
TRP N     CA     sing N N 442 
TRP N     H      sing N N 443 
TRP N     H2     sing N N 444 
TRP CA    C      sing N N 445 
TRP CA    CB     sing N N 446 
TRP CA    HA     sing N N 447 
TRP C     O      doub N N 448 
TRP C     OXT    sing N N 449 
TRP CB    CG     sing N N 450 
TRP CB    HB2    sing N N 451 
TRP CB    HB3    sing N N 452 
TRP CG    CD1    doub Y N 453 
TRP CG    CD2    sing Y N 454 
TRP CD1   NE1    sing Y N 455 
TRP CD1   HD1    sing N N 456 
TRP CD2   CE2    doub Y N 457 
TRP CD2   CE3    sing Y N 458 
TRP NE1   CE2    sing Y N 459 
TRP NE1   HE1    sing N N 460 
TRP CE2   CZ2    sing Y N 461 
TRP CE3   CZ3    doub Y N 462 
TRP CE3   HE3    sing N N 463 
TRP CZ2   CH2    doub Y N 464 
TRP CZ2   HZ2    sing N N 465 
TRP CZ3   CH2    sing Y N 466 
TRP CZ3   HZ3    sing N N 467 
TRP CH2   HH2    sing N N 468 
TRP OXT   HXT    sing N N 469 
TYR N     CA     sing N N 470 
TYR N     H      sing N N 471 
TYR N     H2     sing N N 472 
TYR CA    C      sing N N 473 
TYR CA    CB     sing N N 474 
TYR CA    HA     sing N N 475 
TYR C     O      doub N N 476 
TYR C     OXT    sing N N 477 
TYR CB    CG     sing N N 478 
TYR CB    HB2    sing N N 479 
TYR CB    HB3    sing N N 480 
TYR CG    CD1    doub Y N 481 
TYR CG    CD2    sing Y N 482 
TYR CD1   CE1    sing Y N 483 
TYR CD1   HD1    sing N N 484 
TYR CD2   CE2    doub Y N 485 
TYR CD2   HD2    sing N N 486 
TYR CE1   CZ     doub Y N 487 
TYR CE1   HE1    sing N N 488 
TYR CE2   CZ     sing Y N 489 
TYR CE2   HE2    sing N N 490 
TYR CZ    OH     sing N N 491 
TYR OH    HH     sing N N 492 
TYR OXT   HXT    sing N N 493 
VAL N     CA     sing N N 494 
VAL N     H      sing N N 495 
VAL N     H2     sing N N 496 
VAL CA    C      sing N N 497 
VAL CA    CB     sing N N 498 
VAL CA    HA     sing N N 499 
VAL C     O      doub N N 500 
VAL C     OXT    sing N N 501 
VAL CB    CG1    sing N N 502 
VAL CB    CG2    sing N N 503 
VAL CB    HB     sing N N 504 
VAL CG1   HG11   sing N N 505 
VAL CG1   HG12   sing N N 506 
VAL CG1   HG13   sing N N 507 
VAL CG2   HG21   sing N N 508 
VAL CG2   HG22   sing N N 509 
VAL CG2   HG23   sing N N 510 
VAL OXT   HXT    sing N N 511 
# 
_ndb_struct_conf_na.entry_id   2O4A 
_ndb_struct_conf_na.feature    'b-form double helix' 
# 
loop_
_ndb_struct_na_base_pair.model_number 
_ndb_struct_na_base_pair.i_label_asym_id 
_ndb_struct_na_base_pair.i_label_comp_id 
_ndb_struct_na_base_pair.i_label_seq_id 
_ndb_struct_na_base_pair.i_symmetry 
_ndb_struct_na_base_pair.j_label_asym_id 
_ndb_struct_na_base_pair.j_label_comp_id 
_ndb_struct_na_base_pair.j_label_seq_id 
_ndb_struct_na_base_pair.j_symmetry 
_ndb_struct_na_base_pair.shear 
_ndb_struct_na_base_pair.stretch 
_ndb_struct_na_base_pair.stagger 
_ndb_struct_na_base_pair.buckle 
_ndb_struct_na_base_pair.propeller 
_ndb_struct_na_base_pair.opening 
_ndb_struct_na_base_pair.pair_number 
_ndb_struct_na_base_pair.pair_name 
_ndb_struct_na_base_pair.i_auth_asym_id 
_ndb_struct_na_base_pair.i_auth_seq_id 
_ndb_struct_na_base_pair.i_PDB_ins_code 
_ndb_struct_na_base_pair.j_auth_asym_id 
_ndb_struct_na_base_pair.j_auth_seq_id 
_ndb_struct_na_base_pair.j_PDB_ins_code 
_ndb_struct_na_base_pair.hbond_type_28 
_ndb_struct_na_base_pair.hbond_type_12 
1 A DG 1  1_555 B DC 12 1_555 -0.340 -0.145 -0.217 -5.631 -4.041  0.127  1  B_DG1:DC12_C B 1  ? C 12 ? 19 1 
1 A DC 2  1_555 B DG 11 1_555 0.199  -0.053 0.143  -3.258 -9.315  3.022  2  B_DC2:DG11_C B 2  ? C 11 ? 19 1 
1 A DT 3  1_555 B DA 10 1_555 -0.208 0.076  0.100  2.273  -15.842 -4.288 3  B_DT3:DA10_C B 3  ? C 10 ? 20 1 
1 A DA 4  1_555 B DT 9  1_555 -0.211 0.042  -0.133 2.798  -8.737  -0.573 4  B_DA4:DT9_C  B 4  ? C 9  ? 20 1 
1 A DA 5  1_555 B DT 8  1_555 -0.104 -0.040 0.172  6.422  -11.250 4.686  5  B_DA5:DT8_C  B 5  ? C 8  ? 20 1 
1 A DT 6  1_555 B DA 7  1_555 0.148  0.031  -0.110 14.235 -8.428  3.224  6  B_DT6:DA7_C  B 6  ? C 7  ? 20 1 
1 A DA 7  1_555 B DT 6  1_555 -0.049 -0.053 0.164  1.840  -11.337 1.826  7  B_DA7:DT6_C  B 7  ? C 6  ? 20 1 
1 A DT 8  1_555 B DA 5  1_555 0.009  -0.109 0.036  8.793  -9.747  6.239  8  B_DT8:DA5_C  B 8  ? C 5  ? 20 1 
1 A DA 9  1_555 B DT 4  1_555 -0.167 -0.092 -0.072 -5.339 -11.955 6.065  9  B_DA9:DT4_C  B 9  ? C 4  ? 20 1 
1 A DT 10 1_555 B DA 3  1_555 0.060  0.006  0.101  -1.619 -14.054 2.927  10 B_DT10:DA3_C B 10 ? C 3  ? 20 1 
1 A DG 11 1_555 B DC 2  1_555 0.030  -0.047 0.148  -0.527 -8.092  -5.589 11 B_DG11:DC2_C B 11 ? C 2  ? 19 1 
1 A DC 12 1_555 B DG 1  1_555 0.287  -0.142 -0.200 2.368  -1.569  1.794  12 B_DC12:DG1_C B 12 ? C 1  ? 19 1 
# 
loop_
_ndb_struct_na_base_pair_step.model_number 
_ndb_struct_na_base_pair_step.i_label_asym_id_1 
_ndb_struct_na_base_pair_step.i_label_comp_id_1 
_ndb_struct_na_base_pair_step.i_label_seq_id_1 
_ndb_struct_na_base_pair_step.i_symmetry_1 
_ndb_struct_na_base_pair_step.j_label_asym_id_1 
_ndb_struct_na_base_pair_step.j_label_comp_id_1 
_ndb_struct_na_base_pair_step.j_label_seq_id_1 
_ndb_struct_na_base_pair_step.j_symmetry_1 
_ndb_struct_na_base_pair_step.i_label_asym_id_2 
_ndb_struct_na_base_pair_step.i_label_comp_id_2 
_ndb_struct_na_base_pair_step.i_label_seq_id_2 
_ndb_struct_na_base_pair_step.i_symmetry_2 
_ndb_struct_na_base_pair_step.j_label_asym_id_2 
_ndb_struct_na_base_pair_step.j_label_comp_id_2 
_ndb_struct_na_base_pair_step.j_label_seq_id_2 
_ndb_struct_na_base_pair_step.j_symmetry_2 
_ndb_struct_na_base_pair_step.shift 
_ndb_struct_na_base_pair_step.slide 
_ndb_struct_na_base_pair_step.rise 
_ndb_struct_na_base_pair_step.tilt 
_ndb_struct_na_base_pair_step.roll 
_ndb_struct_na_base_pair_step.twist 
_ndb_struct_na_base_pair_step.x_displacement 
_ndb_struct_na_base_pair_step.y_displacement 
_ndb_struct_na_base_pair_step.helical_rise 
_ndb_struct_na_base_pair_step.inclination 
_ndb_struct_na_base_pair_step.tip 
_ndb_struct_na_base_pair_step.helical_twist 
_ndb_struct_na_base_pair_step.step_number 
_ndb_struct_na_base_pair_step.step_name 
_ndb_struct_na_base_pair_step.i_auth_asym_id_1 
_ndb_struct_na_base_pair_step.i_auth_seq_id_1 
_ndb_struct_na_base_pair_step.i_PDB_ins_code_1 
_ndb_struct_na_base_pair_step.j_auth_asym_id_1 
_ndb_struct_na_base_pair_step.j_auth_seq_id_1 
_ndb_struct_na_base_pair_step.j_PDB_ins_code_1 
_ndb_struct_na_base_pair_step.i_auth_asym_id_2 
_ndb_struct_na_base_pair_step.i_auth_seq_id_2 
_ndb_struct_na_base_pair_step.i_PDB_ins_code_2 
_ndb_struct_na_base_pair_step.j_auth_asym_id_2 
_ndb_struct_na_base_pair_step.j_auth_seq_id_2 
_ndb_struct_na_base_pair_step.j_PDB_ins_code_2 
1 A DG 1  1_555 B DC 12 1_555 A DC 2  1_555 B DG 11 1_555 0.314  -0.559 3.268 -1.310 1.835  34.463 -1.223 -0.731 3.221 3.093  
2.208  34.534 1  BB_DG1DC2:DG11DC12_CC B 1  ? C 12 ? B 2  ? C 11 ? 
1 A DC 2  1_555 B DG 11 1_555 A DT 3  1_555 B DA 10 1_555 -0.664 0.166  3.157 0.606  -0.678 32.963 0.404  1.269  3.140 -1.195 
-1.067 32.975 2  BB_DC2DT3:DA10DG11_CC B 2  ? C 11 ? B 3  ? C 10 ? 
1 A DT 3  1_555 B DA 10 1_555 A DA 4  1_555 B DT 9  1_555 1.133  1.160  3.264 4.968  -2.557 41.287 1.903  -1.065 3.298 -3.606 
-7.007 41.647 3  BB_DT3DA4:DT9DA10_CC  B 3  ? C 10 ? B 4  ? C 9  ? 
1 A DA 4  1_555 B DT 9  1_555 A DA 5  1_555 B DT 8  1_555 -0.044 0.186  3.176 -3.295 7.959  30.923 -1.067 -0.502 3.114 14.576 
6.035  32.072 4  BB_DA4DA5:DT8DT9_CC   B 4  ? C 9  ? B 5  ? C 8  ? 
1 A DA 5  1_555 B DT 8  1_555 A DT 6  1_555 B DA 7  1_555 0.208  -0.415 3.100 1.641  4.347  29.071 -1.692 -0.079 3.014 8.591  
-3.242 29.432 5  BB_DA5DT6:DA7DT8_CC   B 5  ? C 8  ? B 6  ? C 7  ? 
1 A DT 6  1_555 B DA 7  1_555 A DA 7  1_555 B DT 6  1_555 -0.307 0.475  3.457 -1.900 0.792  45.002 0.545  0.220  3.474 1.035  
2.480  45.046 6  BB_DT6DA7:DT6DA7_CC   B 6  ? C 7  ? B 7  ? C 6  ? 
1 A DA 7  1_555 B DT 6  1_555 A DT 8  1_555 B DA 5  1_555 0.427  -0.574 3.087 0.393  -2.696 34.401 -0.571 -0.661 3.126 -4.550 
-0.664 34.505 7  BB_DA7DT8:DA5DT6_CC   B 7  ? C 6  ? B 8  ? C 5  ? 
1 A DT 8  1_555 B DA 5  1_555 A DA 9  1_555 B DT 4  1_555 0.094  -0.441 3.431 2.700  2.309  35.447 -1.071 0.257  3.394 3.780  
-4.421 35.618 8  BB_DT8DA9:DT4DA5_CC   B 8  ? C 5  ? B 9  ? C 4  ? 
1 A DA 9  1_555 B DT 4  1_555 A DT 10 1_555 B DA 3  1_555 -0.448 -0.527 3.181 -1.523 0.961  33.933 -1.051 0.530  3.182 1.645  
2.607  33.980 9  BB_DA9DT10:DA3DT4_CC  B 9  ? C 4  ? B 10 ? C 3  ? 
1 A DT 10 1_555 B DA 3  1_555 A DG 11 1_555 B DC 2  1_555 -0.645 -0.033 3.203 -2.855 5.701  35.868 -0.835 0.641  3.200 9.168  
4.591  36.412 10 BB_DT10DG11:DC2DA3_CC B 10 ? C 3  ? B 11 ? C 2  ? 
1 A DG 11 1_555 B DC 2  1_555 A DC 12 1_555 B DG 1  1_555 1.151  -0.275 3.218 4.399  -2.904 36.964 -0.043 -1.214 3.339 -4.552 
-6.895 37.324 11 BB_DG11DC12:DG1DC2_CC B 11 ? C 2  ? B 12 ? C 1  ? 
# 
_pdbx_entity_nonpoly.entity_id   4 
_pdbx_entity_nonpoly.name        water 
_pdbx_entity_nonpoly.comp_id     HOH 
# 
_pdbx_initial_refinement_model.id               1 
_pdbx_initial_refinement_model.entity_id_list   ? 
_pdbx_initial_refinement_model.type             'experimental model' 
_pdbx_initial_refinement_model.source_name      PDB 
_pdbx_initial_refinement_model.accession_code   2O49 
_pdbx_initial_refinement_model.details          'PDB entry 2O49' 
# 
